data_9KNS
# 
_entry.id   9KNS 
# 
_audit_conform.dict_name       mmcif_pdbx.dic 
_audit_conform.dict_version    5.403 
_audit_conform.dict_location   http://mmcif.pdb.org/dictionaries/ascii/mmcif_pdbx.dic 
# 
loop_
_database_2.database_id 
_database_2.database_code 
_database_2.pdbx_database_accession 
_database_2.pdbx_DOI 
PDB   9KNS         pdb_00009kns 10.2210/pdb9kns/pdb 
WWPDB D_1300053930 ?            ?                   
# 
loop_
_pdbx_audit_revision_history.ordinal 
_pdbx_audit_revision_history.data_content_type 
_pdbx_audit_revision_history.major_revision 
_pdbx_audit_revision_history.minor_revision 
_pdbx_audit_revision_history.revision_date 
_pdbx_audit_revision_history.part_number 
1 'Structure model' 1 0 2025-02-26 ? 
2 'Structure model' 1 1 2025-05-14 ? 
3 'Structure model' 1 2 2025-06-18 ? 
# 
_pdbx_audit_revision_details.ordinal             1 
_pdbx_audit_revision_details.revision_ordinal    1 
_pdbx_audit_revision_details.data_content_type   'Structure model' 
_pdbx_audit_revision_details.provider            repository 
_pdbx_audit_revision_details.type                'Initial release' 
_pdbx_audit_revision_details.description         ? 
_pdbx_audit_revision_details.details             ? 
# 
loop_
_pdbx_audit_revision_group.ordinal 
_pdbx_audit_revision_group.revision_ordinal 
_pdbx_audit_revision_group.data_content_type 
_pdbx_audit_revision_group.group 
1 2 'Structure model' 'Database references' 
2 3 'Structure model' 'Database references' 
# 
loop_
_pdbx_audit_revision_category.ordinal 
_pdbx_audit_revision_category.revision_ordinal 
_pdbx_audit_revision_category.data_content_type 
_pdbx_audit_revision_category.category 
1 2 'Structure model' citation        
2 2 'Structure model' citation_author 
3 3 'Structure model' citation        
# 
loop_
_pdbx_audit_revision_item.ordinal 
_pdbx_audit_revision_item.revision_ordinal 
_pdbx_audit_revision_item.data_content_type 
_pdbx_audit_revision_item.item 
1  2 'Structure model' '_citation.country'                 
2  2 'Structure model' '_citation.journal_abbrev'          
3  2 'Structure model' '_citation.journal_id_CSD'          
4  2 'Structure model' '_citation.journal_id_ISSN'         
5  2 'Structure model' '_citation.pdbx_database_id_DOI'    
6  2 'Structure model' '_citation.pdbx_database_id_PubMed' 
7  2 'Structure model' '_citation.title'                   
8  2 'Structure model' '_citation.year'                    
9  3 'Structure model' '_citation.journal_volume'          
10 3 'Structure model' '_citation.page_first'              
11 3 'Structure model' '_citation.page_last'               
# 
_pdbx_database_status.status_code                     REL 
_pdbx_database_status.status_code_sf                  REL 
_pdbx_database_status.status_code_mr                  ? 
_pdbx_database_status.entry_id                        9KNS 
_pdbx_database_status.recvd_initial_deposition_date   2024-11-19 
_pdbx_database_status.SG_entry                        N 
_pdbx_database_status.deposit_site                    PDBJ 
_pdbx_database_status.process_site                    PDBJ 
_pdbx_database_status.status_code_cs                  ? 
_pdbx_database_status.status_code_nmr_data            ? 
_pdbx_database_status.methods_development_category    ? 
_pdbx_database_status.pdb_format_compatible           Y 
# 
_pdbx_contact_author.id                 2 
_pdbx_contact_author.email              bku@kribb.re.kr 
_pdbx_contact_author.name_first         Bonsu 
_pdbx_contact_author.name_last          Ku 
_pdbx_contact_author.name_mi            ? 
_pdbx_contact_author.role               'principal investigator/group leader' 
_pdbx_contact_author.identifier_ORCID   0000-0003-1784-8975 
# 
loop_
_audit_author.name 
_audit_author.pdbx_ordinal 
_audit_author.identifier_ORCID 
'Ku, B.'    1 ? 
'Lee, H.S.' 2 ? 
# 
_citation.abstract                  ? 
_citation.abstract_id_CAS           ? 
_citation.book_id_ISBN              ? 
_citation.book_publisher            ? 
_citation.book_publisher_city       ? 
_citation.book_title                ? 
_citation.coordinate_linkage        ? 
_citation.country                   UK 
_citation.database_id_Medline       ? 
_citation.details                   ? 
_citation.id                        primary 
_citation.journal_abbrev            'Embo Rep.' 
_citation.journal_id_ASTM           ? 
_citation.journal_id_CSD            ? 
_citation.journal_id_ISSN           1469-3178 
_citation.journal_full              ? 
_citation.journal_issue             ? 
_citation.journal_volume            26 
_citation.language                  ? 
_citation.page_first                2945 
_citation.page_last                 2966 
_citation.title                     
'Molecular basis for assembly and activation of the Hook3 - KIF1C complex-dependent transport machinery.' 
_citation.year                      2025 
_citation.database_id_CSD           ? 
_citation.pdbx_database_id_DOI      10.1038/s44319-025-00458-w 
_citation.pdbx_database_id_PubMed   40312563 
_citation.pdbx_database_id_patent   ? 
_citation.unpublished_flag          ? 
# 
loop_
_citation_author.citation_id 
_citation_author.name 
_citation_author.ordinal 
_citation_author.identifier_ORCID 
primary 'Lee, H.S.'  1 0000-0002-9031-389X 
primary 'Yu, D.'     2 0000-0001-6317-8875 
primary 'Baek, K.E.' 3 0009-0004-2924-3847 
primary 'Shin, H.C.' 4 0000-0001-7878-0367 
primary 'Kim, S.J.'  5 0000-0003-0293-6972 
primary 'Do Heo, W.' 6 0000-0001-7541-7319 
primary 'Ku, B.'     7 0000-0003-1784-8975 
# 
loop_
_entity.id 
_entity.type 
_entity.src_method 
_entity.pdbx_description 
_entity.formula_weight 
_entity.pdbx_number_of_molecules 
_entity.pdbx_ec 
_entity.pdbx_mutation 
_entity.pdbx_fragment 
_entity.details 
1 polymer man 'Protein Hook homolog 3' 9242.106 2  ? ? ? ? 
2 water   nat water                    18.015   29 ? ? ? ? 
# 
_entity_name_com.entity_id   1 
_entity_name_com.name        h-hook3,hHK3 
# 
_entity_poly.entity_id                      1 
_entity_poly.type                           'polypeptide(L)' 
_entity_poly.nstd_linkage                   no 
_entity_poly.nstd_monomer                   yes 
_entity_poly.pdbx_seq_one_letter_code       
;GH(MSE)EKLHEANNELQKKRAIIEDLEPRFNNSSLKIEELQEALRKKEEE(MSE)KQ(MSE)EERYKKYLEKAKSVIRT
LDPKQNQ
;
_entity_poly.pdbx_seq_one_letter_code_can   GHMEKLHEANNELQKKRAIIEDLEPRFNNSSLKIEELQEALRKKEEEMKQMEERYKKYLEKAKSVIRTLDPKQNQ 
_entity_poly.pdbx_strand_id                 A,B 
_entity_poly.pdbx_target_identifier         ? 
# 
_pdbx_entity_nonpoly.entity_id   2 
_pdbx_entity_nonpoly.name        water 
_pdbx_entity_nonpoly.comp_id     HOH 
# 
loop_
_entity_poly_seq.entity_id 
_entity_poly_seq.num 
_entity_poly_seq.mon_id 
_entity_poly_seq.hetero 
1 1  GLY n 
1 2  HIS n 
1 3  MSE n 
1 4  GLU n 
1 5  LYS n 
1 6  LEU n 
1 7  HIS n 
1 8  GLU n 
1 9  ALA n 
1 10 ASN n 
1 11 ASN n 
1 12 GLU n 
1 13 LEU n 
1 14 GLN n 
1 15 LYS n 
1 16 LYS n 
1 17 ARG n 
1 18 ALA n 
1 19 ILE n 
1 20 ILE n 
1 21 GLU n 
1 22 ASP n 
1 23 LEU n 
1 24 GLU n 
1 25 PRO n 
1 26 ARG n 
1 27 PHE n 
1 28 ASN n 
1 29 ASN n 
1 30 SER n 
1 31 SER n 
1 32 LEU n 
1 33 LYS n 
1 34 ILE n 
1 35 GLU n 
1 36 GLU n 
1 37 LEU n 
1 38 GLN n 
1 39 GLU n 
1 40 ALA n 
1 41 LEU n 
1 42 ARG n 
1 43 LYS n 
1 44 LYS n 
1 45 GLU n 
1 46 GLU n 
1 47 GLU n 
1 48 MSE n 
1 49 LYS n 
1 50 GLN n 
1 51 MSE n 
1 52 GLU n 
1 53 GLU n 
1 54 ARG n 
1 55 TYR n 
1 56 LYS n 
1 57 LYS n 
1 58 TYR n 
1 59 LEU n 
1 60 GLU n 
1 61 LYS n 
1 62 ALA n 
1 63 LYS n 
1 64 SER n 
1 65 VAL n 
1 66 ILE n 
1 67 ARG n 
1 68 THR n 
1 69 LEU n 
1 70 ASP n 
1 71 PRO n 
1 72 LYS n 
1 73 GLN n 
1 74 ASN n 
1 75 GLN n 
# 
_entity_src_gen.entity_id                          1 
_entity_src_gen.pdbx_src_id                        1 
_entity_src_gen.pdbx_alt_source_flag               sample 
_entity_src_gen.pdbx_seq_type                      'Biological sequence' 
_entity_src_gen.pdbx_beg_seq_num                   1 
_entity_src_gen.pdbx_end_seq_num                   75 
_entity_src_gen.gene_src_common_name               human 
_entity_src_gen.gene_src_genus                     ? 
_entity_src_gen.pdbx_gene_src_gene                 HOOK3 
_entity_src_gen.gene_src_species                   ? 
_entity_src_gen.gene_src_strain                    ? 
_entity_src_gen.gene_src_tissue                    ? 
_entity_src_gen.gene_src_tissue_fraction           ? 
_entity_src_gen.gene_src_details                   ? 
_entity_src_gen.pdbx_gene_src_fragment             ? 
_entity_src_gen.pdbx_gene_src_scientific_name      'Homo sapiens' 
_entity_src_gen.pdbx_gene_src_ncbi_taxonomy_id     9606 
_entity_src_gen.pdbx_gene_src_variant              ? 
_entity_src_gen.pdbx_gene_src_cell_line            ? 
_entity_src_gen.pdbx_gene_src_atcc                 ? 
_entity_src_gen.pdbx_gene_src_organ                ? 
_entity_src_gen.pdbx_gene_src_organelle            ? 
_entity_src_gen.pdbx_gene_src_cell                 ? 
_entity_src_gen.pdbx_gene_src_cellular_location    ? 
_entity_src_gen.host_org_common_name               ? 
_entity_src_gen.pdbx_host_org_scientific_name      'Escherichia coli' 
_entity_src_gen.pdbx_host_org_ncbi_taxonomy_id     562 
_entity_src_gen.host_org_genus                     ? 
_entity_src_gen.pdbx_host_org_gene                 ? 
_entity_src_gen.pdbx_host_org_organ                ? 
_entity_src_gen.host_org_species                   ? 
_entity_src_gen.pdbx_host_org_tissue               ? 
_entity_src_gen.pdbx_host_org_tissue_fraction      ? 
_entity_src_gen.pdbx_host_org_strain               ? 
_entity_src_gen.pdbx_host_org_variant              ? 
_entity_src_gen.pdbx_host_org_cell_line            ? 
_entity_src_gen.pdbx_host_org_atcc                 ? 
_entity_src_gen.pdbx_host_org_culture_collection   ? 
_entity_src_gen.pdbx_host_org_cell                 ? 
_entity_src_gen.pdbx_host_org_organelle            ? 
_entity_src_gen.pdbx_host_org_cellular_location    ? 
_entity_src_gen.pdbx_host_org_vector_type          ? 
_entity_src_gen.pdbx_host_org_vector               ? 
_entity_src_gen.host_org_details                   ? 
_entity_src_gen.expression_system_id               ? 
_entity_src_gen.plasmid_name                       ? 
_entity_src_gen.plasmid_details                    ? 
_entity_src_gen.pdbx_description                   ? 
# 
loop_
_chem_comp.id 
_chem_comp.type 
_chem_comp.mon_nstd_flag 
_chem_comp.name 
_chem_comp.pdbx_synonyms 
_chem_comp.formula 
_chem_comp.formula_weight 
ALA 'L-peptide linking' y ALANINE          ? 'C3 H7 N O2'     89.093  
ARG 'L-peptide linking' y ARGININE         ? 'C6 H15 N4 O2 1' 175.209 
ASN 'L-peptide linking' y ASPARAGINE       ? 'C4 H8 N2 O3'    132.118 
ASP 'L-peptide linking' y 'ASPARTIC ACID'  ? 'C4 H7 N O4'     133.103 
GLN 'L-peptide linking' y GLUTAMINE        ? 'C5 H10 N2 O3'   146.144 
GLU 'L-peptide linking' y 'GLUTAMIC ACID'  ? 'C5 H9 N O4'     147.129 
GLY 'peptide linking'   y GLYCINE          ? 'C2 H5 N O2'     75.067  
HIS 'L-peptide linking' y HISTIDINE        ? 'C6 H10 N3 O2 1' 156.162 
HOH non-polymer         . WATER            ? 'H2 O'           18.015  
ILE 'L-peptide linking' y ISOLEUCINE       ? 'C6 H13 N O2'    131.173 
LEU 'L-peptide linking' y LEUCINE          ? 'C6 H13 N O2'    131.173 
LYS 'L-peptide linking' y LYSINE           ? 'C6 H15 N2 O2 1' 147.195 
MSE 'L-peptide linking' n SELENOMETHIONINE ? 'C5 H11 N O2 Se' 196.106 
PHE 'L-peptide linking' y PHENYLALANINE    ? 'C9 H11 N O2'    165.189 
PRO 'L-peptide linking' y PROLINE          ? 'C5 H9 N O2'     115.130 
SER 'L-peptide linking' y SERINE           ? 'C3 H7 N O3'     105.093 
THR 'L-peptide linking' y THREONINE        ? 'C4 H9 N O3'     119.119 
TYR 'L-peptide linking' y TYROSINE         ? 'C9 H11 N O3'    181.189 
VAL 'L-peptide linking' y VALINE           ? 'C5 H11 N O2'    117.146 
# 
loop_
_pdbx_poly_seq_scheme.asym_id 
_pdbx_poly_seq_scheme.entity_id 
_pdbx_poly_seq_scheme.seq_id 
_pdbx_poly_seq_scheme.mon_id 
_pdbx_poly_seq_scheme.ndb_seq_num 
_pdbx_poly_seq_scheme.pdb_seq_num 
_pdbx_poly_seq_scheme.auth_seq_num 
_pdbx_poly_seq_scheme.pdb_mon_id 
_pdbx_poly_seq_scheme.auth_mon_id 
_pdbx_poly_seq_scheme.pdb_strand_id 
_pdbx_poly_seq_scheme.pdb_ins_code 
_pdbx_poly_seq_scheme.hetero 
A 1 1  GLY 1  550 550 GLY GLY A . n 
A 1 2  HIS 2  551 551 HIS HIS A . n 
A 1 3  MSE 3  552 552 MSE MSE A . n 
A 1 4  GLU 4  553 553 GLU GLU A . n 
A 1 5  LYS 5  554 554 LYS LYS A . n 
A 1 6  LEU 6  555 555 LEU LEU A . n 
A 1 7  HIS 7  556 556 HIS HIS A . n 
A 1 8  GLU 8  557 557 GLU GLU A . n 
A 1 9  ALA 9  558 558 ALA ALA A . n 
A 1 10 ASN 10 559 559 ASN ASN A . n 
A 1 11 ASN 11 560 560 ASN ASN A . n 
A 1 12 GLU 12 561 561 GLU GLU A . n 
A 1 13 LEU 13 562 562 LEU LEU A . n 
A 1 14 GLN 14 563 563 GLN GLN A . n 
A 1 15 LYS 15 564 564 LYS LYS A . n 
A 1 16 LYS 16 565 565 LYS LYS A . n 
A 1 17 ARG 17 566 566 ARG ARG A . n 
A 1 18 ALA 18 567 567 ALA ALA A . n 
A 1 19 ILE 19 568 568 ILE ILE A . n 
A 1 20 ILE 20 569 569 ILE ILE A . n 
A 1 21 GLU 21 570 570 GLU GLU A . n 
A 1 22 ASP 22 571 571 ASP ASP A . n 
A 1 23 LEU 23 572 572 LEU LEU A . n 
A 1 24 GLU 24 573 573 GLU GLU A . n 
A 1 25 PRO 25 574 574 PRO PRO A . n 
A 1 26 ARG 26 575 575 ARG ARG A . n 
A 1 27 PHE 27 576 576 PHE PHE A . n 
A 1 28 ASN 28 577 577 ASN ASN A . n 
A 1 29 ASN 29 578 578 ASN ASN A . n 
A 1 30 SER 30 579 579 SER SER A . n 
A 1 31 SER 31 580 580 SER SER A . n 
A 1 32 LEU 32 581 581 LEU LEU A . n 
A 1 33 LYS 33 582 582 LYS LYS A . n 
A 1 34 ILE 34 583 583 ILE ILE A . n 
A 1 35 GLU 35 584 584 GLU GLU A . n 
A 1 36 GLU 36 585 585 GLU GLU A . n 
A 1 37 LEU 37 586 586 LEU LEU A . n 
A 1 38 GLN 38 587 587 GLN GLN A . n 
A 1 39 GLU 39 588 588 GLU GLU A . n 
A 1 40 ALA 40 589 589 ALA ALA A . n 
A 1 41 LEU 41 590 590 LEU LEU A . n 
A 1 42 ARG 42 591 591 ARG ARG A . n 
A 1 43 LYS 43 592 592 LYS LYS A . n 
A 1 44 LYS 44 593 593 LYS LYS A . n 
A 1 45 GLU 45 594 594 GLU GLU A . n 
A 1 46 GLU 46 595 595 GLU GLU A . n 
A 1 47 GLU 47 596 596 GLU GLU A . n 
A 1 48 MSE 48 597 597 MSE MSE A . n 
A 1 49 LYS 49 598 598 LYS LYS A . n 
A 1 50 GLN 50 599 599 GLN GLN A . n 
A 1 51 MSE 51 600 600 MSE MSE A . n 
A 1 52 GLU 52 601 601 GLU GLU A . n 
A 1 53 GLU 53 602 602 GLU GLU A . n 
A 1 54 ARG 54 603 603 ARG ARG A . n 
A 1 55 TYR 55 604 604 TYR TYR A . n 
A 1 56 LYS 56 605 605 LYS LYS A . n 
A 1 57 LYS 57 606 606 LYS LYS A . n 
A 1 58 TYR 58 607 607 TYR TYR A . n 
A 1 59 LEU 59 608 608 LEU LEU A . n 
A 1 60 GLU 60 609 609 GLU GLU A . n 
A 1 61 LYS 61 610 610 LYS LYS A . n 
A 1 62 ALA 62 611 611 ALA ALA A . n 
A 1 63 LYS 63 612 612 LYS LYS A . n 
A 1 64 SER 64 613 613 SER SER A . n 
A 1 65 VAL 65 614 614 VAL VAL A . n 
A 1 66 ILE 66 615 615 ILE ILE A . n 
A 1 67 ARG 67 616 616 ARG ARG A . n 
A 1 68 THR 68 617 617 THR THR A . n 
A 1 69 LEU 69 618 618 LEU LEU A . n 
A 1 70 ASP 70 619 619 ASP ASP A . n 
A 1 71 PRO 71 620 620 PRO PRO A . n 
A 1 72 LYS 72 621 621 LYS LYS A . n 
A 1 73 GLN 73 622 622 GLN GLN A . n 
A 1 74 ASN 74 623 623 ASN ASN A . n 
A 1 75 GLN 75 624 ?   ?   ?   A . n 
B 1 1  GLY 1  550 550 GLY GLY B . n 
B 1 2  HIS 2  551 551 HIS HIS B . n 
B 1 3  MSE 3  552 552 MSE MSE B . n 
B 1 4  GLU 4  553 553 GLU GLU B . n 
B 1 5  LYS 5  554 554 LYS LYS B . n 
B 1 6  LEU 6  555 555 LEU LEU B . n 
B 1 7  HIS 7  556 556 HIS HIS B . n 
B 1 8  GLU 8  557 557 GLU GLU B . n 
B 1 9  ALA 9  558 558 ALA ALA B . n 
B 1 10 ASN 10 559 559 ASN ASN B . n 
B 1 11 ASN 11 560 560 ASN ASN B . n 
B 1 12 GLU 12 561 561 GLU GLU B . n 
B 1 13 LEU 13 562 562 LEU LEU B . n 
B 1 14 GLN 14 563 563 GLN GLN B . n 
B 1 15 LYS 15 564 564 LYS LYS B . n 
B 1 16 LYS 16 565 565 LYS LYS B . n 
B 1 17 ARG 17 566 566 ARG ARG B . n 
B 1 18 ALA 18 567 567 ALA ALA B . n 
B 1 19 ILE 19 568 568 ILE ILE B . n 
B 1 20 ILE 20 569 569 ILE ILE B . n 
B 1 21 GLU 21 570 570 GLU GLU B . n 
B 1 22 ASP 22 571 571 ASP ASP B . n 
B 1 23 LEU 23 572 572 LEU LEU B . n 
B 1 24 GLU 24 573 573 GLU GLU B . n 
B 1 25 PRO 25 574 574 PRO PRO B . n 
B 1 26 ARG 26 575 575 ARG ARG B . n 
B 1 27 PHE 27 576 576 PHE PHE B . n 
B 1 28 ASN 28 577 577 ASN ASN B . n 
B 1 29 ASN 29 578 578 ASN ASN B . n 
B 1 30 SER 30 579 579 SER SER B . n 
B 1 31 SER 31 580 580 SER SER B . n 
B 1 32 LEU 32 581 581 LEU LEU B . n 
B 1 33 LYS 33 582 582 LYS LYS B . n 
B 1 34 ILE 34 583 583 ILE ILE B . n 
B 1 35 GLU 35 584 584 GLU GLU B . n 
B 1 36 GLU 36 585 585 GLU GLU B . n 
B 1 37 LEU 37 586 586 LEU LEU B . n 
B 1 38 GLN 38 587 587 GLN GLN B . n 
B 1 39 GLU 39 588 588 GLU GLU B . n 
B 1 40 ALA 40 589 589 ALA ALA B . n 
B 1 41 LEU 41 590 590 LEU LEU B . n 
B 1 42 ARG 42 591 591 ARG ARG B . n 
B 1 43 LYS 43 592 592 LYS LYS B . n 
B 1 44 LYS 44 593 593 LYS LYS B . n 
B 1 45 GLU 45 594 594 GLU GLU B . n 
B 1 46 GLU 46 595 595 GLU GLU B . n 
B 1 47 GLU 47 596 596 GLU GLU B . n 
B 1 48 MSE 48 597 597 MSE MSE B . n 
B 1 49 LYS 49 598 598 LYS LYS B . n 
B 1 50 GLN 50 599 599 GLN GLN B . n 
B 1 51 MSE 51 600 600 MSE MSE B . n 
B 1 52 GLU 52 601 601 GLU GLU B . n 
B 1 53 GLU 53 602 602 GLU GLU B . n 
B 1 54 ARG 54 603 603 ARG ARG B . n 
B 1 55 TYR 55 604 604 TYR TYR B . n 
B 1 56 LYS 56 605 605 LYS LYS B . n 
B 1 57 LYS 57 606 606 LYS LYS B . n 
B 1 58 TYR 58 607 607 TYR TYR B . n 
B 1 59 LEU 59 608 608 LEU LEU B . n 
B 1 60 GLU 60 609 609 GLU GLU B . n 
B 1 61 LYS 61 610 610 LYS LYS B . n 
B 1 62 ALA 62 611 611 ALA ALA B . n 
B 1 63 LYS 63 612 612 LYS LYS B . n 
B 1 64 SER 64 613 613 SER SER B . n 
B 1 65 VAL 65 614 614 VAL VAL B . n 
B 1 66 ILE 66 615 615 ILE ILE B . n 
B 1 67 ARG 67 616 616 ARG ARG B . n 
B 1 68 THR 68 617 617 THR THR B . n 
B 1 69 LEU 69 618 618 LEU LEU B . n 
B 1 70 ASP 70 619 619 ASP ASP B . n 
B 1 71 PRO 71 620 620 PRO PRO B . n 
B 1 72 LYS 72 621 621 LYS LYS B . n 
B 1 73 GLN 73 622 622 GLN GLN B . n 
B 1 74 ASN 74 623 623 ASN ASN B . n 
B 1 75 GLN 75 624 624 GLN GLN B . n 
# 
_pdbx_entity_instance_feature.ordinal        1 
_pdbx_entity_instance_feature.comp_id        MSE 
_pdbx_entity_instance_feature.asym_id        ? 
_pdbx_entity_instance_feature.seq_num        ? 
_pdbx_entity_instance_feature.auth_comp_id   MSE 
_pdbx_entity_instance_feature.auth_asym_id   ? 
_pdbx_entity_instance_feature.auth_seq_num   ? 
_pdbx_entity_instance_feature.feature_type   'SUBJECT OF INVESTIGATION' 
_pdbx_entity_instance_feature.details        ? 
# 
loop_
_pdbx_nonpoly_scheme.asym_id 
_pdbx_nonpoly_scheme.entity_id 
_pdbx_nonpoly_scheme.mon_id 
_pdbx_nonpoly_scheme.ndb_seq_num 
_pdbx_nonpoly_scheme.pdb_seq_num 
_pdbx_nonpoly_scheme.auth_seq_num 
_pdbx_nonpoly_scheme.pdb_mon_id 
_pdbx_nonpoly_scheme.auth_mon_id 
_pdbx_nonpoly_scheme.pdb_strand_id 
_pdbx_nonpoly_scheme.pdb_ins_code 
C 2 HOH 1  701 25 HOH HOH A . 
C 2 HOH 2  702 17 HOH HOH A . 
C 2 HOH 3  703 26 HOH HOH A . 
C 2 HOH 4  704 1  HOH HOH A . 
C 2 HOH 5  705 18 HOH HOH A . 
C 2 HOH 6  706 6  HOH HOH A . 
C 2 HOH 7  707 13 HOH HOH A . 
C 2 HOH 8  708 27 HOH HOH A . 
C 2 HOH 9  709 3  HOH HOH A . 
C 2 HOH 10 710 11 HOH HOH A . 
C 2 HOH 11 711 5  HOH HOH A . 
C 2 HOH 12 712 24 HOH HOH A . 
C 2 HOH 13 713 23 HOH HOH A . 
C 2 HOH 14 714 4  HOH HOH A . 
C 2 HOH 15 715 16 HOH HOH A . 
C 2 HOH 16 716 2  HOH HOH A . 
D 2 HOH 1  701 14 HOH HOH B . 
D 2 HOH 2  702 9  HOH HOH B . 
D 2 HOH 3  703 10 HOH HOH B . 
D 2 HOH 4  704 12 HOH HOH B . 
D 2 HOH 5  705 20 HOH HOH B . 
D 2 HOH 6  706 21 HOH HOH B . 
D 2 HOH 7  707 15 HOH HOH B . 
D 2 HOH 8  708 8  HOH HOH B . 
D 2 HOH 9  709 29 HOH HOH B . 
D 2 HOH 10 710 7  HOH HOH B . 
D 2 HOH 11 711 22 HOH HOH B . 
D 2 HOH 12 712 28 HOH HOH B . 
D 2 HOH 13 713 19 HOH HOH B . 
# 
loop_
_pdbx_unobs_or_zero_occ_atoms.id 
_pdbx_unobs_or_zero_occ_atoms.PDB_model_num 
_pdbx_unobs_or_zero_occ_atoms.polymer_flag 
_pdbx_unobs_or_zero_occ_atoms.occupancy_flag 
_pdbx_unobs_or_zero_occ_atoms.auth_asym_id 
_pdbx_unobs_or_zero_occ_atoms.auth_comp_id 
_pdbx_unobs_or_zero_occ_atoms.auth_seq_id 
_pdbx_unobs_or_zero_occ_atoms.PDB_ins_code 
_pdbx_unobs_or_zero_occ_atoms.auth_atom_id 
_pdbx_unobs_or_zero_occ_atoms.label_alt_id 
_pdbx_unobs_or_zero_occ_atoms.label_asym_id 
_pdbx_unobs_or_zero_occ_atoms.label_comp_id 
_pdbx_unobs_or_zero_occ_atoms.label_seq_id 
_pdbx_unobs_or_zero_occ_atoms.label_atom_id 
1  1 Y 1 A LYS 605 ? CE  ? A LYS 56 CE  
2  1 Y 1 A LYS 605 ? NZ  ? A LYS 56 NZ  
3  1 Y 1 A LYS 612 ? CD  ? A LYS 63 CD  
4  1 Y 1 A LYS 612 ? CE  ? A LYS 63 CE  
5  1 Y 1 A LYS 612 ? NZ  ? A LYS 63 NZ  
6  1 Y 1 B LYS 592 ? CD  ? B LYS 43 CD  
7  1 Y 1 B LYS 592 ? CE  ? B LYS 43 CE  
8  1 Y 1 B LYS 592 ? NZ  ? B LYS 43 NZ  
9  1 Y 1 B LYS 598 ? CG  ? B LYS 49 CG  
10 1 Y 1 B LYS 598 ? CD  ? B LYS 49 CD  
11 1 Y 1 B LYS 598 ? CE  ? B LYS 49 CE  
12 1 Y 1 B LYS 598 ? NZ  ? B LYS 49 NZ  
13 1 Y 1 B ARG 616 ? CD  ? B ARG 67 CD  
14 1 Y 1 B ARG 616 ? NE  ? B ARG 67 NE  
15 1 Y 1 B ARG 616 ? CZ  ? B ARG 67 CZ  
16 1 Y 1 B ARG 616 ? NH1 ? B ARG 67 NH1 
17 1 Y 1 B ARG 616 ? NH2 ? B ARG 67 NH2 
18 1 Y 1 B LYS 621 ? CD  ? B LYS 72 CD  
19 1 Y 1 B LYS 621 ? CE  ? B LYS 72 CE  
20 1 Y 1 B LYS 621 ? NZ  ? B LYS 72 NZ  
# 
loop_
_software.citation_id 
_software.classification 
_software.compiler_name 
_software.compiler_version 
_software.contact_author 
_software.contact_author_email 
_software.date 
_software.description 
_software.dependencies 
_software.hardware 
_software.language 
_software.location 
_software.mods 
_software.name 
_software.os 
_software.os_version 
_software.type 
_software.version 
_software.pdbx_ordinal 
? refinement       ? ? ? ? ? ? ? ? ? ? ? PHENIX   ? ? ? '(1.10.1_2155: ???)' 1 
? 'data reduction' ? ? ? ? ? ? ? ? ? ? ? HKL-2000 ? ? ? .                    2 
? 'data scaling'   ? ? ? ? ? ? ? ? ? ? ? HKL-2000 ? ? ? .                    3 
? phasing          ? ? ? ? ? ? ? ? ? ? ? AutoSol  ? ? ? .                    4 
# 
_cell.angle_alpha                  90.00 
_cell.angle_alpha_esd              ? 
_cell.angle_beta                   90.00 
_cell.angle_beta_esd               ? 
_cell.angle_gamma                  120.00 
_cell.angle_gamma_esd              ? 
_cell.entry_id                     9KNS 
_cell.details                      ? 
_cell.formula_units_Z              ? 
_cell.length_a                     78.747 
_cell.length_a_esd                 ? 
_cell.length_b                     78.747 
_cell.length_b_esd                 ? 
_cell.length_c                     180.036 
_cell.length_c_esd                 ? 
_cell.volume                       ? 
_cell.volume_esd                   ? 
_cell.Z_PDB                        24 
_cell.reciprocal_angle_alpha       ? 
_cell.reciprocal_angle_beta        ? 
_cell.reciprocal_angle_gamma       ? 
_cell.reciprocal_angle_alpha_esd   ? 
_cell.reciprocal_angle_beta_esd    ? 
_cell.reciprocal_angle_gamma_esd   ? 
_cell.reciprocal_length_a          ? 
_cell.reciprocal_length_b          ? 
_cell.reciprocal_length_c          ? 
_cell.reciprocal_length_a_esd      ? 
_cell.reciprocal_length_b_esd      ? 
_cell.reciprocal_length_c_esd      ? 
_cell.pdbx_unique_axis             ? 
_cell.pdbx_esd_method              ? 
# 
_symmetry.entry_id                         9KNS 
_symmetry.cell_setting                     ? 
_symmetry.Int_Tables_number                179 
_symmetry.space_group_name_Hall            ? 
_symmetry.space_group_name_H-M             'P 65 2 2' 
_symmetry.pdbx_full_space_group_name_H-M   ? 
# 
_exptl.absorpt_coefficient_mu     ? 
_exptl.absorpt_correction_T_max   ? 
_exptl.absorpt_correction_T_min   ? 
_exptl.absorpt_correction_type    ? 
_exptl.absorpt_process_details    ? 
_exptl.entry_id                   9KNS 
_exptl.crystals_number            1 
_exptl.details                    ? 
_exptl.method                     'X-RAY DIFFRACTION' 
_exptl.method_details             ? 
# 
_exptl_crystal.colour                       ? 
_exptl_crystal.density_diffrn               ? 
_exptl_crystal.density_Matthews             4.36 
_exptl_crystal.density_method               ? 
_exptl_crystal.density_percent_sol          71.78 
_exptl_crystal.description                  ? 
_exptl_crystal.F_000                        ? 
_exptl_crystal.id                           1 
_exptl_crystal.preparation                  ? 
_exptl_crystal.size_max                     ? 
_exptl_crystal.size_mid                     ? 
_exptl_crystal.size_min                     ? 
_exptl_crystal.size_rad                     ? 
_exptl_crystal.colour_lustre                ? 
_exptl_crystal.colour_modifier              ? 
_exptl_crystal.colour_primary               ? 
_exptl_crystal.density_meas                 ? 
_exptl_crystal.density_meas_esd             ? 
_exptl_crystal.density_meas_gt              ? 
_exptl_crystal.density_meas_lt              ? 
_exptl_crystal.density_meas_temp            ? 
_exptl_crystal.density_meas_temp_esd        ? 
_exptl_crystal.density_meas_temp_gt         ? 
_exptl_crystal.density_meas_temp_lt         ? 
_exptl_crystal.pdbx_crystal_image_url       ? 
_exptl_crystal.pdbx_crystal_image_format    ? 
_exptl_crystal.pdbx_mosaicity               ? 
_exptl_crystal.pdbx_mosaicity_esd           ? 
_exptl_crystal.pdbx_mosaic_method           ? 
_exptl_crystal.pdbx_mosaic_block_size       ? 
_exptl_crystal.pdbx_mosaic_block_size_esd   ? 
# 
_exptl_crystal_grow.apparatus       ? 
_exptl_crystal_grow.atmosphere      ? 
_exptl_crystal_grow.crystal_id      1 
_exptl_crystal_grow.details         ? 
_exptl_crystal_grow.method          'VAPOR DIFFUSION, SITTING DROP' 
_exptl_crystal_grow.method_ref      ? 
_exptl_crystal_grow.pH              ? 
_exptl_crystal_grow.pressure        ? 
_exptl_crystal_grow.pressure_esd    ? 
_exptl_crystal_grow.seeding         ? 
_exptl_crystal_grow.seeding_ref     ? 
_exptl_crystal_grow.temp_details    ? 
_exptl_crystal_grow.temp_esd        ? 
_exptl_crystal_grow.time            ? 
_exptl_crystal_grow.pdbx_details    '0.1 M Bis-Tris propane (pH 6.8) and 60% Tacsimate (pH 7.0)' 
_exptl_crystal_grow.pdbx_pH_range   ? 
_exptl_crystal_grow.temp            291 
# 
_diffrn.ambient_environment              ? 
_diffrn.ambient_temp                     93 
_diffrn.ambient_temp_details             ? 
_diffrn.ambient_temp_esd                 ? 
_diffrn.crystal_id                       1 
_diffrn.crystal_support                  ? 
_diffrn.crystal_treatment                ? 
_diffrn.details                          ? 
_diffrn.id                               1 
_diffrn.ambient_pressure                 ? 
_diffrn.ambient_pressure_esd             ? 
_diffrn.ambient_pressure_gt              ? 
_diffrn.ambient_pressure_lt              ? 
_diffrn.ambient_temp_gt                  ? 
_diffrn.ambient_temp_lt                  ? 
_diffrn.pdbx_serial_crystal_experiment   N 
# 
_diffrn_detector.details                      ? 
_diffrn_detector.detector                     CCD 
_diffrn_detector.diffrn_id                    1 
_diffrn_detector.type                         'ADSC QUANTUM 315r' 
_diffrn_detector.area_resol_mean              ? 
_diffrn_detector.dtime                        ? 
_diffrn_detector.pdbx_frames_total            ? 
_diffrn_detector.pdbx_collection_time_total   ? 
_diffrn_detector.pdbx_collection_date         2021-10-25 
_diffrn_detector.pdbx_frequency               ? 
_diffrn_detector.id                           ? 
_diffrn_detector.number_of_axes               ? 
# 
_diffrn_radiation.collimation                      ? 
_diffrn_radiation.diffrn_id                        1 
_diffrn_radiation.filter_edge                      ? 
_diffrn_radiation.inhomogeneity                    ? 
_diffrn_radiation.monochromator                    ? 
_diffrn_radiation.polarisn_norm                    ? 
_diffrn_radiation.polarisn_ratio                   ? 
_diffrn_radiation.probe                            ? 
_diffrn_radiation.type                             ? 
_diffrn_radiation.xray_symbol                      ? 
_diffrn_radiation.wavelength_id                    1 
_diffrn_radiation.pdbx_monochromatic_or_laue_m_l   M 
_diffrn_radiation.pdbx_wavelength_list             ? 
_diffrn_radiation.pdbx_wavelength                  ? 
_diffrn_radiation.pdbx_diffrn_protocol             'SINGLE WAVELENGTH' 
_diffrn_radiation.pdbx_analyzer                    ? 
_diffrn_radiation.pdbx_scattering_type             x-ray 
# 
_diffrn_radiation_wavelength.id           1 
_diffrn_radiation_wavelength.wavelength   0.987 
_diffrn_radiation_wavelength.wt           1.0 
# 
_diffrn_source.current                     ? 
_diffrn_source.details                     ? 
_diffrn_source.diffrn_id                   1 
_diffrn_source.power                       ? 
_diffrn_source.size                        ? 
_diffrn_source.source                      SYNCHROTRON 
_diffrn_source.target                      ? 
_diffrn_source.type                        'PAL/PLS BEAMLINE 5C (4A)' 
_diffrn_source.voltage                     ? 
_diffrn_source.take-off_angle              ? 
_diffrn_source.pdbx_wavelength_list        0.987 
_diffrn_source.pdbx_wavelength             ? 
_diffrn_source.pdbx_synchrotron_beamline   '5C (4A)' 
_diffrn_source.pdbx_synchrotron_site       PAL/PLS 
# 
_reflns.B_iso_Wilson_estimate                          ? 
_reflns.entry_id                                       9KNS 
_reflns.data_reduction_details                         ? 
_reflns.data_reduction_method                          ? 
_reflns.d_resolution_high                              2.699 
_reflns.d_resolution_low                               50 
_reflns.details                                        ? 
_reflns.limit_h_max                                    ? 
_reflns.limit_h_min                                    ? 
_reflns.limit_k_max                                    ? 
_reflns.limit_k_min                                    ? 
_reflns.limit_l_max                                    ? 
_reflns.limit_l_min                                    ? 
_reflns.number_all                                     ? 
_reflns.number_obs                                     9756 
_reflns.observed_criterion                             ? 
_reflns.observed_criterion_F_max                       ? 
_reflns.observed_criterion_F_min                       ? 
_reflns.observed_criterion_I_max                       ? 
_reflns.observed_criterion_I_min                       ? 
_reflns.observed_criterion_sigma_F                     ? 
_reflns.observed_criterion_sigma_I                     ? 
_reflns.percent_possible_obs                           99.0 
_reflns.R_free_details                                 ? 
_reflns.Rmerge_F_all                                   ? 
_reflns.Rmerge_F_obs                                   ? 
_reflns.Friedel_coverage                               ? 
_reflns.number_gt                                      ? 
_reflns.threshold_expression                           ? 
_reflns.pdbx_redundancy                                9.8 
_reflns.pdbx_netI_over_av_sigmaI                       ? 
_reflns.pdbx_netI_over_sigmaI                          26.5 
_reflns.pdbx_res_netI_over_av_sigmaI_2                 ? 
_reflns.pdbx_res_netI_over_sigmaI_2                    ? 
_reflns.pdbx_chi_squared                               ? 
_reflns.pdbx_scaling_rejects                           ? 
_reflns.pdbx_d_res_high_opt                            ? 
_reflns.pdbx_d_res_low_opt                             ? 
_reflns.pdbx_d_res_opt_method                          ? 
_reflns.phase_calculation_details                      ? 
_reflns.pdbx_Rrim_I_all                                ? 
_reflns.pdbx_Rpim_I_all                                ? 
_reflns.pdbx_d_opt                                     ? 
_reflns.pdbx_number_measured_all                       ? 
_reflns.pdbx_diffrn_id                                 1 
_reflns.pdbx_ordinal                                   1 
_reflns.pdbx_CC_half                                   ? 
_reflns.pdbx_CC_star                                   ? 
_reflns.pdbx_R_split                                   ? 
_reflns.pdbx_Rmerge_I_obs                              ? 
_reflns.pdbx_Rmerge_I_all                              ? 
_reflns.pdbx_Rsym_value                                0.076 
_reflns.pdbx_CC_split_method                           ? 
_reflns.pdbx_aniso_diffraction_limit_axis_1_ortho[1]   ? 
_reflns.pdbx_aniso_diffraction_limit_axis_1_ortho[2]   ? 
_reflns.pdbx_aniso_diffraction_limit_axis_1_ortho[3]   ? 
_reflns.pdbx_aniso_diffraction_limit_axis_2_ortho[1]   ? 
_reflns.pdbx_aniso_diffraction_limit_axis_2_ortho[2]   ? 
_reflns.pdbx_aniso_diffraction_limit_axis_2_ortho[3]   ? 
_reflns.pdbx_aniso_diffraction_limit_axis_3_ortho[1]   ? 
_reflns.pdbx_aniso_diffraction_limit_axis_3_ortho[2]   ? 
_reflns.pdbx_aniso_diffraction_limit_axis_3_ortho[3]   ? 
_reflns.pdbx_aniso_diffraction_limit_1                 ? 
_reflns.pdbx_aniso_diffraction_limit_2                 ? 
_reflns.pdbx_aniso_diffraction_limit_3                 ? 
_reflns.pdbx_aniso_B_tensor_eigenvector_1_ortho[1]     ? 
_reflns.pdbx_aniso_B_tensor_eigenvector_1_ortho[2]     ? 
_reflns.pdbx_aniso_B_tensor_eigenvector_1_ortho[3]     ? 
_reflns.pdbx_aniso_B_tensor_eigenvector_2_ortho[1]     ? 
_reflns.pdbx_aniso_B_tensor_eigenvector_2_ortho[2]     ? 
_reflns.pdbx_aniso_B_tensor_eigenvector_2_ortho[3]     ? 
_reflns.pdbx_aniso_B_tensor_eigenvector_3_ortho[1]     ? 
_reflns.pdbx_aniso_B_tensor_eigenvector_3_ortho[2]     ? 
_reflns.pdbx_aniso_B_tensor_eigenvector_3_ortho[3]     ? 
_reflns.pdbx_aniso_B_tensor_eigenvalue_1               ? 
_reflns.pdbx_aniso_B_tensor_eigenvalue_2               ? 
_reflns.pdbx_aniso_B_tensor_eigenvalue_3               ? 
_reflns.pdbx_orthogonalization_convention              ? 
_reflns.pdbx_percent_possible_ellipsoidal              ? 
_reflns.pdbx_percent_possible_spherical                ? 
_reflns.pdbx_percent_possible_ellipsoidal_anomalous    ? 
_reflns.pdbx_percent_possible_spherical_anomalous      ? 
_reflns.pdbx_redundancy_anomalous                      ? 
_reflns.pdbx_CC_half_anomalous                         ? 
_reflns.pdbx_absDiff_over_sigma_anomalous              ? 
_reflns.pdbx_percent_possible_anomalous                ? 
_reflns.pdbx_observed_signal_threshold                 ? 
_reflns.pdbx_signal_type                               ? 
_reflns.pdbx_signal_details                            ? 
_reflns.pdbx_signal_software_id                        ? 
# 
_reflns_shell.d_res_high                                    2.699 
_reflns_shell.d_res_low                                     2.75 
_reflns_shell.meanI_over_sigI_all                           ? 
_reflns_shell.meanI_over_sigI_obs                           ? 
_reflns_shell.number_measured_all                           ? 
_reflns_shell.number_measured_obs                           ? 
_reflns_shell.number_possible                               ? 
_reflns_shell.number_unique_all                             ? 
_reflns_shell.number_unique_obs                             463 
_reflns_shell.percent_possible_obs                          ? 
_reflns_shell.Rmerge_F_all                                  ? 
_reflns_shell.Rmerge_F_obs                                  ? 
_reflns_shell.meanI_over_sigI_gt                            ? 
_reflns_shell.meanI_over_uI_all                             ? 
_reflns_shell.meanI_over_uI_gt                              ? 
_reflns_shell.number_measured_gt                            ? 
_reflns_shell.number_unique_gt                              ? 
_reflns_shell.percent_possible_gt                           ? 
_reflns_shell.Rmerge_F_gt                                   ? 
_reflns_shell.Rmerge_I_gt                                   ? 
_reflns_shell.pdbx_redundancy                               ? 
_reflns_shell.pdbx_chi_squared                              ? 
_reflns_shell.pdbx_netI_over_sigmaI_all                     ? 
_reflns_shell.pdbx_netI_over_sigmaI_obs                     ? 
_reflns_shell.pdbx_Rrim_I_all                               ? 
_reflns_shell.pdbx_Rpim_I_all                               ? 
_reflns_shell.pdbx_rejects                                  ? 
_reflns_shell.pdbx_ordinal                                  1 
_reflns_shell.pdbx_diffrn_id                                1 
_reflns_shell.pdbx_CC_half                                  ? 
_reflns_shell.pdbx_CC_star                                  ? 
_reflns_shell.pdbx_R_split                                  ? 
_reflns_shell.percent_possible_all                          ? 
_reflns_shell.Rmerge_I_all                                  ? 
_reflns_shell.Rmerge_I_obs                                  ? 
_reflns_shell.pdbx_Rsym_value                               0.264 
_reflns_shell.pdbx_percent_possible_ellipsoidal             ? 
_reflns_shell.pdbx_percent_possible_spherical               ? 
_reflns_shell.pdbx_percent_possible_ellipsoidal_anomalous   ? 
_reflns_shell.pdbx_percent_possible_spherical_anomalous     ? 
_reflns_shell.pdbx_redundancy_anomalous                     ? 
_reflns_shell.pdbx_CC_half_anomalous                        ? 
_reflns_shell.pdbx_absDiff_over_sigma_anomalous             ? 
_reflns_shell.pdbx_percent_possible_anomalous               ? 
# 
_refine.aniso_B[1][1]                            ? 
_refine.aniso_B[1][2]                            ? 
_refine.aniso_B[1][3]                            ? 
_refine.aniso_B[2][2]                            ? 
_refine.aniso_B[2][3]                            ? 
_refine.aniso_B[3][3]                            ? 
_refine.B_iso_max                                ? 
_refine.B_iso_mean                               ? 
_refine.B_iso_min                                ? 
_refine.correlation_coeff_Fo_to_Fc               ? 
_refine.correlation_coeff_Fo_to_Fc_free          ? 
_refine.details                                  ? 
_refine.diff_density_max                         ? 
_refine.diff_density_max_esd                     ? 
_refine.diff_density_min                         ? 
_refine.diff_density_min_esd                     ? 
_refine.diff_density_rms                         ? 
_refine.diff_density_rms_esd                     ? 
_refine.entry_id                                 9KNS 
_refine.pdbx_refine_id                           'X-RAY DIFFRACTION' 
_refine.ls_abs_structure_details                 ? 
_refine.ls_abs_structure_Flack                   ? 
_refine.ls_abs_structure_Flack_esd               ? 
_refine.ls_abs_structure_Rogers                  ? 
_refine.ls_abs_structure_Rogers_esd              ? 
_refine.ls_d_res_high                            2.699 
_refine.ls_d_res_low                             36.074 
_refine.ls_extinction_coef                       ? 
_refine.ls_extinction_coef_esd                   ? 
_refine.ls_extinction_expression                 ? 
_refine.ls_extinction_method                     ? 
_refine.ls_goodness_of_fit_all                   ? 
_refine.ls_goodness_of_fit_all_esd               ? 
_refine.ls_goodness_of_fit_obs                   ? 
_refine.ls_goodness_of_fit_obs_esd               ? 
_refine.ls_hydrogen_treatment                    ? 
_refine.ls_matrix_type                           ? 
_refine.ls_number_constraints                    ? 
_refine.ls_number_parameters                     ? 
_refine.ls_number_reflns_all                     ? 
_refine.ls_number_reflns_obs                     9641 
_refine.ls_number_reflns_R_free                  964 
_refine.ls_number_reflns_R_work                  ? 
_refine.ls_number_restraints                     ? 
_refine.ls_percent_reflns_obs                    99.36 
_refine.ls_percent_reflns_R_free                 10.00 
_refine.ls_R_factor_all                          ? 
_refine.ls_R_factor_obs                          0.2334 
_refine.ls_R_factor_R_free                       0.2676 
_refine.ls_R_factor_R_free_error                 ? 
_refine.ls_R_factor_R_free_error_details         ? 
_refine.ls_R_factor_R_work                       0.2297 
_refine.ls_R_Fsqd_factor_obs                     ? 
_refine.ls_R_I_factor_obs                        ? 
_refine.ls_redundancy_reflns_all                 ? 
_refine.ls_redundancy_reflns_obs                 ? 
_refine.ls_restrained_S_all                      ? 
_refine.ls_restrained_S_obs                      ? 
_refine.ls_shift_over_esd_max                    ? 
_refine.ls_shift_over_esd_mean                   ? 
_refine.ls_structure_factor_coef                 ? 
_refine.ls_weighting_details                     ? 
_refine.ls_weighting_scheme                      ? 
_refine.ls_wR_factor_all                         ? 
_refine.ls_wR_factor_obs                         ? 
_refine.ls_wR_factor_R_free                      ? 
_refine.ls_wR_factor_R_work                      ? 
_refine.occupancy_max                            ? 
_refine.occupancy_min                            ? 
_refine.solvent_model_details                    'FLAT BULK SOLVENT MODEL' 
_refine.solvent_model_param_bsol                 ? 
_refine.solvent_model_param_ksol                 ? 
_refine.pdbx_R_complete                          ? 
_refine.ls_R_factor_gt                           ? 
_refine.ls_goodness_of_fit_gt                    ? 
_refine.ls_goodness_of_fit_ref                   ? 
_refine.ls_shift_over_su_max                     ? 
_refine.ls_shift_over_su_max_lt                  ? 
_refine.ls_shift_over_su_mean                    ? 
_refine.ls_shift_over_su_mean_lt                 ? 
_refine.pdbx_ls_sigma_I                          ? 
_refine.pdbx_ls_sigma_F                          1.50 
_refine.pdbx_ls_sigma_Fsqd                       ? 
_refine.pdbx_data_cutoff_high_absF               ? 
_refine.pdbx_data_cutoff_high_rms_absF           ? 
_refine.pdbx_data_cutoff_low_absF                ? 
_refine.pdbx_isotropic_thermal_model             ? 
_refine.pdbx_ls_cross_valid_method               'FREE R-VALUE' 
_refine.pdbx_method_to_determine_struct          SAD 
_refine.pdbx_starting_model                      ? 
_refine.pdbx_stereochemistry_target_values       ML 
_refine.pdbx_R_Free_selection_details            ? 
_refine.pdbx_stereochem_target_val_spec_case     ? 
_refine.pdbx_overall_ESU_R                       ? 
_refine.pdbx_overall_ESU_R_Free                  ? 
_refine.pdbx_solvent_vdw_probe_radii             1.11 
_refine.pdbx_solvent_ion_probe_radii             ? 
_refine.pdbx_solvent_shrinkage_radii             0.90 
_refine.pdbx_real_space_R                        ? 
_refine.pdbx_density_correlation                 ? 
_refine.pdbx_pd_number_of_powder_patterns        ? 
_refine.pdbx_pd_number_of_points                 ? 
_refine.pdbx_pd_meas_number_of_points            ? 
_refine.pdbx_pd_proc_ls_prof_R_factor            ? 
_refine.pdbx_pd_proc_ls_prof_wR_factor           ? 
_refine.pdbx_pd_Marquardt_correlation_coeff      ? 
_refine.pdbx_pd_Fsqrd_R_factor                   ? 
_refine.pdbx_pd_ls_matrix_band_width             ? 
_refine.pdbx_overall_phase_error                 26.50 
_refine.pdbx_overall_SU_R_free_Cruickshank_DPI   ? 
_refine.pdbx_overall_SU_R_free_Blow_DPI          ? 
_refine.pdbx_overall_SU_R_Blow_DPI               ? 
_refine.pdbx_TLS_residual_ADP_flag               ? 
_refine.pdbx_diffrn_id                           1 
_refine.overall_SU_B                             ? 
_refine.overall_SU_ML                            0.40 
_refine.overall_SU_R_Cruickshank_DPI             ? 
_refine.overall_SU_R_free                        ? 
_refine.overall_FOM_free_R_set                   ? 
_refine.overall_FOM_work_R_set                   ? 
_refine.pdbx_average_fsc_overall                 ? 
_refine.pdbx_average_fsc_work                    ? 
_refine.pdbx_average_fsc_free                    ? 
# 
_refine_hist.pdbx_refine_id                   'X-RAY DIFFRACTION' 
_refine_hist.cycle_id                         LAST 
_refine_hist.pdbx_number_atoms_protein        1241 
_refine_hist.pdbx_number_atoms_nucleic_acid   0 
_refine_hist.pdbx_number_atoms_ligand         0 
_refine_hist.number_atoms_solvent             29 
_refine_hist.number_atoms_total               1270 
_refine_hist.d_res_high                       2.699 
_refine_hist.d_res_low                        36.074 
# 
loop_
_refine_ls_restr.pdbx_refine_id 
_refine_ls_restr.criterion 
_refine_ls_restr.dev_ideal 
_refine_ls_restr.dev_ideal_target 
_refine_ls_restr.number 
_refine_ls_restr.rejects 
_refine_ls_restr.type 
_refine_ls_restr.weight 
_refine_ls_restr.pdbx_restraint_function 
'X-RAY DIFFRACTION' ? 0.010  ? 1253 ? f_bond_d           ? ? 
'X-RAY DIFFRACTION' ? 1.100  ? 1665 ? f_angle_d          ? ? 
'X-RAY DIFFRACTION' ? 22.831 ? 819  ? f_dihedral_angle_d ? ? 
'X-RAY DIFFRACTION' ? 0.049  ? 175  ? f_chiral_restr     ? ? 
'X-RAY DIFFRACTION' ? 0.006  ? 221  ? f_plane_restr      ? ? 
# 
loop_
_refine_ls_shell.pdbx_refine_id 
_refine_ls_shell.d_res_high 
_refine_ls_shell.d_res_low 
_refine_ls_shell.number_reflns_all 
_refine_ls_shell.number_reflns_obs 
_refine_ls_shell.number_reflns_R_free 
_refine_ls_shell.number_reflns_R_work 
_refine_ls_shell.percent_reflns_obs 
_refine_ls_shell.percent_reflns_R_free 
_refine_ls_shell.R_factor_all 
_refine_ls_shell.R_factor_obs 
_refine_ls_shell.R_factor_R_free_error 
_refine_ls_shell.R_factor_R_work 
_refine_ls_shell.redundancy_reflns_all 
_refine_ls_shell.redundancy_reflns_obs 
_refine_ls_shell.wR_factor_all 
_refine_ls_shell.wR_factor_obs 
_refine_ls_shell.wR_factor_R_free 
_refine_ls_shell.wR_factor_R_work 
_refine_ls_shell.pdbx_R_complete 
_refine_ls_shell.pdbx_total_number_of_bins_used 
_refine_ls_shell.pdbx_phase_error 
_refine_ls_shell.pdbx_fsc_work 
_refine_ls_shell.pdbx_fsc_free 
_refine_ls_shell.R_factor_R_free 
'X-RAY DIFFRACTION' 2.699  2.8412 . . 133 1190 98.00  . . . . 0.3087 . . . . . . . . . . . 0.3705 
'X-RAY DIFFRACTION' 2.8412 3.0191 . . 133 1203 100.00 . . . . 0.2702 . . . . . . . . . . . 0.3485 
'X-RAY DIFFRACTION' 3.0191 3.2521 . . 134 1202 100.00 . . . . 0.2761 . . . . . . . . . . . 0.3038 
'X-RAY DIFFRACTION' 3.2521 3.5791 . . 136 1234 99.00  . . . . 0.2228 . . . . . . . . . . . 0.2651 
'X-RAY DIFFRACTION' 3.5791 4.0963 . . 136 1221 100.00 . . . . 0.2052 . . . . . . . . . . . 0.2352 
'X-RAY DIFFRACTION' 4.0963 5.1586 . . 140 1260 100.00 . . . . 0.1958 . . . . . . . . . . . 0.2415 
'X-RAY DIFFRACTION' 5.1586 36.074 . . 152 1367 100.00 . . . . 0.2255 . . . . . . . . . . . 0.2464 
# 
_struct.entry_id                     9KNS 
_struct.title                        'Crystal structure of Hook3(553-624)' 
_struct.pdbx_model_details           ? 
_struct.pdbx_formula_weight          ? 
_struct.pdbx_formula_weight_method   ? 
_struct.pdbx_model_type_details      ? 
_struct.pdbx_CASP_flag               N 
# 
_struct_keywords.entry_id        9KNS 
_struct_keywords.text            'Hook3, TRANSPORT PROTEIN' 
_struct_keywords.pdbx_keywords   'TRANSPORT PROTEIN' 
# 
loop_
_struct_asym.id 
_struct_asym.pdbx_blank_PDB_chainid_flag 
_struct_asym.pdbx_modified 
_struct_asym.entity_id 
_struct_asym.details 
A N N 1 ? 
B N N 1 ? 
C N N 2 ? 
D N N 2 ? 
# 
_struct_ref.id                         1 
_struct_ref.db_name                    UNP 
_struct_ref.db_code                    HOOK3_HUMAN 
_struct_ref.pdbx_db_accession          Q86VS8 
_struct_ref.pdbx_db_isoform            ? 
_struct_ref.entity_id                  1 
_struct_ref.pdbx_seq_one_letter_code   EKLHEANNELQKKRAIIEDLEPRFNNSSLKIEELQEALRKKEEEMKQMEERYKKYLEKAKSVIRTLDPKQNQ 
_struct_ref.pdbx_align_begin           553 
# 
loop_
_struct_ref_seq.align_id 
_struct_ref_seq.ref_id 
_struct_ref_seq.pdbx_PDB_id_code 
_struct_ref_seq.pdbx_strand_id 
_struct_ref_seq.seq_align_beg 
_struct_ref_seq.pdbx_seq_align_beg_ins_code 
_struct_ref_seq.seq_align_end 
_struct_ref_seq.pdbx_seq_align_end_ins_code 
_struct_ref_seq.pdbx_db_accession 
_struct_ref_seq.db_align_beg 
_struct_ref_seq.pdbx_db_align_beg_ins_code 
_struct_ref_seq.db_align_end 
_struct_ref_seq.pdbx_db_align_end_ins_code 
_struct_ref_seq.pdbx_auth_seq_align_beg 
_struct_ref_seq.pdbx_auth_seq_align_end 
1 1 9KNS A 4 ? 75 ? Q86VS8 553 ? 624 ? 553 624 
2 1 9KNS B 4 ? 75 ? Q86VS8 553 ? 624 ? 553 624 
# 
loop_
_struct_ref_seq_dif.align_id 
_struct_ref_seq_dif.pdbx_pdb_id_code 
_struct_ref_seq_dif.mon_id 
_struct_ref_seq_dif.pdbx_pdb_strand_id 
_struct_ref_seq_dif.seq_num 
_struct_ref_seq_dif.pdbx_pdb_ins_code 
_struct_ref_seq_dif.pdbx_seq_db_name 
_struct_ref_seq_dif.pdbx_seq_db_accession_code 
_struct_ref_seq_dif.db_mon_id 
_struct_ref_seq_dif.pdbx_seq_db_seq_num 
_struct_ref_seq_dif.details 
_struct_ref_seq_dif.pdbx_auth_seq_num 
_struct_ref_seq_dif.pdbx_ordinal 
1 9KNS GLY A 1 ? UNP Q86VS8 ? ? 'expression tag' 550 1 
1 9KNS HIS A 2 ? UNP Q86VS8 ? ? 'expression tag' 551 2 
1 9KNS MSE A 3 ? UNP Q86VS8 ? ? 'expression tag' 552 3 
2 9KNS GLY B 1 ? UNP Q86VS8 ? ? 'expression tag' 550 4 
2 9KNS HIS B 2 ? UNP Q86VS8 ? ? 'expression tag' 551 5 
2 9KNS MSE B 3 ? UNP Q86VS8 ? ? 'expression tag' 552 6 
# 
_pdbx_struct_assembly.id                   1 
_pdbx_struct_assembly.details              author_and_software_defined_assembly 
_pdbx_struct_assembly.method_details       PISA 
_pdbx_struct_assembly.oligomeric_details   dimeric 
_pdbx_struct_assembly.oligomeric_count     2 
# 
loop_
_pdbx_struct_assembly_prop.biol_id 
_pdbx_struct_assembly_prop.type 
_pdbx_struct_assembly_prop.value 
_pdbx_struct_assembly_prop.details 
1 'ABSA (A^2)' 3490  ? 
1 MORE         -41   ? 
1 'SSA (A^2)'  11860 ? 
# 
_pdbx_struct_assembly_gen.assembly_id       1 
_pdbx_struct_assembly_gen.oper_expression   1 
_pdbx_struct_assembly_gen.asym_id_list      A,B,C,D 
# 
_pdbx_struct_assembly_auth_evidence.id                     1 
_pdbx_struct_assembly_auth_evidence.assembly_id            1 
_pdbx_struct_assembly_auth_evidence.experimental_support   none 
_pdbx_struct_assembly_auth_evidence.details                ? 
# 
_pdbx_struct_oper_list.id                   1 
_pdbx_struct_oper_list.type                 'identity operation' 
_pdbx_struct_oper_list.name                 1_555 
_pdbx_struct_oper_list.symmetry_operation   x,y,z 
_pdbx_struct_oper_list.matrix[1][1]         1.0000000000 
_pdbx_struct_oper_list.matrix[1][2]         0.0000000000 
_pdbx_struct_oper_list.matrix[1][3]         0.0000000000 
_pdbx_struct_oper_list.vector[1]            0.0000000000 
_pdbx_struct_oper_list.matrix[2][1]         0.0000000000 
_pdbx_struct_oper_list.matrix[2][2]         1.0000000000 
_pdbx_struct_oper_list.matrix[2][3]         0.0000000000 
_pdbx_struct_oper_list.vector[2]            0.0000000000 
_pdbx_struct_oper_list.matrix[3][1]         0.0000000000 
_pdbx_struct_oper_list.matrix[3][2]         0.0000000000 
_pdbx_struct_oper_list.matrix[3][3]         1.0000000000 
_pdbx_struct_oper_list.vector[3]            0.0000000000 
# 
loop_
_struct_conf.conf_type_id 
_struct_conf.id 
_struct_conf.pdbx_PDB_helix_id 
_struct_conf.beg_label_comp_id 
_struct_conf.beg_label_asym_id 
_struct_conf.beg_label_seq_id 
_struct_conf.pdbx_beg_PDB_ins_code 
_struct_conf.end_label_comp_id 
_struct_conf.end_label_asym_id 
_struct_conf.end_label_seq_id 
_struct_conf.pdbx_end_PDB_ins_code 
_struct_conf.beg_auth_comp_id 
_struct_conf.beg_auth_asym_id 
_struct_conf.beg_auth_seq_id 
_struct_conf.end_auth_comp_id 
_struct_conf.end_auth_asym_id 
_struct_conf.end_auth_seq_id 
_struct_conf.pdbx_PDB_helix_class 
_struct_conf.details 
_struct_conf.pdbx_PDB_helix_length 
HELX_P HELX_P1 AA1 HIS A 2  ? ASP A 70 ? HIS A 551 ASP A 619 1 ? 69 
HELX_P HELX_P2 AA2 HIS B 2  ? LEU B 69 ? HIS B 551 LEU B 618 1 ? 68 
HELX_P HELX_P3 AA3 ASP B 70 ? ASN B 74 ? ASP B 619 ASN B 623 5 ? 5  
# 
_struct_conf_type.id          HELX_P 
_struct_conf_type.criteria    ? 
_struct_conf_type.reference   ? 
# 
loop_
_struct_conn.id 
_struct_conn.conn_type_id 
_struct_conn.pdbx_leaving_atom_flag 
_struct_conn.pdbx_PDB_id 
_struct_conn.ptnr1_label_asym_id 
_struct_conn.ptnr1_label_comp_id 
_struct_conn.ptnr1_label_seq_id 
_struct_conn.ptnr1_label_atom_id 
_struct_conn.pdbx_ptnr1_label_alt_id 
_struct_conn.pdbx_ptnr1_PDB_ins_code 
_struct_conn.pdbx_ptnr1_standard_comp_id 
_struct_conn.ptnr1_symmetry 
_struct_conn.ptnr2_label_asym_id 
_struct_conn.ptnr2_label_comp_id 
_struct_conn.ptnr2_label_seq_id 
_struct_conn.ptnr2_label_atom_id 
_struct_conn.pdbx_ptnr2_label_alt_id 
_struct_conn.pdbx_ptnr2_PDB_ins_code 
_struct_conn.ptnr1_auth_asym_id 
_struct_conn.ptnr1_auth_comp_id 
_struct_conn.ptnr1_auth_seq_id 
_struct_conn.ptnr2_auth_asym_id 
_struct_conn.ptnr2_auth_comp_id 
_struct_conn.ptnr2_auth_seq_id 
_struct_conn.ptnr2_symmetry 
_struct_conn.pdbx_ptnr3_label_atom_id 
_struct_conn.pdbx_ptnr3_label_seq_id 
_struct_conn.pdbx_ptnr3_label_comp_id 
_struct_conn.pdbx_ptnr3_label_asym_id 
_struct_conn.pdbx_ptnr3_label_alt_id 
_struct_conn.pdbx_ptnr3_PDB_ins_code 
_struct_conn.details 
_struct_conn.pdbx_dist_value 
_struct_conn.pdbx_value_order 
_struct_conn.pdbx_role 
covale1  covale both ? A HIS 2  C ? ? ? 1_555 A MSE 3  N ? ? A HIS 551 A MSE 552 1_555 ? ? ? ? ? ? ? 1.329 ? ? 
covale2  covale both ? A MSE 3  C ? ? ? 1_555 A GLU 4  N ? ? A MSE 552 A GLU 553 1_555 ? ? ? ? ? ? ? 1.329 ? ? 
covale3  covale both ? A GLU 47 C ? ? ? 1_555 A MSE 48 N ? ? A GLU 596 A MSE 597 1_555 ? ? ? ? ? ? ? 1.324 ? ? 
covale4  covale both ? A MSE 48 C ? ? ? 1_555 A LYS 49 N ? ? A MSE 597 A LYS 598 1_555 ? ? ? ? ? ? ? 1.327 ? ? 
covale5  covale both ? A GLN 50 C ? ? ? 1_555 A MSE 51 N ? ? A GLN 599 A MSE 600 1_555 ? ? ? ? ? ? ? 1.327 ? ? 
covale6  covale both ? A MSE 51 C ? ? ? 1_555 A GLU 52 N ? ? A MSE 600 A GLU 601 1_555 ? ? ? ? ? ? ? 1.335 ? ? 
covale7  covale both ? B HIS 2  C ? ? ? 1_555 B MSE 3  N ? ? B HIS 551 B MSE 552 1_555 ? ? ? ? ? ? ? 1.328 ? ? 
covale8  covale both ? B MSE 3  C ? ? ? 1_555 B GLU 4  N ? ? B MSE 552 B GLU 553 1_555 ? ? ? ? ? ? ? 1.331 ? ? 
covale9  covale both ? B GLU 47 C ? ? ? 1_555 B MSE 48 N ? ? B GLU 596 B MSE 597 1_555 ? ? ? ? ? ? ? 1.324 ? ? 
covale10 covale both ? B MSE 48 C ? ? ? 1_555 B LYS 49 N ? ? B MSE 597 B LYS 598 1_555 ? ? ? ? ? ? ? 1.340 ? ? 
covale11 covale both ? B GLN 50 C ? ? ? 1_555 B MSE 51 N ? ? B GLN 599 B MSE 600 1_555 ? ? ? ? ? ? ? 1.329 ? ? 
covale12 covale both ? B MSE 51 C ? ? ? 1_555 B GLU 52 N ? ? B MSE 600 B GLU 601 1_555 ? ? ? ? ? ? ? 1.335 ? ? 
# 
_struct_conn_type.id          covale 
_struct_conn_type.criteria    ? 
_struct_conn_type.reference   ? 
# 
loop_
_pdbx_modification_feature.ordinal 
_pdbx_modification_feature.label_comp_id 
_pdbx_modification_feature.label_asym_id 
_pdbx_modification_feature.label_seq_id 
_pdbx_modification_feature.label_alt_id 
_pdbx_modification_feature.modified_residue_label_comp_id 
_pdbx_modification_feature.modified_residue_label_asym_id 
_pdbx_modification_feature.modified_residue_label_seq_id 
_pdbx_modification_feature.modified_residue_label_alt_id 
_pdbx_modification_feature.auth_comp_id 
_pdbx_modification_feature.auth_asym_id 
_pdbx_modification_feature.auth_seq_id 
_pdbx_modification_feature.PDB_ins_code 
_pdbx_modification_feature.symmetry 
_pdbx_modification_feature.modified_residue_auth_comp_id 
_pdbx_modification_feature.modified_residue_auth_asym_id 
_pdbx_modification_feature.modified_residue_auth_seq_id 
_pdbx_modification_feature.modified_residue_PDB_ins_code 
_pdbx_modification_feature.modified_residue_symmetry 
_pdbx_modification_feature.comp_id_linking_atom 
_pdbx_modification_feature.modified_residue_id_linking_atom 
_pdbx_modification_feature.modified_residue_id 
_pdbx_modification_feature.ref_pcm_id 
_pdbx_modification_feature.ref_comp_id 
_pdbx_modification_feature.type 
_pdbx_modification_feature.category 
1 MSE A 3  ? . . . . MSE A 552 ? 1_555 . . . . . . . MET 1 MSE Selenomethionine 'Named protein modification' 
2 MSE A 48 ? . . . . MSE A 597 ? 1_555 . . . . . . . MET 1 MSE Selenomethionine 'Named protein modification' 
3 MSE A 51 ? . . . . MSE A 600 ? 1_555 . . . . . . . MET 1 MSE Selenomethionine 'Named protein modification' 
4 MSE B 3  ? . . . . MSE B 552 ? 1_555 . . . . . . . MET 1 MSE Selenomethionine 'Named protein modification' 
5 MSE B 48 ? . . . . MSE B 597 ? 1_555 . . . . . . . MET 1 MSE Selenomethionine 'Named protein modification' 
6 MSE B 51 ? . . . . MSE B 600 ? 1_555 . . . . . . . MET 1 MSE Selenomethionine 'Named protein modification' 
# 
_pdbx_entry_details.entry_id                   9KNS 
_pdbx_entry_details.nonpolymer_details         ? 
_pdbx_entry_details.sequence_details           ? 
_pdbx_entry_details.compound_details           ? 
_pdbx_entry_details.source_details             ? 
_pdbx_entry_details.has_ligand_of_interest     Y 
_pdbx_entry_details.has_protein_modification   Y 
# 
loop_
_pdbx_struct_mod_residue.id 
_pdbx_struct_mod_residue.label_asym_id 
_pdbx_struct_mod_residue.label_comp_id 
_pdbx_struct_mod_residue.label_seq_id 
_pdbx_struct_mod_residue.auth_asym_id 
_pdbx_struct_mod_residue.auth_comp_id 
_pdbx_struct_mod_residue.auth_seq_id 
_pdbx_struct_mod_residue.PDB_ins_code 
_pdbx_struct_mod_residue.parent_comp_id 
_pdbx_struct_mod_residue.details 
1 A MSE 48 A MSE 597 ? MET 'modified residue' 
2 A MSE 51 A MSE 600 ? MET 'modified residue' 
3 B MSE 48 B MSE 597 ? MET 'modified residue' 
4 B MSE 51 B MSE 600 ? MET 'modified residue' 
# 
_pdbx_unobs_or_zero_occ_residues.id               1 
_pdbx_unobs_or_zero_occ_residues.PDB_model_num    1 
_pdbx_unobs_or_zero_occ_residues.polymer_flag     Y 
_pdbx_unobs_or_zero_occ_residues.occupancy_flag   1 
_pdbx_unobs_or_zero_occ_residues.auth_asym_id     A 
_pdbx_unobs_or_zero_occ_residues.auth_comp_id     GLN 
_pdbx_unobs_or_zero_occ_residues.auth_seq_id      624 
_pdbx_unobs_or_zero_occ_residues.PDB_ins_code     ? 
_pdbx_unobs_or_zero_occ_residues.label_asym_id    A 
_pdbx_unobs_or_zero_occ_residues.label_comp_id    GLN 
_pdbx_unobs_or_zero_occ_residues.label_seq_id     75 
# 
loop_
_chem_comp_atom.comp_id 
_chem_comp_atom.atom_id 
_chem_comp_atom.type_symbol 
_chem_comp_atom.pdbx_aromatic_flag 
_chem_comp_atom.pdbx_stereo_config 
_chem_comp_atom.pdbx_ordinal 
ALA N    N  N N 1   
ALA CA   C  N S 2   
ALA C    C  N N 3   
ALA O    O  N N 4   
ALA CB   C  N N 5   
ALA OXT  O  N N 6   
ALA H    H  N N 7   
ALA H2   H  N N 8   
ALA HA   H  N N 9   
ALA HB1  H  N N 10  
ALA HB2  H  N N 11  
ALA HB3  H  N N 12  
ALA HXT  H  N N 13  
ARG N    N  N N 14  
ARG CA   C  N S 15  
ARG C    C  N N 16  
ARG O    O  N N 17  
ARG CB   C  N N 18  
ARG CG   C  N N 19  
ARG CD   C  N N 20  
ARG NE   N  N N 21  
ARG CZ   C  N N 22  
ARG NH1  N  N N 23  
ARG NH2  N  N N 24  
ARG OXT  O  N N 25  
ARG H    H  N N 26  
ARG H2   H  N N 27  
ARG HA   H  N N 28  
ARG HB2  H  N N 29  
ARG HB3  H  N N 30  
ARG HG2  H  N N 31  
ARG HG3  H  N N 32  
ARG HD2  H  N N 33  
ARG HD3  H  N N 34  
ARG HE   H  N N 35  
ARG HH11 H  N N 36  
ARG HH12 H  N N 37  
ARG HH21 H  N N 38  
ARG HH22 H  N N 39  
ARG HXT  H  N N 40  
ASN N    N  N N 41  
ASN CA   C  N S 42  
ASN C    C  N N 43  
ASN O    O  N N 44  
ASN CB   C  N N 45  
ASN CG   C  N N 46  
ASN OD1  O  N N 47  
ASN ND2  N  N N 48  
ASN OXT  O  N N 49  
ASN H    H  N N 50  
ASN H2   H  N N 51  
ASN HA   H  N N 52  
ASN HB2  H  N N 53  
ASN HB3  H  N N 54  
ASN HD21 H  N N 55  
ASN HD22 H  N N 56  
ASN HXT  H  N N 57  
ASP N    N  N N 58  
ASP CA   C  N S 59  
ASP C    C  N N 60  
ASP O    O  N N 61  
ASP CB   C  N N 62  
ASP CG   C  N N 63  
ASP OD1  O  N N 64  
ASP OD2  O  N N 65  
ASP OXT  O  N N 66  
ASP H    H  N N 67  
ASP H2   H  N N 68  
ASP HA   H  N N 69  
ASP HB2  H  N N 70  
ASP HB3  H  N N 71  
ASP HD2  H  N N 72  
ASP HXT  H  N N 73  
GLN N    N  N N 74  
GLN CA   C  N S 75  
GLN C    C  N N 76  
GLN O    O  N N 77  
GLN CB   C  N N 78  
GLN CG   C  N N 79  
GLN CD   C  N N 80  
GLN OE1  O  N N 81  
GLN NE2  N  N N 82  
GLN OXT  O  N N 83  
GLN H    H  N N 84  
GLN H2   H  N N 85  
GLN HA   H  N N 86  
GLN HB2  H  N N 87  
GLN HB3  H  N N 88  
GLN HG2  H  N N 89  
GLN HG3  H  N N 90  
GLN HE21 H  N N 91  
GLN HE22 H  N N 92  
GLN HXT  H  N N 93  
GLU N    N  N N 94  
GLU CA   C  N S 95  
GLU C    C  N N 96  
GLU O    O  N N 97  
GLU CB   C  N N 98  
GLU CG   C  N N 99  
GLU CD   C  N N 100 
GLU OE1  O  N N 101 
GLU OE2  O  N N 102 
GLU OXT  O  N N 103 
GLU H    H  N N 104 
GLU H2   H  N N 105 
GLU HA   H  N N 106 
GLU HB2  H  N N 107 
GLU HB3  H  N N 108 
GLU HG2  H  N N 109 
GLU HG3  H  N N 110 
GLU HE2  H  N N 111 
GLU HXT  H  N N 112 
GLY N    N  N N 113 
GLY CA   C  N N 114 
GLY C    C  N N 115 
GLY O    O  N N 116 
GLY OXT  O  N N 117 
GLY H    H  N N 118 
GLY H2   H  N N 119 
GLY HA2  H  N N 120 
GLY HA3  H  N N 121 
GLY HXT  H  N N 122 
HIS N    N  N N 123 
HIS CA   C  N S 124 
HIS C    C  N N 125 
HIS O    O  N N 126 
HIS CB   C  N N 127 
HIS CG   C  Y N 128 
HIS ND1  N  Y N 129 
HIS CD2  C  Y N 130 
HIS CE1  C  Y N 131 
HIS NE2  N  Y N 132 
HIS OXT  O  N N 133 
HIS H    H  N N 134 
HIS H2   H  N N 135 
HIS HA   H  N N 136 
HIS HB2  H  N N 137 
HIS HB3  H  N N 138 
HIS HD1  H  N N 139 
HIS HD2  H  N N 140 
HIS HE1  H  N N 141 
HIS HE2  H  N N 142 
HIS HXT  H  N N 143 
HOH O    O  N N 144 
HOH H1   H  N N 145 
HOH H2   H  N N 146 
ILE N    N  N N 147 
ILE CA   C  N S 148 
ILE C    C  N N 149 
ILE O    O  N N 150 
ILE CB   C  N S 151 
ILE CG1  C  N N 152 
ILE CG2  C  N N 153 
ILE CD1  C  N N 154 
ILE OXT  O  N N 155 
ILE H    H  N N 156 
ILE H2   H  N N 157 
ILE HA   H  N N 158 
ILE HB   H  N N 159 
ILE HG12 H  N N 160 
ILE HG13 H  N N 161 
ILE HG21 H  N N 162 
ILE HG22 H  N N 163 
ILE HG23 H  N N 164 
ILE HD11 H  N N 165 
ILE HD12 H  N N 166 
ILE HD13 H  N N 167 
ILE HXT  H  N N 168 
LEU N    N  N N 169 
LEU CA   C  N S 170 
LEU C    C  N N 171 
LEU O    O  N N 172 
LEU CB   C  N N 173 
LEU CG   C  N N 174 
LEU CD1  C  N N 175 
LEU CD2  C  N N 176 
LEU OXT  O  N N 177 
LEU H    H  N N 178 
LEU H2   H  N N 179 
LEU HA   H  N N 180 
LEU HB2  H  N N 181 
LEU HB3  H  N N 182 
LEU HG   H  N N 183 
LEU HD11 H  N N 184 
LEU HD12 H  N N 185 
LEU HD13 H  N N 186 
LEU HD21 H  N N 187 
LEU HD22 H  N N 188 
LEU HD23 H  N N 189 
LEU HXT  H  N N 190 
LYS N    N  N N 191 
LYS CA   C  N S 192 
LYS C    C  N N 193 
LYS O    O  N N 194 
LYS CB   C  N N 195 
LYS CG   C  N N 196 
LYS CD   C  N N 197 
LYS CE   C  N N 198 
LYS NZ   N  N N 199 
LYS OXT  O  N N 200 
LYS H    H  N N 201 
LYS H2   H  N N 202 
LYS HA   H  N N 203 
LYS HB2  H  N N 204 
LYS HB3  H  N N 205 
LYS HG2  H  N N 206 
LYS HG3  H  N N 207 
LYS HD2  H  N N 208 
LYS HD3  H  N N 209 
LYS HE2  H  N N 210 
LYS HE3  H  N N 211 
LYS HZ1  H  N N 212 
LYS HZ2  H  N N 213 
LYS HZ3  H  N N 214 
LYS HXT  H  N N 215 
MSE N    N  N N 216 
MSE CA   C  N S 217 
MSE C    C  N N 218 
MSE O    O  N N 219 
MSE OXT  O  N N 220 
MSE CB   C  N N 221 
MSE CG   C  N N 222 
MSE SE   SE N N 223 
MSE CE   C  N N 224 
MSE H    H  N N 225 
MSE H2   H  N N 226 
MSE HA   H  N N 227 
MSE HXT  H  N N 228 
MSE HB2  H  N N 229 
MSE HB3  H  N N 230 
MSE HG2  H  N N 231 
MSE HG3  H  N N 232 
MSE HE1  H  N N 233 
MSE HE2  H  N N 234 
MSE HE3  H  N N 235 
PHE N    N  N N 236 
PHE CA   C  N S 237 
PHE C    C  N N 238 
PHE O    O  N N 239 
PHE CB   C  N N 240 
PHE CG   C  Y N 241 
PHE CD1  C  Y N 242 
PHE CD2  C  Y N 243 
PHE CE1  C  Y N 244 
PHE CE2  C  Y N 245 
PHE CZ   C  Y N 246 
PHE OXT  O  N N 247 
PHE H    H  N N 248 
PHE H2   H  N N 249 
PHE HA   H  N N 250 
PHE HB2  H  N N 251 
PHE HB3  H  N N 252 
PHE HD1  H  N N 253 
PHE HD2  H  N N 254 
PHE HE1  H  N N 255 
PHE HE2  H  N N 256 
PHE HZ   H  N N 257 
PHE HXT  H  N N 258 
PRO N    N  N N 259 
PRO CA   C  N S 260 
PRO C    C  N N 261 
PRO O    O  N N 262 
PRO CB   C  N N 263 
PRO CG   C  N N 264 
PRO CD   C  N N 265 
PRO OXT  O  N N 266 
PRO H    H  N N 267 
PRO HA   H  N N 268 
PRO HB2  H  N N 269 
PRO HB3  H  N N 270 
PRO HG2  H  N N 271 
PRO HG3  H  N N 272 
PRO HD2  H  N N 273 
PRO HD3  H  N N 274 
PRO HXT  H  N N 275 
SER N    N  N N 276 
SER CA   C  N S 277 
SER C    C  N N 278 
SER O    O  N N 279 
SER CB   C  N N 280 
SER OG   O  N N 281 
SER OXT  O  N N 282 
SER H    H  N N 283 
SER H2   H  N N 284 
SER HA   H  N N 285 
SER HB2  H  N N 286 
SER HB3  H  N N 287 
SER HG   H  N N 288 
SER HXT  H  N N 289 
THR N    N  N N 290 
THR CA   C  N S 291 
THR C    C  N N 292 
THR O    O  N N 293 
THR CB   C  N R 294 
THR OG1  O  N N 295 
THR CG2  C  N N 296 
THR OXT  O  N N 297 
THR H    H  N N 298 
THR H2   H  N N 299 
THR HA   H  N N 300 
THR HB   H  N N 301 
THR HG1  H  N N 302 
THR HG21 H  N N 303 
THR HG22 H  N N 304 
THR HG23 H  N N 305 
THR HXT  H  N N 306 
TYR N    N  N N 307 
TYR CA   C  N S 308 
TYR C    C  N N 309 
TYR O    O  N N 310 
TYR CB   C  N N 311 
TYR CG   C  Y N 312 
TYR CD1  C  Y N 313 
TYR CD2  C  Y N 314 
TYR CE1  C  Y N 315 
TYR CE2  C  Y N 316 
TYR CZ   C  Y N 317 
TYR OH   O  N N 318 
TYR OXT  O  N N 319 
TYR H    H  N N 320 
TYR H2   H  N N 321 
TYR HA   H  N N 322 
TYR HB2  H  N N 323 
TYR HB3  H  N N 324 
TYR HD1  H  N N 325 
TYR HD2  H  N N 326 
TYR HE1  H  N N 327 
TYR HE2  H  N N 328 
TYR HH   H  N N 329 
TYR HXT  H  N N 330 
VAL N    N  N N 331 
VAL CA   C  N S 332 
VAL C    C  N N 333 
VAL O    O  N N 334 
VAL CB   C  N N 335 
VAL CG1  C  N N 336 
VAL CG2  C  N N 337 
VAL OXT  O  N N 338 
VAL H    H  N N 339 
VAL H2   H  N N 340 
VAL HA   H  N N 341 
VAL HB   H  N N 342 
VAL HG11 H  N N 343 
VAL HG12 H  N N 344 
VAL HG13 H  N N 345 
VAL HG21 H  N N 346 
VAL HG22 H  N N 347 
VAL HG23 H  N N 348 
VAL HXT  H  N N 349 
# 
loop_
_chem_comp_bond.comp_id 
_chem_comp_bond.atom_id_1 
_chem_comp_bond.atom_id_2 
_chem_comp_bond.value_order 
_chem_comp_bond.pdbx_aromatic_flag 
_chem_comp_bond.pdbx_stereo_config 
_chem_comp_bond.pdbx_ordinal 
ALA N   CA   sing N N 1   
ALA N   H    sing N N 2   
ALA N   H2   sing N N 3   
ALA CA  C    sing N N 4   
ALA CA  CB   sing N N 5   
ALA CA  HA   sing N N 6   
ALA C   O    doub N N 7   
ALA C   OXT  sing N N 8   
ALA CB  HB1  sing N N 9   
ALA CB  HB2  sing N N 10  
ALA CB  HB3  sing N N 11  
ALA OXT HXT  sing N N 12  
ARG N   CA   sing N N 13  
ARG N   H    sing N N 14  
ARG N   H2   sing N N 15  
ARG CA  C    sing N N 16  
ARG CA  CB   sing N N 17  
ARG CA  HA   sing N N 18  
ARG C   O    doub N N 19  
ARG C   OXT  sing N N 20  
ARG CB  CG   sing N N 21  
ARG CB  HB2  sing N N 22  
ARG CB  HB3  sing N N 23  
ARG CG  CD   sing N N 24  
ARG CG  HG2  sing N N 25  
ARG CG  HG3  sing N N 26  
ARG CD  NE   sing N N 27  
ARG CD  HD2  sing N N 28  
ARG CD  HD3  sing N N 29  
ARG NE  CZ   sing N N 30  
ARG NE  HE   sing N N 31  
ARG CZ  NH1  sing N N 32  
ARG CZ  NH2  doub N N 33  
ARG NH1 HH11 sing N N 34  
ARG NH1 HH12 sing N N 35  
ARG NH2 HH21 sing N N 36  
ARG NH2 HH22 sing N N 37  
ARG OXT HXT  sing N N 38  
ASN N   CA   sing N N 39  
ASN N   H    sing N N 40  
ASN N   H2   sing N N 41  
ASN CA  C    sing N N 42  
ASN CA  CB   sing N N 43  
ASN CA  HA   sing N N 44  
ASN C   O    doub N N 45  
ASN C   OXT  sing N N 46  
ASN CB  CG   sing N N 47  
ASN CB  HB2  sing N N 48  
ASN CB  HB3  sing N N 49  
ASN CG  OD1  doub N N 50  
ASN CG  ND2  sing N N 51  
ASN ND2 HD21 sing N N 52  
ASN ND2 HD22 sing N N 53  
ASN OXT HXT  sing N N 54  
ASP N   CA   sing N N 55  
ASP N   H    sing N N 56  
ASP N   H2   sing N N 57  
ASP CA  C    sing N N 58  
ASP CA  CB   sing N N 59  
ASP CA  HA   sing N N 60  
ASP C   O    doub N N 61  
ASP C   OXT  sing N N 62  
ASP CB  CG   sing N N 63  
ASP CB  HB2  sing N N 64  
ASP CB  HB3  sing N N 65  
ASP CG  OD1  doub N N 66  
ASP CG  OD2  sing N N 67  
ASP OD2 HD2  sing N N 68  
ASP OXT HXT  sing N N 69  
GLN N   CA   sing N N 70  
GLN N   H    sing N N 71  
GLN N   H2   sing N N 72  
GLN CA  C    sing N N 73  
GLN CA  CB   sing N N 74  
GLN CA  HA   sing N N 75  
GLN C   O    doub N N 76  
GLN C   OXT  sing N N 77  
GLN CB  CG   sing N N 78  
GLN CB  HB2  sing N N 79  
GLN CB  HB3  sing N N 80  
GLN CG  CD   sing N N 81  
GLN CG  HG2  sing N N 82  
GLN CG  HG3  sing N N 83  
GLN CD  OE1  doub N N 84  
GLN CD  NE2  sing N N 85  
GLN NE2 HE21 sing N N 86  
GLN NE2 HE22 sing N N 87  
GLN OXT HXT  sing N N 88  
GLU N   CA   sing N N 89  
GLU N   H    sing N N 90  
GLU N   H2   sing N N 91  
GLU CA  C    sing N N 92  
GLU CA  CB   sing N N 93  
GLU CA  HA   sing N N 94  
GLU C   O    doub N N 95  
GLU C   OXT  sing N N 96  
GLU CB  CG   sing N N 97  
GLU CB  HB2  sing N N 98  
GLU CB  HB3  sing N N 99  
GLU CG  CD   sing N N 100 
GLU CG  HG2  sing N N 101 
GLU CG  HG3  sing N N 102 
GLU CD  OE1  doub N N 103 
GLU CD  OE2  sing N N 104 
GLU OE2 HE2  sing N N 105 
GLU OXT HXT  sing N N 106 
GLY N   CA   sing N N 107 
GLY N   H    sing N N 108 
GLY N   H2   sing N N 109 
GLY CA  C    sing N N 110 
GLY CA  HA2  sing N N 111 
GLY CA  HA3  sing N N 112 
GLY C   O    doub N N 113 
GLY C   OXT  sing N N 114 
GLY OXT HXT  sing N N 115 
HIS N   CA   sing N N 116 
HIS N   H    sing N N 117 
HIS N   H2   sing N N 118 
HIS CA  C    sing N N 119 
HIS CA  CB   sing N N 120 
HIS CA  HA   sing N N 121 
HIS C   O    doub N N 122 
HIS C   OXT  sing N N 123 
HIS CB  CG   sing N N 124 
HIS CB  HB2  sing N N 125 
HIS CB  HB3  sing N N 126 
HIS CG  ND1  sing Y N 127 
HIS CG  CD2  doub Y N 128 
HIS ND1 CE1  doub Y N 129 
HIS ND1 HD1  sing N N 130 
HIS CD2 NE2  sing Y N 131 
HIS CD2 HD2  sing N N 132 
HIS CE1 NE2  sing Y N 133 
HIS CE1 HE1  sing N N 134 
HIS NE2 HE2  sing N N 135 
HIS OXT HXT  sing N N 136 
HOH O   H1   sing N N 137 
HOH O   H2   sing N N 138 
ILE N   CA   sing N N 139 
ILE N   H    sing N N 140 
ILE N   H2   sing N N 141 
ILE CA  C    sing N N 142 
ILE CA  CB   sing N N 143 
ILE CA  HA   sing N N 144 
ILE C   O    doub N N 145 
ILE C   OXT  sing N N 146 
ILE CB  CG1  sing N N 147 
ILE CB  CG2  sing N N 148 
ILE CB  HB   sing N N 149 
ILE CG1 CD1  sing N N 150 
ILE CG1 HG12 sing N N 151 
ILE CG1 HG13 sing N N 152 
ILE CG2 HG21 sing N N 153 
ILE CG2 HG22 sing N N 154 
ILE CG2 HG23 sing N N 155 
ILE CD1 HD11 sing N N 156 
ILE CD1 HD12 sing N N 157 
ILE CD1 HD13 sing N N 158 
ILE OXT HXT  sing N N 159 
LEU N   CA   sing N N 160 
LEU N   H    sing N N 161 
LEU N   H2   sing N N 162 
LEU CA  C    sing N N 163 
LEU CA  CB   sing N N 164 
LEU CA  HA   sing N N 165 
LEU C   O    doub N N 166 
LEU C   OXT  sing N N 167 
LEU CB  CG   sing N N 168 
LEU CB  HB2  sing N N 169 
LEU CB  HB3  sing N N 170 
LEU CG  CD1  sing N N 171 
LEU CG  CD2  sing N N 172 
LEU CG  HG   sing N N 173 
LEU CD1 HD11 sing N N 174 
LEU CD1 HD12 sing N N 175 
LEU CD1 HD13 sing N N 176 
LEU CD2 HD21 sing N N 177 
LEU CD2 HD22 sing N N 178 
LEU CD2 HD23 sing N N 179 
LEU OXT HXT  sing N N 180 
LYS N   CA   sing N N 181 
LYS N   H    sing N N 182 
LYS N   H2   sing N N 183 
LYS CA  C    sing N N 184 
LYS CA  CB   sing N N 185 
LYS CA  HA   sing N N 186 
LYS C   O    doub N N 187 
LYS C   OXT  sing N N 188 
LYS CB  CG   sing N N 189 
LYS CB  HB2  sing N N 190 
LYS CB  HB3  sing N N 191 
LYS CG  CD   sing N N 192 
LYS CG  HG2  sing N N 193 
LYS CG  HG3  sing N N 194 
LYS CD  CE   sing N N 195 
LYS CD  HD2  sing N N 196 
LYS CD  HD3  sing N N 197 
LYS CE  NZ   sing N N 198 
LYS CE  HE2  sing N N 199 
LYS CE  HE3  sing N N 200 
LYS NZ  HZ1  sing N N 201 
LYS NZ  HZ2  sing N N 202 
LYS NZ  HZ3  sing N N 203 
LYS OXT HXT  sing N N 204 
MSE N   CA   sing N N 205 
MSE N   H    sing N N 206 
MSE N   H2   sing N N 207 
MSE CA  C    sing N N 208 
MSE CA  CB   sing N N 209 
MSE CA  HA   sing N N 210 
MSE C   O    doub N N 211 
MSE C   OXT  sing N N 212 
MSE OXT HXT  sing N N 213 
MSE CB  CG   sing N N 214 
MSE CB  HB2  sing N N 215 
MSE CB  HB3  sing N N 216 
MSE CG  SE   sing N N 217 
MSE CG  HG2  sing N N 218 
MSE CG  HG3  sing N N 219 
MSE SE  CE   sing N N 220 
MSE CE  HE1  sing N N 221 
MSE CE  HE2  sing N N 222 
MSE CE  HE3  sing N N 223 
PHE N   CA   sing N N 224 
PHE N   H    sing N N 225 
PHE N   H2   sing N N 226 
PHE CA  C    sing N N 227 
PHE CA  CB   sing N N 228 
PHE CA  HA   sing N N 229 
PHE C   O    doub N N 230 
PHE C   OXT  sing N N 231 
PHE CB  CG   sing N N 232 
PHE CB  HB2  sing N N 233 
PHE CB  HB3  sing N N 234 
PHE CG  CD1  doub Y N 235 
PHE CG  CD2  sing Y N 236 
PHE CD1 CE1  sing Y N 237 
PHE CD1 HD1  sing N N 238 
PHE CD2 CE2  doub Y N 239 
PHE CD2 HD2  sing N N 240 
PHE CE1 CZ   doub Y N 241 
PHE CE1 HE1  sing N N 242 
PHE CE2 CZ   sing Y N 243 
PHE CE2 HE2  sing N N 244 
PHE CZ  HZ   sing N N 245 
PHE OXT HXT  sing N N 246 
PRO N   CA   sing N N 247 
PRO N   CD   sing N N 248 
PRO N   H    sing N N 249 
PRO CA  C    sing N N 250 
PRO CA  CB   sing N N 251 
PRO CA  HA   sing N N 252 
PRO C   O    doub N N 253 
PRO C   OXT  sing N N 254 
PRO CB  CG   sing N N 255 
PRO CB  HB2  sing N N 256 
PRO CB  HB3  sing N N 257 
PRO CG  CD   sing N N 258 
PRO CG  HG2  sing N N 259 
PRO CG  HG3  sing N N 260 
PRO CD  HD2  sing N N 261 
PRO CD  HD3  sing N N 262 
PRO OXT HXT  sing N N 263 
SER N   CA   sing N N 264 
SER N   H    sing N N 265 
SER N   H2   sing N N 266 
SER CA  C    sing N N 267 
SER CA  CB   sing N N 268 
SER CA  HA   sing N N 269 
SER C   O    doub N N 270 
SER C   OXT  sing N N 271 
SER CB  OG   sing N N 272 
SER CB  HB2  sing N N 273 
SER CB  HB3  sing N N 274 
SER OG  HG   sing N N 275 
SER OXT HXT  sing N N 276 
THR N   CA   sing N N 277 
THR N   H    sing N N 278 
THR N   H2   sing N N 279 
THR CA  C    sing N N 280 
THR CA  CB   sing N N 281 
THR CA  HA   sing N N 282 
THR C   O    doub N N 283 
THR C   OXT  sing N N 284 
THR CB  OG1  sing N N 285 
THR CB  CG2  sing N N 286 
THR CB  HB   sing N N 287 
THR OG1 HG1  sing N N 288 
THR CG2 HG21 sing N N 289 
THR CG2 HG22 sing N N 290 
THR CG2 HG23 sing N N 291 
THR OXT HXT  sing N N 292 
TYR N   CA   sing N N 293 
TYR N   H    sing N N 294 
TYR N   H2   sing N N 295 
TYR CA  C    sing N N 296 
TYR CA  CB   sing N N 297 
TYR CA  HA   sing N N 298 
TYR C   O    doub N N 299 
TYR C   OXT  sing N N 300 
TYR CB  CG   sing N N 301 
TYR CB  HB2  sing N N 302 
TYR CB  HB3  sing N N 303 
TYR CG  CD1  doub Y N 304 
TYR CG  CD2  sing Y N 305 
TYR CD1 CE1  sing Y N 306 
TYR CD1 HD1  sing N N 307 
TYR CD2 CE2  doub Y N 308 
TYR CD2 HD2  sing N N 309 
TYR CE1 CZ   doub Y N 310 
TYR CE1 HE1  sing N N 311 
TYR CE2 CZ   sing Y N 312 
TYR CE2 HE2  sing N N 313 
TYR CZ  OH   sing N N 314 
TYR OH  HH   sing N N 315 
TYR OXT HXT  sing N N 316 
VAL N   CA   sing N N 317 
VAL N   H    sing N N 318 
VAL N   H2   sing N N 319 
VAL CA  C    sing N N 320 
VAL CA  CB   sing N N 321 
VAL CA  HA   sing N N 322 
VAL C   O    doub N N 323 
VAL C   OXT  sing N N 324 
VAL CB  CG1  sing N N 325 
VAL CB  CG2  sing N N 326 
VAL CB  HB   sing N N 327 
VAL CG1 HG11 sing N N 328 
VAL CG1 HG12 sing N N 329 
VAL CG1 HG13 sing N N 330 
VAL CG2 HG21 sing N N 331 
VAL CG2 HG22 sing N N 332 
VAL CG2 HG23 sing N N 333 
VAL OXT HXT  sing N N 334 
# 
loop_
_pdbx_audit_support.funding_organization 
_pdbx_audit_support.country 
_pdbx_audit_support.grant_number 
_pdbx_audit_support.ordinal 
'National Research Foundation (NRF, Korea)' 'Korea, Republic Of' KGM9952421   1 
'Other government'                          'Korea, Republic Of' CRC22021-700 2 
# 
_atom_sites.entry_id                    9KNS 
_atom_sites.Cartn_transf_matrix[1][1]   ? 
_atom_sites.Cartn_transf_matrix[1][2]   ? 
_atom_sites.Cartn_transf_matrix[1][3]   ? 
_atom_sites.Cartn_transf_matrix[2][1]   ? 
_atom_sites.Cartn_transf_matrix[2][2]   ? 
_atom_sites.Cartn_transf_matrix[2][3]   ? 
_atom_sites.Cartn_transf_matrix[3][1]   ? 
_atom_sites.Cartn_transf_matrix[3][2]   ? 
_atom_sites.Cartn_transf_matrix[3][3]   ? 
_atom_sites.Cartn_transf_vector[1]      ? 
_atom_sites.Cartn_transf_vector[2]      ? 
_atom_sites.Cartn_transf_vector[3]      ? 
_atom_sites.Cartn_transform_axes        ? 
_atom_sites.fract_transf_matrix[1][1]   -0.01148893 
_atom_sites.fract_transf_matrix[1][2]   0.00821587 
_atom_sites.fract_transf_matrix[1][3]   -0.00394040 
_atom_sites.fract_transf_matrix[2][1]   0.00194213 
_atom_sites.fract_transf_matrix[2][2]   0.01160499 
_atom_sites.fract_transf_matrix[2][3]   -0.00874962 
_atom_sites.fract_transf_matrix[3][1]   -0.00078020 
_atom_sites.fract_transf_matrix[3][2]   -0.00322661 
_atom_sites.fract_transf_matrix[3][3]   -0.00445277 
_atom_sites.fract_transf_vector[1]      -0.138868 
_atom_sites.fract_transf_vector[2]      -0.410152 
_atom_sites.fract_transf_vector[3]      -0.026433 
_atom_sites.solution_primary            ? 
_atom_sites.solution_secondary          ? 
_atom_sites.solution_hydrogens          ? 
_atom_sites.special_details             ? 
# 
loop_
_atom_type.symbol 
C  
N  
O  
SE 
# 
loop_
_atom_site.group_PDB 
_atom_site.id 
_atom_site.type_symbol 
_atom_site.label_atom_id 
_atom_site.label_alt_id 
_atom_site.label_comp_id 
_atom_site.label_asym_id 
_atom_site.label_entity_id 
_atom_site.label_seq_id 
_atom_site.pdbx_PDB_ins_code 
_atom_site.Cartn_x 
_atom_site.Cartn_y 
_atom_site.Cartn_z 
_atom_site.occupancy 
_atom_site.B_iso_or_equiv 
_atom_site.pdbx_formal_charge 
_atom_site.auth_seq_id 
_atom_site.auth_comp_id 
_atom_site.auth_asym_id 
_atom_site.auth_atom_id 
_atom_site.pdbx_PDB_model_num 
ATOM   1    N  N   . GLY A 1 1  ? 16.195  46.859  -22.201 1.00 77.30  ? 550 GLY A N   1 
ATOM   2    C  CA  . GLY A 1 1  ? 17.385  46.057  -22.442 1.00 82.14  ? 550 GLY A CA  1 
ATOM   3    C  C   . GLY A 1 1  ? 17.116  44.785  -23.228 1.00 82.54  ? 550 GLY A C   1 
ATOM   4    O  O   . GLY A 1 1  ? 15.989  44.300  -23.284 1.00 79.77  ? 550 GLY A O   1 
ATOM   5    N  N   . HIS A 1 2  ? 18.159  44.262  -23.870 1.00 80.36  ? 551 HIS A N   1 
ATOM   6    C  CA  . HIS A 1 2  ? 18.125  42.951  -24.513 1.00 77.19  ? 551 HIS A CA  1 
ATOM   7    C  C   . HIS A 1 2  ? 19.030  41.944  -23.820 1.00 78.75  ? 551 HIS A C   1 
ATOM   8    O  O   . HIS A 1 2  ? 18.620  40.818  -23.545 1.00 70.80  ? 551 HIS A O   1 
ATOM   9    C  CB  . HIS A 1 2  ? 18.548  43.042  -25.988 1.00 77.91  ? 551 HIS A CB  1 
ATOM   10   C  CG  . HIS A 1 2  ? 19.367  41.868  -26.421 1.00 86.94  ? 551 HIS A CG  1 
ATOM   11   N  ND1 . HIS A 1 2  ? 18.833  40.602  -26.560 1.00 88.87  ? 551 HIS A ND1 1 
ATOM   12   C  CD2 . HIS A 1 2  ? 20.698  41.741  -26.650 1.00 91.38  ? 551 HIS A CD2 1 
ATOM   13   C  CE1 . HIS A 1 2  ? 19.791  39.757  -26.897 1.00 81.99  ? 551 HIS A CE1 1 
ATOM   14   N  NE2 . HIS A 1 2  ? 20.934  40.423  -26.954 1.00 95.50  ? 551 HIS A NE2 1 
HETATM 15   N  N   . MSE A 1 3  ? 20.287  42.322  -23.608 1.00 87.43  ? 552 MSE A N   1 
HETATM 16   C  CA  . MSE A 1 3  ? 21.260  41.608  -22.789 1.00 82.08  ? 552 MSE A CA  1 
HETATM 17   C  C   . MSE A 1 3  ? 20.673  41.238  -21.419 1.00 70.91  ? 552 MSE A C   1 
HETATM 18   O  O   . MSE A 1 3  ? 20.897  40.143  -20.895 1.00 54.77  ? 552 MSE A O   1 
HETATM 19   C  CB  . MSE A 1 3  ? 22.498  42.469  -22.655 1.00 83.89  ? 552 MSE A CB  1 
HETATM 20   C  CG  . MSE A 1 3  ? 23.441  42.171  -21.516 1.00 88.03  ? 552 MSE A CG  1 
HETATM 21   SE SE  . MSE A 1 3  ? 25.004  43.366  -21.606 1.00 170.18 ? 552 MSE A SE  1 
HETATM 22   C  CE  . MSE A 1 3  ? 24.874  43.960  -23.466 1.00 91.46  ? 552 MSE A CE  1 
ATOM   23   N  N   . GLU A 1 4  ? 19.884  42.162  -20.882 1.00 70.90  ? 553 GLU A N   1 
ATOM   24   C  CA  . GLU A 1 4  ? 19.283  41.967  -19.575 1.00 65.49  ? 553 GLU A CA  1 
ATOM   25   C  C   . GLU A 1 4  ? 18.125  40.965  -19.614 1.00 63.31  ? 553 GLU A C   1 
ATOM   26   O  O   . GLU A 1 4  ? 17.891  40.275  -18.619 1.00 67.43  ? 553 GLU A O   1 
ATOM   27   C  CB  . GLU A 1 4  ? 18.866  43.339  -19.026 1.00 75.03  ? 553 GLU A CB  1 
ATOM   28   C  CG  . GLU A 1 4  ? 17.810  43.366  -17.933 1.00 72.87  ? 553 GLU A CG  1 
ATOM   29   C  CD  . GLU A 1 4  ? 16.450  43.756  -18.487 1.00 84.27  ? 553 GLU A CD  1 
ATOM   30   O  OE1 . GLU A 1 4  ? 16.408  44.334  -19.603 1.00 84.90  ? 553 GLU A OE1 1 
ATOM   31   O  OE2 . GLU A 1 4  ? 15.426  43.478  -17.819 1.00 84.10  ? 553 GLU A OE2 1 
ATOM   32   N  N   . LYS A 1 5  ? 17.413  40.836  -20.740 1.00 62.28  ? 554 LYS A N   1 
ATOM   33   C  CA  . LYS A 1 5  ? 16.377  39.810  -20.845 1.00 52.96  ? 554 LYS A CA  1 
ATOM   34   C  C   . LYS A 1 5  ? 16.954  38.420  -21.092 1.00 41.55  ? 554 LYS A C   1 
ATOM   35   O  O   . LYS A 1 5  ? 16.338  37.426  -20.704 1.00 41.08  ? 554 LYS A O   1 
ATOM   36   C  CB  . LYS A 1 5  ? 15.368  40.170  -21.943 1.00 46.73  ? 554 LYS A CB  1 
ATOM   37   C  CG  . LYS A 1 5  ? 14.343  41.157  -21.455 1.00 60.92  ? 554 LYS A CG  1 
ATOM   38   C  CD  . LYS A 1 5  ? 13.435  41.661  -22.568 1.00 63.19  ? 554 LYS A CD  1 
ATOM   39   C  CE  . LYS A 1 5  ? 12.755  42.985  -22.166 1.00 69.71  ? 554 LYS A CE  1 
ATOM   40   N  NZ  . LYS A 1 5  ? 13.225  43.581  -20.860 1.00 70.49  ? 554 LYS A NZ  1 
ATOM   41   N  N   . LEU A 1 6  ? 18.105  38.312  -21.744 1.00 38.84  ? 555 LEU A N   1 
ATOM   42   C  CA  . LEU A 1 6  ? 18.744  37.008  -21.833 1.00 37.88  ? 555 LEU A CA  1 
ATOM   43   C  C   . LEU A 1 6  ? 19.167  36.525  -20.460 1.00 39.12  ? 555 LEU A C   1 
ATOM   44   O  O   . LEU A 1 6  ? 19.091  35.327  -20.158 1.00 36.75  ? 555 LEU A O   1 
ATOM   45   C  CB  . LEU A 1 6  ? 19.957  37.068  -22.757 1.00 37.34  ? 555 LEU A CB  1 
ATOM   46   C  CG  . LEU A 1 6  ? 20.454  35.714  -23.227 1.00 38.07  ? 555 LEU A CG  1 
ATOM   47   C  CD1 . LEU A 1 6  ? 19.282  34.906  -23.795 1.00 42.10  ? 555 LEU A CD1 1 
ATOM   48   C  CD2 . LEU A 1 6  ? 21.485  35.902  -24.286 1.00 40.11  ? 555 LEU A CD2 1 
ATOM   49   N  N   . HIS A 1 7  ? 19.600  37.449  -19.614 1.00 41.35  ? 556 HIS A N   1 
ATOM   50   C  CA  . HIS A 1 7  ? 20.015  37.094  -18.269 1.00 38.17  ? 556 HIS A CA  1 
ATOM   51   C  C   . HIS A 1 7  ? 18.833  36.615  -17.454 1.00 35.08  ? 556 HIS A C   1 
ATOM   52   O  O   . HIS A 1 7  ? 18.933  35.622  -16.726 1.00 34.53  ? 556 HIS A O   1 
ATOM   53   C  CB  . HIS A 1 7  ? 20.675  38.295  -17.600 1.00 38.04  ? 556 HIS A CB  1 
ATOM   54   C  CG  . HIS A 1 7  ? 22.159  38.287  -17.710 1.00 45.66  ? 556 HIS A CG  1 
ATOM   55   N  ND1 . HIS A 1 7  ? 22.945  37.368  -17.049 1.00 51.12  ? 556 HIS A ND1 1 
ATOM   56   C  CD2 . HIS A 1 7  ? 23.004  39.072  -18.421 1.00 55.42  ? 556 HIS A CD2 1 
ATOM   57   C  CE1 . HIS A 1 7  ? 24.217  37.601  -17.334 1.00 58.63  ? 556 HIS A CE1 1 
ATOM   58   N  NE2 . HIS A 1 7  ? 24.280  38.628  -18.167 1.00 57.25  ? 556 HIS A NE2 1 
ATOM   59   N  N   . GLU A 1 8  ? 17.712  37.326  -17.538 1.00 32.20  ? 557 GLU A N   1 
ATOM   60   C  CA  . GLU A 1 8  ? 16.544  36.895  -16.794 1.00 35.28  ? 557 GLU A CA  1 
ATOM   61   C  C   . GLU A 1 8  ? 16.079  35.542  -17.274 1.00 33.04  ? 557 GLU A C   1 
ATOM   62   O  O   . GLU A 1 8  ? 15.627  34.719  -16.468 1.00 31.67  ? 557 GLU A O   1 
ATOM   63   C  CB  . GLU A 1 8  ? 15.433  37.924  -16.915 1.00 37.74  ? 557 GLU A CB  1 
ATOM   64   C  CG  . GLU A 1 8  ? 15.907  39.283  -16.470 1.00 42.68  ? 557 GLU A CG  1 
ATOM   65   C  CD  . GLU A 1 8  ? 14.775  40.247  -16.280 1.00 56.03  ? 557 GLU A CD  1 
ATOM   66   O  OE1 . GLU A 1 8  ? 14.669  40.815  -15.169 1.00 52.66  ? 557 GLU A OE1 1 
ATOM   67   O  OE2 . GLU A 1 8  ? 13.988  40.426  -17.239 1.00 68.96  ? 557 GLU A OE2 1 
ATOM   68   N  N   . ALA A 1 9  ? 16.242  35.274  -18.570 1.00 29.60  ? 558 ALA A N   1 
ATOM   69   C  CA  . ALA A 1 9  ? 15.749  34.022  -19.119 1.00 29.46  ? 558 ALA A CA  1 
ATOM   70   C  C   . ALA A 1 9  ? 16.666  32.868  -18.755 1.00 27.88  ? 558 ALA A C   1 
ATOM   71   O  O   . ALA A 1 9  ? 16.189  31.785  -18.410 1.00 29.07  ? 558 ALA A O   1 
ATOM   72   C  CB  . ALA A 1 9  ? 15.585  34.125  -20.632 1.00 24.85  ? 558 ALA A CB  1 
ATOM   73   N  N   . ASN A 1 10 ? 17.979  33.072  -18.817 1.00 27.01  ? 559 ASN A N   1 
ATOM   74   C  CA  . ASN A 1 10 ? 18.881  31.967  -18.494 1.00 32.51  ? 559 ASN A CA  1 
ATOM   75   C  C   . ASN A 1 10 ? 18.787  31.601  -17.020 1.00 28.87  ? 559 ASN A C   1 
ATOM   76   O  O   . ASN A 1 10 ? 18.826  30.416  -16.667 1.00 22.85  ? 559 ASN A O   1 
ATOM   77   C  CB  . ASN A 1 10 ? 20.324  32.309  -18.882 1.00 25.65  ? 559 ASN A CB  1 
ATOM   78   C  CG  . ASN A 1 10 ? 20.590  32.083  -20.354 1.00 31.10  ? 559 ASN A CG  1 
ATOM   79   O  OD1 . ASN A 1 10 ? 20.101  31.119  -20.940 1.00 32.77  ? 559 ASN A OD1 1 
ATOM   80   N  ND2 . ASN A 1 10 ? 21.351  32.982  -20.969 1.00 37.46  ? 559 ASN A ND2 1 
ATOM   81   N  N   . ASN A 1 11 ? 18.633  32.605  -16.150 1.00 25.93  ? 560 ASN A N   1 
ATOM   82   C  CA  . ASN A 1 11 ? 18.494  32.331  -14.726 1.00 26.21  ? 560 ASN A CA  1 
ATOM   83   C  C   . ASN A 1 11 ? 17.215  31.552  -14.438 1.00 26.78  ? 560 ASN A C   1 
ATOM   84   O  O   . ASN A 1 11 ? 17.235  30.554  -13.708 1.00 23.58  ? 560 ASN A O   1 
ATOM   85   C  CB  . ASN A 1 11 ? 18.527  33.633  -13.940 1.00 22.80  ? 560 ASN A CB  1 
ATOM   86   C  CG  . ASN A 1 11 ? 19.909  34.216  -13.882 1.00 25.93  ? 560 ASN A CG  1 
ATOM   87   O  OD1 . ASN A 1 11 ? 20.881  33.495  -14.098 1.00 24.90  ? 560 ASN A OD1 1 
ATOM   88   N  ND2 . ASN A 1 11 ? 20.017  35.522  -13.601 1.00 24.58  ? 560 ASN A ND2 1 
ATOM   89   N  N   . GLU A 1 12 ? 16.093  31.972  -15.036 1.00 26.01  ? 561 GLU A N   1 
ATOM   90   C  CA  . GLU A 1 12 ? 14.866  31.214  -14.850 1.00 24.03  ? 561 GLU A CA  1 
ATOM   91   C  C   . GLU A 1 12 ? 15.011  29.784  -15.356 1.00 27.22  ? 561 GLU A C   1 
ATOM   92   O  O   . GLU A 1 12 ? 14.437  28.861  -14.764 1.00 24.72  ? 561 GLU A O   1 
ATOM   93   C  CB  . GLU A 1 12 ? 13.683  31.895  -15.526 1.00 21.70  ? 561 GLU A CB  1 
ATOM   94   C  CG  . GLU A 1 12 ? 12.380  31.587  -14.788 1.00 19.33  ? 561 GLU A CG  1 
ATOM   95   C  CD  . GLU A 1 12 ? 11.132  32.015  -15.526 1.00 32.58  ? 561 GLU A CD  1 
ATOM   96   O  OE1 . GLU A 1 12 ? 11.210  32.425  -16.709 1.00 39.78  ? 561 GLU A OE1 1 
ATOM   97   O  OE2 . GLU A 1 12 ? 10.048  31.969  -14.907 1.00 42.18  ? 561 GLU A OE2 1 
ATOM   98   N  N   . LEU A 1 13 ? 15.791  29.571  -16.418 1.00 22.68  ? 562 LEU A N   1 
ATOM   99   C  CA  . LEU A 1 13 ? 16.039  28.206  -16.864 1.00 23.12  ? 562 LEU A CA  1 
ATOM   100  C  C   . LEU A 1 13 ? 16.799  27.422  -15.815 1.00 25.58  ? 562 LEU A C   1 
ATOM   101  O  O   . LEU A 1 13 ? 16.537  26.229  -15.609 1.00 28.25  ? 562 LEU A O   1 
ATOM   102  C  CB  . LEU A 1 13 ? 16.814  28.190  -18.168 1.00 27.07  ? 562 LEU A CB  1 
ATOM   103  C  CG  . LEU A 1 13 ? 16.003  28.338  -19.435 1.00 32.55  ? 562 LEU A CG  1 
ATOM   104  C  CD1 . LEU A 1 13 ? 16.963  28.437  -20.614 1.00 29.59  ? 562 LEU A CD1 1 
ATOM   105  C  CD2 . LEU A 1 13 ? 15.035  27.164  -19.580 1.00 26.96  ? 562 LEU A CD2 1 
ATOM   106  N  N   . GLN A 1 14 ? 17.757  28.068  -15.152 1.00 23.43  ? 563 GLN A N   1 
ATOM   107  C  CA  . GLN A 1 14 ? 18.472  27.393  -14.079 1.00 27.81  ? 563 GLN A CA  1 
ATOM   108  C  C   . GLN A 1 14 ? 17.532  27.113  -12.906 1.00 30.10  ? 563 GLN A C   1 
ATOM   109  O  O   . GLN A 1 14 ? 17.637  26.068  -12.248 1.00 24.67  ? 563 GLN A O   1 
ATOM   110  C  CB  . GLN A 1 14 ? 19.676  28.233  -13.657 1.00 22.38  ? 563 GLN A CB  1 
ATOM   111  C  CG  . GLN A 1 14 ? 20.490  27.661  -12.521 1.00 32.76  ? 563 GLN A CG  1 
ATOM   112  C  CD  . GLN A 1 14 ? 20.700  26.160  -12.638 1.00 48.57  ? 563 GLN A CD  1 
ATOM   113  O  OE1 . GLN A 1 14 ? 20.366  25.391  -11.720 1.00 44.55  ? 563 GLN A OE1 1 
ATOM   114  N  NE2 . GLN A 1 14 ? 21.255  25.728  -13.780 1.00 51.62  ? 563 GLN A NE2 1 
ATOM   115  N  N   . LYS A 1 15 ? 16.580  28.023  -12.661 1.00 22.40  ? 564 LYS A N   1 
ATOM   116  C  CA  . LYS A 1 15 ? 15.580  27.806  -11.626 1.00 19.07  ? 564 LYS A CA  1 
ATOM   117  C  C   . LYS A 1 15 ? 14.679  26.619  -11.969 1.00 22.76  ? 564 LYS A C   1 
ATOM   118  O  O   . LYS A 1 15 ? 14.425  25.750  -11.128 1.00 23.47  ? 564 LYS A O   1 
ATOM   119  C  CB  . LYS A 1 15 ? 14.749  29.073  -11.436 1.00 19.41  ? 564 LYS A CB  1 
ATOM   120  C  CG  . LYS A 1 15 ? 13.510  28.874  -10.559 1.00 18.64  ? 564 LYS A CG  1 
ATOM   121  C  CD  . LYS A 1 15 ? 12.650  30.131  -10.480 1.00 16.35  ? 564 LYS A CD  1 
ATOM   122  C  CE  . LYS A 1 15 ? 11.692  30.051  -9.303  1.00 18.76  ? 564 LYS A CE  1 
ATOM   123  N  NZ  . LYS A 1 15 ? 10.607  31.077  -9.407  1.00 28.70  ? 564 LYS A NZ  1 
ATOM   124  N  N   . LYS A 1 16 ? 14.178  26.564  -13.197 1.00 20.82  ? 565 LYS A N   1 
ATOM   125  C  CA  . LYS A 1 16 ? 13.312  25.448  -13.531 1.00 23.87  ? 565 LYS A CA  1 
ATOM   126  C  C   . LYS A 1 16 ? 14.107  24.142  -13.531 1.00 24.49  ? 565 LYS A C   1 
ATOM   127  O  O   . LYS A 1 16 ? 13.602  23.095  -13.110 1.00 23.23  ? 565 LYS A O   1 
ATOM   128  C  CB  . LYS A 1 16 ? 12.614  25.725  -14.871 1.00 20.20  ? 565 LYS A CB  1 
ATOM   129  C  CG  . LYS A 1 16 ? 11.857  27.045  -14.801 1.00 18.42  ? 565 LYS A CG  1 
ATOM   130  C  CD  . LYS A 1 16 ? 10.591  27.198  -15.625 1.00 15.55  ? 565 LYS A CD  1 
ATOM   131  C  CE  . LYS A 1 16 ? 9.646   28.160  -14.831 1.00 23.89  ? 565 LYS A CE  1 
ATOM   132  N  NZ  . LYS A 1 16 ? 8.666   28.996  -15.580 1.00 31.72  ? 565 LYS A NZ  1 
ATOM   133  N  N   . ARG A 1 17 ? 15.366  24.200  -13.940 1.00 24.19  ? 566 ARG A N   1 
ATOM   134  C  CA  . ARG A 1 17 ? 16.199  23.015  -13.895 1.00 22.61  ? 566 ARG A CA  1 
ATOM   135  C  C   . ARG A 1 17 ? 16.269  22.468  -12.474 1.00 26.37  ? 566 ARG A C   1 
ATOM   136  O  O   . ARG A 1 17 ? 16.150  21.260  -12.251 1.00 30.97  ? 566 ARG A O   1 
ATOM   137  C  CB  . ARG A 1 17 ? 17.576  23.388  -14.443 1.00 28.38  ? 566 ARG A CB  1 
ATOM   138  C  CG  . ARG A 1 17 ? 18.448  22.251  -14.918 1.00 39.24  ? 566 ARG A CG  1 
ATOM   139  C  CD  . ARG A 1 17 ? 19.699  22.774  -15.640 1.00 46.71  ? 566 ARG A CD  1 
ATOM   140  N  NE  . ARG A 1 17 ? 19.397  23.255  -16.996 1.00 56.61  ? 566 ARG A NE  1 
ATOM   141  C  CZ  . ARG A 1 17 ? 19.515  24.517  -17.417 1.00 51.39  ? 566 ARG A CZ  1 
ATOM   142  N  NH1 . ARG A 1 17 ? 19.956  25.485  -16.601 1.00 41.72  ? 566 ARG A NH1 1 
ATOM   143  N  NH2 . ARG A 1 17 ? 19.194  24.807  -18.675 1.00 46.49  ? 566 ARG A NH2 1 
ATOM   144  N  N   . ALA A 1 18 ? 16.408  23.354  -11.492 1.00 26.84  ? 567 ALA A N   1 
ATOM   145  C  CA  . ALA A 1 18 ? 16.551  22.919  -10.112 1.00 25.29  ? 567 ALA A CA  1 
ATOM   146  C  C   . ALA A 1 18 ? 15.234  22.369  -9.573  1.00 24.80  ? 567 ALA A C   1 
ATOM   147  O  O   . ALA A 1 18 ? 15.210  21.333  -8.891  1.00 22.17  ? 567 ALA A O   1 
ATOM   148  C  CB  . ALA A 1 18 ? 17.064  24.089  -9.271  1.00 19.62  ? 567 ALA A CB  1 
ATOM   149  N  N   . ILE A 1 19 ? 14.131  23.056  -9.871  1.00 20.77  ? 568 ILE A N   1 
ATOM   150  C  CA  . ILE A 1 19 ? 12.794  22.530  -9.590  1.00 18.89  ? 568 ILE A CA  1 
ATOM   151  C  C   . ILE A 1 19 ? 12.636  21.108  -10.117 1.00 23.99  ? 568 ILE A C   1 
ATOM   152  O  O   . ILE A 1 19 ? 12.059  20.245  -9.450  1.00 26.06  ? 568 ILE A O   1 
ATOM   153  C  CB  . ILE A 1 19 ? 11.734  23.454  -10.200 1.00 16.48  ? 568 ILE A CB  1 
ATOM   154  C  CG1 . ILE A 1 19 ? 11.732  24.800  -9.473  1.00 17.65  ? 568 ILE A CG1 1 
ATOM   155  C  CG2 . ILE A 1 19 ? 10.398  22.783  -10.185 1.00 17.46  ? 568 ILE A CG2 1 
ATOM   156  C  CD1 . ILE A 1 19 ? 10.910  25.877  -10.175 1.00 15.44  ? 568 ILE A CD1 1 
ATOM   157  N  N   . ILE A 1 20 ? 13.133  20.840  -11.327 1.00 21.21  ? 569 ILE A N   1 
ATOM   158  C  CA  . ILE A 1 20 ? 12.892  19.533  -11.918 1.00 18.39  ? 569 ILE A CA  1 
ATOM   159  C  C   . ILE A 1 20 ? 13.809  18.483  -11.306 1.00 21.47  ? 569 ILE A C   1 
ATOM   160  O  O   . ILE A 1 20 ? 13.390  17.354  -11.039 1.00 19.29  ? 569 ILE A O   1 
ATOM   161  C  CB  . ILE A 1 20 ? 13.038  19.630  -13.447 1.00 19.41  ? 569 ILE A CB  1 
ATOM   162  C  CG1 . ILE A 1 20 ? 11.893  20.477  -13.986 1.00 17.86  ? 569 ILE A CG1 1 
ATOM   163  C  CG2 . ILE A 1 20 ? 12.976  18.250  -14.109 1.00 14.84  ? 569 ILE A CG2 1 
ATOM   164  C  CD1 . ILE A 1 20 ? 11.934  20.683  -15.415 1.00 17.45  ? 569 ILE A CD1 1 
ATOM   165  N  N   . GLU A 1 21 ? 15.072  18.829  -11.065 1.00 22.61  ? 570 GLU A N   1 
ATOM   166  C  CA  . GLU A 1 21 ? 15.968  17.838  -10.496 1.00 21.51  ? 570 GLU A CA  1 
ATOM   167  C  C   . GLU A 1 21 ? 15.563  17.464  -9.073  1.00 26.33  ? 570 GLU A C   1 
ATOM   168  O  O   . GLU A 1 21 ? 15.917  16.378  -8.601  1.00 25.09  ? 570 GLU A O   1 
ATOM   169  C  CB  . GLU A 1 21 ? 17.399  18.356  -10.523 1.00 27.73  ? 570 GLU A CB  1 
ATOM   170  C  CG  . GLU A 1 21 ? 17.952  18.641  -11.914 1.00 38.95  ? 570 GLU A CG  1 
ATOM   171  C  CD  . GLU A 1 21 ? 19.226  19.500  -11.859 1.00 59.18  ? 570 GLU A CD  1 
ATOM   172  O  OE1 . GLU A 1 21 ? 19.803  19.804  -12.940 1.00 49.68  ? 570 GLU A OE1 1 
ATOM   173  O  OE2 . GLU A 1 21 ? 19.635  19.875  -10.722 1.00 58.88  ? 570 GLU A OE2 1 
ATOM   174  N  N   . ASP A 1 22 ? 14.839  18.331  -8.371  1.00 22.36  ? 571 ASP A N   1 
ATOM   175  C  CA  . ASP A 1 22 ? 14.456  17.970  -7.022  1.00 23.00  ? 571 ASP A CA  1 
ATOM   176  C  C   . ASP A 1 22 ? 13.192  17.129  -7.012  1.00 26.63  ? 571 ASP A C   1 
ATOM   177  O  O   . ASP A 1 22 ? 13.086  16.167  -6.244  1.00 32.47  ? 571 ASP A O   1 
ATOM   178  C  CB  . ASP A 1 22 ? 14.249  19.212  -6.174  1.00 24.79  ? 571 ASP A CB  1 
ATOM   179  C  CG  . ASP A 1 22 ? 13.948  18.866  -4.737  1.00 29.41  ? 571 ASP A CG  1 
ATOM   180  O  OD1 . ASP A 1 22 ? 14.875  18.387  -4.038  1.00 34.65  ? 571 ASP A OD1 1 
ATOM   181  O  OD2 . ASP A 1 22 ? 12.798  19.051  -4.308  1.00 29.56  ? 571 ASP A OD2 1 
ATOM   182  N  N   . LEU A 1 23 ? 12.236  17.476  -7.867  1.00 22.18  ? 572 LEU A N   1 
ATOM   183  C  CA  . LEU A 1 23 ? 10.936  16.842  -7.889  1.00 21.45  ? 572 LEU A CA  1 
ATOM   184  C  C   . LEU A 1 23 ? 10.967  15.452  -8.526  1.00 29.84  ? 572 LEU A C   1 
ATOM   185  O  O   . LEU A 1 23 ? 10.167  14.584  -8.148  1.00 29.50  ? 572 LEU A O   1 
ATOM   186  C  CB  . LEU A 1 23 ? 9.976   17.748  -8.634  1.00 18.46  ? 572 LEU A CB  1 
ATOM   187  C  CG  . LEU A 1 23 ? 8.558   17.282  -8.914  1.00 24.87  ? 572 LEU A CG  1 
ATOM   188  C  CD1 . LEU A 1 23 ? 7.744   17.207  -7.634  1.00 22.48  ? 572 LEU A CD1 1 
ATOM   189  C  CD2 . LEU A 1 23 ? 7.928   18.248  -9.882  1.00 29.39  ? 572 LEU A CD2 1 
ATOM   190  N  N   . GLU A 1 24 ? 11.892  15.207  -9.470  1.00 28.40  ? 573 GLU A N   1 
ATOM   191  C  CA  . GLU A 1 24 ? 11.858  13.931  -10.201 1.00 30.39  ? 573 GLU A CA  1 
ATOM   192  C  C   . GLU A 1 24 ? 12.212  12.734  -9.316  1.00 29.02  ? 573 GLU A C   1 
ATOM   193  O  O   . GLU A 1 24 ? 11.414  11.790  -9.243  1.00 31.69  ? 573 GLU A O   1 
ATOM   194  C  CB  . GLU A 1 24 ? 12.724  14.031  -11.451 1.00 26.38  ? 573 GLU A CB  1 
ATOM   195  C  CG  . GLU A 1 24 ? 11.900  14.521  -12.615 1.00 27.54  ? 573 GLU A CG  1 
ATOM   196  C  CD  . GLU A 1 24 ? 12.635  14.591  -13.949 1.00 33.54  ? 573 GLU A CD  1 
ATOM   197  O  OE1 . GLU A 1 24 ? 13.807  14.165  -14.081 1.00 31.79  ? 573 GLU A OE1 1 
ATOM   198  O  OE2 . GLU A 1 24 ? 11.979  15.068  -14.896 1.00 39.82  ? 573 GLU A OE2 1 
ATOM   199  N  N   . PRO A 1 25 ? 13.356  12.713  -8.629  1.00 24.58  ? 574 PRO A N   1 
ATOM   200  C  CA  . PRO A 1 25 ? 13.600  11.574  -7.726  1.00 26.77  ? 574 PRO A CA  1 
ATOM   201  C  C   . PRO A 1 25 ? 12.504  11.411  -6.692  1.00 29.67  ? 574 PRO A C   1 
ATOM   202  O  O   . PRO A 1 25 ? 12.132  10.281  -6.369  1.00 28.87  ? 574 PRO A O   1 
ATOM   203  C  CB  . PRO A 1 25 ? 14.946  11.916  -7.073  1.00 20.33  ? 574 PRO A CB  1 
ATOM   204  C  CG  . PRO A 1 25 ? 15.486  13.035  -7.830  1.00 20.22  ? 574 PRO A CG  1 
ATOM   205  C  CD  . PRO A 1 25 ? 14.357  13.764  -8.447  1.00 23.02  ? 574 PRO A CD  1 
ATOM   206  N  N   . ARG A 1 26 ? 11.944  12.514  -6.189  1.00 30.09  ? 575 ARG A N   1 
ATOM   207  C  CA  . ARG A 1 26 ? 10.790  12.395  -5.309  1.00 29.79  ? 575 ARG A CA  1 
ATOM   208  C  C   . ARG A 1 26 ? 9.654   11.647  -6.005  1.00 29.82  ? 575 ARG A C   1 
ATOM   209  O  O   . ARG A 1 26 ? 9.159   10.634  -5.503  1.00 36.31  ? 575 ARG A O   1 
ATOM   210  C  CB  . ARG A 1 26 ? 10.338  13.776  -4.855  1.00 27.17  ? 575 ARG A CB  1 
ATOM   211  C  CG  . ARG A 1 26 ? 11.274  14.371  -3.859  1.00 28.82  ? 575 ARG A CG  1 
ATOM   212  C  CD  . ARG A 1 26 ? 10.960  15.844  -3.528  1.00 31.10  ? 575 ARG A CD  1 
ATOM   213  N  NE  . ARG A 1 26 ? 12.174  16.434  -2.972  1.00 39.45  ? 575 ARG A NE  1 
ATOM   214  C  CZ  . ARG A 1 26 ? 12.609  16.209  -1.734  1.00 43.46  ? 575 ARG A CZ  1 
ATOM   215  N  NH1 . ARG A 1 26 ? 11.913  15.430  -0.903  1.00 48.46  ? 575 ARG A NH1 1 
ATOM   216  N  NH2 . ARG A 1 26 ? 13.743  16.763  -1.319  1.00 43.00  ? 575 ARG A NH2 1 
ATOM   217  N  N   . PHE A 1 27 ? 9.255   12.101  -7.189  1.00 27.94  ? 576 PHE A N   1 
ATOM   218  C  CA  . PHE A 1 27 ? 8.107   11.471  -7.826  1.00 30.66  ? 576 PHE A CA  1 
ATOM   219  C  C   . PHE A 1 27 ? 8.382   10.012  -8.153  1.00 35.07  ? 576 PHE A C   1 
ATOM   220  O  O   . PHE A 1 27 ? 7.456   9.188   -8.168  1.00 30.67  ? 576 PHE A O   1 
ATOM   221  C  CB  . PHE A 1 27 ? 7.709   12.223  -9.093  1.00 25.65  ? 576 PHE A CB  1 
ATOM   222  C  CG  . PHE A 1 27 ? 6.574   11.595  -9.789  1.00 25.35  ? 576 PHE A CG  1 
ATOM   223  C  CD1 . PHE A 1 27 ? 5.341   11.522  -9.168  1.00 30.11  ? 576 PHE A CD1 1 
ATOM   224  C  CD2 . PHE A 1 27 ? 6.736   11.013  -11.023 1.00 27.36  ? 576 PHE A CD2 1 
ATOM   225  C  CE1 . PHE A 1 27 ? 4.274   10.913  -9.796  1.00 31.84  ? 576 PHE A CE1 1 
ATOM   226  C  CE2 . PHE A 1 27 ? 5.679   10.392  -11.660 1.00 33.78  ? 576 PHE A CE2 1 
ATOM   227  C  CZ  . PHE A 1 27 ? 4.443   10.343  -11.051 1.00 33.90  ? 576 PHE A CZ  1 
ATOM   228  N  N   . ASN A 1 28 ? 9.644   9.670   -8.414  1.00 32.10  ? 577 ASN A N   1 
ATOM   229  C  CA  . ASN A 1 28 ? 9.956   8.280   -8.695  1.00 33.18  ? 577 ASN A CA  1 
ATOM   230  C  C   . ASN A 1 28 ? 9.798   7.437   -7.448  1.00 30.85  ? 577 ASN A C   1 
ATOM   231  O  O   . ASN A 1 28 ? 9.138   6.393   -7.481  1.00 32.06  ? 577 ASN A O   1 
ATOM   232  C  CB  . ASN A 1 28 ? 11.362  8.164   -9.268  1.00 38.42  ? 577 ASN A CB  1 
ATOM   233  C  CG  . ASN A 1 28 ? 11.380  8.407   -10.763 1.00 41.82  ? 577 ASN A CG  1 
ATOM   234  O  OD1 . ASN A 1 28 ? 10.339  8.265   -11.423 1.00 39.87  ? 577 ASN A OD1 1 
ATOM   235  N  ND2 . ASN A 1 28 ? 12.551  8.777   -11.311 1.00 34.74  ? 577 ASN A ND2 1 
ATOM   236  N  N   . ASN A 1 29 ? 10.376  7.900   -6.333  1.00 29.73  ? 578 ASN A N   1 
ATOM   237  C  CA  . ASN A 1 29 ? 10.240  7.220   -5.050  1.00 31.16  ? 578 ASN A CA  1 
ATOM   238  C  C   . ASN A 1 29 ? 8.775   6.979   -4.718  1.00 37.08  ? 578 ASN A C   1 
ATOM   239  O  O   . ASN A 1 29 ? 8.376   5.871   -4.328  1.00 32.72  ? 578 ASN A O   1 
ATOM   240  C  CB  . ASN A 1 29 ? 10.881  8.049   -3.937  1.00 23.71  ? 578 ASN A CB  1 
ATOM   241  C  CG  . ASN A 1 29 ? 12.379  8.067   -4.020  1.00 34.60  ? 578 ASN A CG  1 
ATOM   242  O  OD1 . ASN A 1 29 ? 12.980  7.272   -4.749  1.00 38.96  ? 578 ASN A OD1 1 
ATOM   243  N  ND2 . ASN A 1 29 ? 13.006  8.988   -3.284  1.00 37.71  ? 578 ASN A ND2 1 
ATOM   244  N  N   . SER A 1 30 ? 7.959   8.017   -4.873  1.00 28.20  ? 579 SER A N   1 
ATOM   245  C  CA  . SER A 1 30 ? 6.577   7.903   -4.473  1.00 33.49  ? 579 SER A CA  1 
ATOM   246  C  C   . SER A 1 30 ? 5.801   6.985   -5.412  1.00 38.36  ? 579 SER A C   1 
ATOM   247  O  O   . SER A 1 30 ? 4.737   6.472   -5.038  1.00 42.22  ? 579 SER A O   1 
ATOM   248  C  CB  . SER A 1 30 ? 5.964   9.301   -4.394  1.00 26.05  ? 579 SER A CB  1 
ATOM   249  O  OG  . SER A 1 30 ? 5.053   9.496   -5.443  1.00 33.70  ? 579 SER A OG  1 
ATOM   250  N  N   . SER A 1 31 ? 6.317   6.754   -6.611  1.00 33.83  ? 580 SER A N   1 
ATOM   251  C  CA  . SER A 1 31 ? 5.687   5.798   -7.499  1.00 33.49  ? 580 SER A CA  1 
ATOM   252  C  C   . SER A 1 31 ? 5.961   4.388   -7.034  1.00 39.42  ? 580 SER A C   1 
ATOM   253  O  O   . SER A 1 31 ? 5.048   3.561   -6.966  1.00 36.69  ? 580 SER A O   1 
ATOM   254  C  CB  . SER A 1 31 ? 6.200   5.981   -8.919  1.00 31.93  ? 580 SER A CB  1 
ATOM   255  O  OG  . SER A 1 31 ? 5.117   6.367   -9.722  1.00 49.00  ? 580 SER A OG  1 
ATOM   256  N  N   . LEU A 1 32 ? 7.235   4.097   -6.762  1.00 38.56  ? 581 LEU A N   1 
ATOM   257  C  CA  . LEU A 1 32 ? 7.613   2.811   -6.207  1.00 38.15  ? 581 LEU A CA  1 
ATOM   258  C  C   . LEU A 1 32 ? 6.750   2.481   -5.003  1.00 42.52  ? 581 LEU A C   1 
ATOM   259  O  O   . LEU A 1 32 ? 6.176   1.391   -4.905  1.00 42.43  ? 581 LEU A O   1 
ATOM   260  C  CB  . LEU A 1 32 ? 9.078   2.856   -5.806  1.00 45.35  ? 581 LEU A CB  1 
ATOM   261  C  CG  . LEU A 1 32 ? 10.042  1.903   -6.499  1.00 62.11  ? 581 LEU A CG  1 
ATOM   262  C  CD1 . LEU A 1 32 ? 11.326  1.940   -5.783  1.00 61.12  ? 581 LEU A CD1 1 
ATOM   263  C  CD2 . LEU A 1 32 ? 9.506   0.528   -6.513  1.00 60.47  ? 581 LEU A CD2 1 
ATOM   264  N  N   . LYS A 1 33 ? 6.628   3.450   -4.095  1.00 40.75  ? 582 LYS A N   1 
ATOM   265  C  CA  . LYS A 1 33 ? 5.909   3.270   -2.845  1.00 34.12  ? 582 LYS A CA  1 
ATOM   266  C  C   . LYS A 1 33 ? 4.479   2.827   -3.098  1.00 37.63  ? 582 LYS A C   1 
ATOM   267  O  O   . LYS A 1 33 ? 3.999   1.869   -2.483  1.00 44.64  ? 582 LYS A O   1 
ATOM   268  C  CB  . LYS A 1 33 ? 5.941   4.583   -2.060  1.00 33.00  ? 582 LYS A CB  1 
ATOM   269  C  CG  . LYS A 1 33 ? 5.475   4.492   -0.638  1.00 37.15  ? 582 LYS A CG  1 
ATOM   270  C  CD  . LYS A 1 33 ? 6.597   4.029   0.256   1.00 49.42  ? 582 LYS A CD  1 
ATOM   271  C  CE  . LYS A 1 33 ? 6.092   3.636   1.640   1.00 58.23  ? 582 LYS A CE  1 
ATOM   272  N  NZ  . LYS A 1 33 ? 7.117   2.848   2.403   1.00 64.55  ? 582 LYS A NZ  1 
ATOM   273  N  N   . ILE A 1 34 ? 3.782   3.507   -4.006  1.00 31.80  ? 583 ILE A N   1 
ATOM   274  C  CA  . ILE A 1 34 ? 2.394   3.154   -4.274  1.00 33.96  ? 583 ILE A CA  1 
ATOM   275  C  C   . ILE A 1 34 ? 2.291   1.705   -4.719  1.00 41.90  ? 583 ILE A C   1 
ATOM   276  O  O   . ILE A 1 34 ? 1.338   0.994   -4.371  1.00 41.81  ? 583 ILE A O   1 
ATOM   277  C  CB  . ILE A 1 34 ? 1.793   4.110   -5.315  1.00 32.08  ? 583 ILE A CB  1 
ATOM   278  C  CG1 . ILE A 1 34 ? 1.628   5.502   -4.704  1.00 36.23  ? 583 ILE A CG1 1 
ATOM   279  C  CG2 . ILE A 1 34 ? 0.475   3.573   -5.847  1.00 24.90  ? 583 ILE A CG2 1 
ATOM   280  C  CD1 . ILE A 1 34 ? 1.013   6.495   -5.635  1.00 34.31  ? 583 ILE A CD1 1 
ATOM   281  N  N   . GLU A 1 35 ? 3.287   1.237   -5.465  1.00 39.93  ? 584 GLU A N   1 
ATOM   282  C  CA  . GLU A 1 35 ? 3.287   -0.153  -5.897  1.00 46.95  ? 584 GLU A CA  1 
ATOM   283  C  C   . GLU A 1 35 ? 3.469   -1.101  -4.716  1.00 48.51  ? 584 GLU A C   1 
ATOM   284  O  O   . GLU A 1 35 ? 2.736   -2.090  -4.584  1.00 45.49  ? 584 GLU A O   1 
ATOM   285  C  CB  . GLU A 1 35 ? 4.378   -0.387  -6.935  1.00 46.83  ? 584 GLU A CB  1 
ATOM   286  C  CG  . GLU A 1 35 ? 4.178   -1.656  -7.743  1.00 53.78  ? 584 GLU A CG  1 
ATOM   287  C  CD  . GLU A 1 35 ? 5.417   -2.010  -8.536  1.00 73.92  ? 584 GLU A CD  1 
ATOM   288  O  OE1 . GLU A 1 35 ? 6.291   -1.128  -8.680  1.00 69.00  ? 584 GLU A OE1 1 
ATOM   289  O  OE2 . GLU A 1 35 ? 5.515   -3.158  -9.020  1.00 85.35  ? 584 GLU A OE2 1 
ATOM   290  N  N   . GLU A 1 36 ? 4.449   -0.829  -3.850  1.00 39.13  ? 585 GLU A N   1 
ATOM   291  C  CA  . GLU A 1 36 ? 4.650   -1.771  -2.765  1.00 44.31  ? 585 GLU A CA  1 
ATOM   292  C  C   . GLU A 1 36 ? 3.523   -1.682  -1.737  1.00 48.12  ? 585 GLU A C   1 
ATOM   293  O  O   . GLU A 1 36 ? 3.142   -2.709  -1.152  1.00 47.58  ? 585 GLU A O   1 
ATOM   294  C  CB  . GLU A 1 36 ? 6.027   -1.595  -2.126  1.00 33.38  ? 585 GLU A CB  1 
ATOM   295  C  CG  . GLU A 1 36 ? 6.383   -0.248  -1.654  1.00 45.01  ? 585 GLU A CG  1 
ATOM   296  C  CD  . GLU A 1 36 ? 7.896   -0.045  -1.688  1.00 57.17  ? 585 GLU A CD  1 
ATOM   297  O  OE1 . GLU A 1 36 ? 8.417   0.796   -0.906  1.00 57.49  ? 585 GLU A OE1 1 
ATOM   298  O  OE2 . GLU A 1 36 ? 8.557   -0.752  -2.495  1.00 45.50  ? 585 GLU A OE2 1 
ATOM   299  N  N   . LEU A 1 37 ? 2.937   -0.499  -1.540  1.00 38.95  ? 586 LEU A N   1 
ATOM   300  C  CA  . LEU A 1 37 ? 1.770   -0.437  -0.673  1.00 40.30  ? 586 LEU A CA  1 
ATOM   301  C  C   . LEU A 1 37 ? 0.622   -1.260  -1.222  1.00 40.67  ? 586 LEU A C   1 
ATOM   302  O  O   . LEU A 1 37 ? -0.227  -1.705  -0.453  1.00 46.65  ? 586 LEU A O   1 
ATOM   303  C  CB  . LEU A 1 37 ? 1.285   1.000   -0.463  1.00 42.10  ? 586 LEU A CB  1 
ATOM   304  C  CG  . LEU A 1 37 ? 2.127   1.902   0.434   1.00 42.45  ? 586 LEU A CG  1 
ATOM   305  C  CD1 . LEU A 1 37 ? 1.375   3.177   0.774   1.00 44.72  ? 586 LEU A CD1 1 
ATOM   306  C  CD2 . LEU A 1 37 ? 2.535   1.173   1.676   1.00 36.30  ? 586 LEU A CD2 1 
ATOM   307  N  N   . GLN A 1 38 ? 0.559   -1.469  -2.523  1.00 43.51  ? 587 GLN A N   1 
ATOM   308  C  CA  . GLN A 1 38 ? -0.544  -2.254  -3.045  1.00 42.37  ? 587 GLN A CA  1 
ATOM   309  C  C   . GLN A 1 38 ? -0.217  -3.729  -3.127  1.00 43.35  ? 587 GLN A C   1 
ATOM   310  O  O   . GLN A 1 38 ? -1.134  -4.550  -3.099  1.00 40.82  ? 587 GLN A O   1 
ATOM   311  C  CB  . GLN A 1 38 ? -0.987  -1.713  -4.402  1.00 35.73  ? 587 GLN A CB  1 
ATOM   312  C  CG  . GLN A 1 38 ? -1.901  -0.533  -4.189  1.00 46.27  ? 587 GLN A CG  1 
ATOM   313  C  CD  . GLN A 1 38 ? -2.263  0.198   -5.454  1.00 51.61  ? 587 GLN A CD  1 
ATOM   314  O  OE1 . GLN A 1 38 ? -1.427  0.375   -6.346  1.00 50.69  ? 587 GLN A OE1 1 
ATOM   315  N  NE2 . GLN A 1 38 ? -3.507  0.676   -5.523  1.00 44.37  ? 587 GLN A NE2 1 
ATOM   316  N  N   . GLU A 1 39 ? 1.063   -4.086  -3.192  1.00 44.32  ? 588 GLU A N   1 
ATOM   317  C  CA  . GLU A 1 39 ? 1.407   -5.486  -3.029  1.00 45.11  ? 588 GLU A CA  1 
ATOM   318  C  C   . GLU A 1 39 ? 1.195   -5.918  -1.581  1.00 51.35  ? 588 GLU A C   1 
ATOM   319  O  O   . GLU A 1 39 ? 0.681   -7.012  -1.323  1.00 53.97  ? 588 GLU A O   1 
ATOM   320  C  CB  . GLU A 1 39 ? 2.841   -5.734  -3.499  1.00 40.98  ? 588 GLU A CB  1 
ATOM   321  C  CG  . GLU A 1 39 ? 3.188   -7.205  -3.787  1.00 50.29  ? 588 GLU A CG  1 
ATOM   322  C  CD  . GLU A 1 39 ? 2.018   -8.033  -4.348  1.00 67.00  ? 588 GLU A CD  1 
ATOM   323  O  OE1 . GLU A 1 39 ? 1.230   -7.538  -5.196  1.00 57.92  ? 588 GLU A OE1 1 
ATOM   324  O  OE2 . GLU A 1 39 ? 1.890   -9.204  -3.920  1.00 68.00  ? 588 GLU A OE2 1 
ATOM   325  N  N   . ALA A 1 40 ? 1.542   -5.053  -0.624  1.00 50.60  ? 589 ALA A N   1 
ATOM   326  C  CA  . ALA A 1 40 ? 1.217   -5.324  0.772   1.00 42.25  ? 589 ALA A CA  1 
ATOM   327  C  C   . ALA A 1 40 ? -0.289  -5.399  0.983   1.00 48.42  ? 589 ALA A C   1 
ATOM   328  O  O   . ALA A 1 40 ? -0.782  -6.291  1.684   1.00 59.02  ? 589 ALA A O   1 
ATOM   329  C  CB  . ALA A 1 40 ? 1.811   -4.250  1.671   1.00 32.61  ? 589 ALA A CB  1 
ATOM   330  N  N   . LEU A 1 41 ? -1.039  -4.470  0.402   1.00 41.81  ? 590 LEU A N   1 
ATOM   331  C  CA  . LEU A 1 41 ? -2.482  -4.498  0.591   1.00 43.64  ? 590 LEU A CA  1 
ATOM   332  C  C   . LEU A 1 41 ? -3.075  -5.767  0.005   1.00 46.16  ? 590 LEU A C   1 
ATOM   333  O  O   . LEU A 1 41 ? -3.895  -6.430  0.643   1.00 50.56  ? 590 LEU A O   1 
ATOM   334  C  CB  . LEU A 1 41 ? -3.124  -3.267  -0.043  1.00 38.98  ? 590 LEU A CB  1 
ATOM   335  C  CG  . LEU A 1 41 ? -4.510  -2.926  0.484   1.00 44.60  ? 590 LEU A CG  1 
ATOM   336  C  CD1 . LEU A 1 41 ? -4.441  -2.772  1.982   1.00 45.96  ? 590 LEU A CD1 1 
ATOM   337  C  CD2 . LEU A 1 41 ? -5.058  -1.661  -0.150  1.00 53.04  ? 590 LEU A CD2 1 
ATOM   338  N  N   . ARG A 1 42 ? -2.651  -6.128  -1.203  1.00 47.66  ? 591 ARG A N   1 
ATOM   339  C  CA  . ARG A 1 42 ? -3.153  -7.334  -1.849  1.00 49.57  ? 591 ARG A CA  1 
ATOM   340  C  C   . ARG A 1 42 ? -2.774  -8.571  -1.051  1.00 50.29  ? 591 ARG A C   1 
ATOM   341  O  O   . ARG A 1 42 ? -3.624  -9.412  -0.746  1.00 45.45  ? 591 ARG A O   1 
ATOM   342  C  CB  . ARG A 1 42 ? -2.596  -7.417  -3.271  1.00 51.92  ? 591 ARG A CB  1 
ATOM   343  C  CG  . ARG A 1 42 ? -3.171  -8.516  -4.141  1.00 54.24  ? 591 ARG A CG  1 
ATOM   344  C  CD  . ARG A 1 42 ? -2.132  -9.005  -5.153  1.00 60.72  ? 591 ARG A CD  1 
ATOM   345  N  NE  . ARG A 1 42 ? -0.981  -9.643  -4.506  1.00 63.53  ? 591 ARG A NE  1 
ATOM   346  C  CZ  . ARG A 1 42 ? -0.991  -10.873 -3.989  1.00 65.72  ? 591 ARG A CZ  1 
ATOM   347  N  NH1 . ARG A 1 42 ? -2.100  -11.616 -4.033  1.00 58.23  ? 591 ARG A NH1 1 
ATOM   348  N  NH2 . ARG A 1 42 ? 0.107   -11.356 -3.415  1.00 58.18  ? 591 ARG A NH2 1 
ATOM   349  N  N   . LYS A 1 43 ? -1.489  -8.691  -0.700  1.00 49.07  ? 592 LYS A N   1 
ATOM   350  C  CA  . LYS A 1 43 ? -1.012  -9.839  0.064   1.00 49.99  ? 592 LYS A CA  1 
ATOM   351  C  C   . LYS A 1 43 ? -1.722  -9.962  1.406   1.00 57.04  ? 592 LYS A C   1 
ATOM   352  O  O   . LYS A 1 43 ? -1.945  -11.078 1.887   1.00 62.94  ? 592 LYS A O   1 
ATOM   353  C  CB  . LYS A 1 43 ? 0.510   -9.741  0.241   1.00 47.49  ? 592 LYS A CB  1 
ATOM   354  C  CG  . LYS A 1 43 ? 1.107   -10.377 1.499   1.00 52.63  ? 592 LYS A CG  1 
ATOM   355  C  CD  . LYS A 1 43 ? 2.644   -10.284 1.473   1.00 59.58  ? 592 LYS A CD  1 
ATOM   356  C  CE  . LYS A 1 43 ? 3.306   -10.697 2.800   1.00 61.88  ? 592 LYS A CE  1 
ATOM   357  N  NZ  . LYS A 1 43 ? 4.225   -9.636  3.347   1.00 68.15  ? 592 LYS A NZ  1 
ATOM   358  N  N   . LYS A 1 44 ? -2.106  -8.839  2.012   1.00 55.96  ? 593 LYS A N   1 
ATOM   359  C  CA  . LYS A 1 44 ? -2.801  -8.890  3.290   1.00 52.68  ? 593 LYS A CA  1 
ATOM   360  C  C   . LYS A 1 44 ? -4.235  -9.349  3.101   1.00 48.82  ? 593 LYS A C   1 
ATOM   361  O  O   . LYS A 1 44 ? -4.726  -10.197 3.844   1.00 58.78  ? 593 LYS A O   1 
ATOM   362  C  CB  . LYS A 1 44 ? -2.760  -7.518  3.966   1.00 57.18  ? 593 LYS A CB  1 
ATOM   363  C  CG  . LYS A 1 44 ? -3.040  -7.538  5.463   1.00 57.23  ? 593 LYS A CG  1 
ATOM   364  C  CD  . LYS A 1 44 ? -2.020  -8.419  6.162   1.00 63.37  ? 593 LYS A CD  1 
ATOM   365  C  CE  . LYS A 1 44 ? -1.445  -7.755  7.402   1.00 66.85  ? 593 LYS A CE  1 
ATOM   366  N  NZ  . LYS A 1 44 ? -0.457  -8.631  8.105   1.00 63.08  ? 593 LYS A NZ  1 
ATOM   367  N  N   . GLU A 1 45 ? -4.921  -8.792  2.113   1.00 50.56  ? 594 GLU A N   1 
ATOM   368  C  CA  . GLU A 1 45 ? -6.289  -9.189  1.824   1.00 56.21  ? 594 GLU A CA  1 
ATOM   369  C  C   . GLU A 1 45 ? -6.382  -10.664 1.448   1.00 59.59  ? 594 GLU A C   1 
ATOM   370  O  O   . GLU A 1 45 ? -7.437  -11.283 1.629   1.00 62.44  ? 594 GLU A O   1 
ATOM   371  C  CB  . GLU A 1 45 ? -6.837  -8.279  0.716   1.00 58.60  ? 594 GLU A CB  1 
ATOM   372  C  CG  . GLU A 1 45 ? -8.233  -8.583  0.200   1.00 69.24  ? 594 GLU A CG  1 
ATOM   373  C  CD  . GLU A 1 45 ? -9.306  -8.511  1.276   1.00 89.03  ? 594 GLU A CD  1 
ATOM   374  O  OE1 . GLU A 1 45 ? -9.064  -7.849  2.314   1.00 92.95  ? 594 GLU A OE1 1 
ATOM   375  O  OE2 . GLU A 1 45 ? -10.394 -9.113  1.076   1.00 77.99  ? 594 GLU A OE2 1 
ATOM   376  N  N   . GLU A 1 46 ? -5.294  -11.248 0.950   1.00 60.31  ? 595 GLU A N   1 
ATOM   377  C  CA  . GLU A 1 46 ? -5.298  -12.670 0.635   1.00 60.34  ? 595 GLU A CA  1 
ATOM   378  C  C   . GLU A 1 46 ? -5.166  -13.502 1.900   1.00 61.87  ? 595 GLU A C   1 
ATOM   379  O  O   . GLU A 1 46 ? -5.916  -14.461 2.093   1.00 67.35  ? 595 GLU A O   1 
ATOM   380  C  CB  . GLU A 1 46 ? -4.170  -12.998 -0.339  1.00 63.17  ? 595 GLU A CB  1 
ATOM   381  C  CG  . GLU A 1 46 ? -4.376  -14.263 -1.165  1.00 73.36  ? 595 GLU A CG  1 
ATOM   382  C  CD  . GLU A 1 46 ? -3.122  -14.637 -1.965  1.00 87.13  ? 595 GLU A CD  1 
ATOM   383  O  OE1 . GLU A 1 46 ? -1.994  -14.425 -1.454  1.00 79.62  ? 595 GLU A OE1 1 
ATOM   384  O  OE2 . GLU A 1 46 ? -3.261  -15.117 -3.116  1.00 88.95  ? 595 GLU A OE2 1 
ATOM   385  N  N   . GLU A 1 47 ? -4.205  -13.146 2.762   1.00 59.80  ? 596 GLU A N   1 
ATOM   386  C  CA  . GLU A 1 47 ? -4.094  -13.750 4.086   1.00 56.66  ? 596 GLU A CA  1 
ATOM   387  C  C   . GLU A 1 47 ? -5.435  -13.776 4.807   1.00 62.60  ? 596 GLU A C   1 
ATOM   388  O  O   . GLU A 1 47 ? -5.766  -14.748 5.492   1.00 59.90  ? 596 GLU A O   1 
ATOM   389  C  CB  . GLU A 1 47 ? -3.083  -12.982 4.932   1.00 47.47  ? 596 GLU A CB  1 
ATOM   390  C  CG  . GLU A 1 47 ? -1.659  -13.074 4.457   1.00 50.63  ? 596 GLU A CG  1 
ATOM   391  C  CD  . GLU A 1 47 ? -0.701  -12.351 5.386   1.00 61.07  ? 596 GLU A CD  1 
ATOM   392  O  OE1 . GLU A 1 47 ? -1.156  -11.868 6.451   1.00 68.44  ? 596 GLU A OE1 1 
ATOM   393  O  OE2 . GLU A 1 47 ? 0.501   -12.263 5.053   1.00 63.02  ? 596 GLU A OE2 1 
HETATM 394  N  N   . MSE A 1 48 ? -6.215  -12.717 4.659   1.00 58.16  ? 597 MSE A N   1 
HETATM 395  C  CA  . MSE A 1 48 ? -7.462  -12.584 5.366   1.00 60.03  ? 597 MSE A CA  1 
HETATM 396  C  C   . MSE A 1 48 ? -8.504  -13.533 4.809   1.00 64.80  ? 597 MSE A C   1 
HETATM 397  O  O   . MSE A 1 48 ? -9.412  -13.961 5.512   1.00 71.49  ? 597 MSE A O   1 
HETATM 398  C  CB  . MSE A 1 48 ? -7.949  -11.150 5.268   1.00 69.97  ? 597 MSE A CB  1 
HETATM 399  C  CG  . MSE A 1 48 ? -9.101  -10.781 6.189   1.00 79.86  ? 597 MSE A CG  1 
HETATM 400  SE SE  . MSE A 1 48 ? -9.207  -8.825  6.193   1.00 149.91 ? 597 MSE A SE  1 
HETATM 401  C  CE  . MSE A 1 48 ? -7.326  -8.432  6.574   1.00 85.19  ? 597 MSE A CE  1 
ATOM   402  N  N   . LYS A 1 49 ? -8.390  -13.842 3.524   1.00 66.66  ? 598 LYS A N   1 
ATOM   403  C  CA  . LYS A 1 49 ? -9.330  -14.774 2.918   1.00 61.00  ? 598 LYS A CA  1 
ATOM   404  C  C   . LYS A 1 49 ? -8.986  -16.204 3.300   1.00 67.66  ? 598 LYS A C   1 
ATOM   405  O  O   . LYS A 1 49 ? -9.883  -17.028 3.511   1.00 66.26  ? 598 LYS A O   1 
ATOM   406  C  CB  . LYS A 1 49 ? -9.326  -14.599 1.401   1.00 58.28  ? 598 LYS A CB  1 
ATOM   407  C  CG  . LYS A 1 49 ? -10.609 -15.002 0.724   1.00 64.83  ? 598 LYS A CG  1 
ATOM   408  C  CD  . LYS A 1 49 ? -11.037 -13.963 -0.303  1.00 67.44  ? 598 LYS A CD  1 
ATOM   409  C  CE  . LYS A 1 49 ? -12.424 -14.266 -0.862  1.00 69.05  ? 598 LYS A CE  1 
ATOM   410  N  NZ  . LYS A 1 49 ? -12.586 -15.701 -1.249  1.00 73.11  ? 598 LYS A NZ  1 
ATOM   411  N  N   . GLN A 1 50 ? -7.692  -16.508 3.391   1.00 63.39  ? 599 GLN A N   1 
ATOM   412  C  CA  . GLN A 1 50 ? -7.276  -17.794 3.922   1.00 74.39  ? 599 GLN A CA  1 
ATOM   413  C  C   . GLN A 1 50 ? -7.692  -17.920 5.383   1.00 69.68  ? 599 GLN A C   1 
ATOM   414  O  O   . GLN A 1 50 ? -8.257  -18.932 5.794   1.00 85.84  ? 599 GLN A O   1 
ATOM   415  C  CB  . GLN A 1 50 ? -5.765  -17.968 3.768   1.00 72.41  ? 599 GLN A CB  1 
ATOM   416  C  CG  . GLN A 1 50 ? -5.174  -17.393 2.501   1.00 65.88  ? 599 GLN A CG  1 
ATOM   417  C  CD  . GLN A 1 50 ? -5.162  -18.373 1.333   1.00 84.47  ? 599 GLN A CD  1 
ATOM   418  O  OE1 . GLN A 1 50 ? -6.194  -18.945 0.973   1.00 89.93  ? 599 GLN A OE1 1 
ATOM   419  N  NE2 . GLN A 1 50 ? -3.972  -18.578 0.744   1.00 92.15  ? 599 GLN A NE2 1 
HETATM 420  N  N   . MSE A 1 51 ? -7.472  -16.879 6.175   1.00 71.50  ? 600 MSE A N   1 
HETATM 421  C  CA  . MSE A 1 51 ? -7.780  -16.942 7.606   1.00 67.40  ? 600 MSE A CA  1 
HETATM 422  C  C   . MSE A 1 51 ? -9.257  -17.259 7.794   1.00 72.63  ? 600 MSE A C   1 
HETATM 423  O  O   . MSE A 1 51 ? -9.616  -17.997 8.682   1.00 69.25  ? 600 MSE A O   1 
HETATM 424  C  CB  . MSE A 1 51 ? -7.411  -15.615 8.326   1.00 78.08  ? 600 MSE A CB  1 
HETATM 425  C  CG  . MSE A 1 51 ? -7.387  -15.716 9.860   1.00 84.30  ? 600 MSE A CG  1 
HETATM 426  SE SE  . MSE A 1 51 ? -6.248  -17.176 10.436  1.00 118.01 ? 600 MSE A SE  1 
HETATM 427  C  CE  . MSE A 1 51 ? -5.046  -16.186 11.585  1.00 77.25  ? 600 MSE A CE  1 
ATOM   428  N  N   . GLU A 1 52 ? -10.090 -16.707 6.909   1.00 71.35  ? 601 GLU A N   1 
ATOM   429  C  CA  . GLU A 1 52 ? -11.498 -17.060 6.891   1.00 69.02  ? 601 GLU A CA  1 
ATOM   430  C  C   . GLU A 1 52 ? -11.764 -18.468 6.368   1.00 73.15  ? 601 GLU A C   1 
ATOM   431  O  O   . GLU A 1 52 ? -12.783 -19.048 6.748   1.00 70.98  ? 601 GLU A O   1 
ATOM   432  C  CB  . GLU A 1 52 ? -12.275 -16.047 6.059   1.00 69.16  ? 601 GLU A CB  1 
ATOM   433  C  CG  . GLU A 1 52 ? -13.527 -15.521 6.737   1.00 83.01  ? 601 GLU A CG  1 
ATOM   434  C  CD  . GLU A 1 52 ? -13.273 -14.942 8.127   1.00 101.25 ? 601 GLU A CD  1 
ATOM   435  O  OE1 . GLU A 1 52 ? -12.182 -14.361 8.345   1.00 102.49 ? 601 GLU A OE1 1 
ATOM   436  O  OE2 . GLU A 1 52 ? -14.190 -15.082 8.991   1.00 98.32  ? 601 GLU A OE2 1 
ATOM   437  N  N   . GLU A 1 53 ? -10.925 -19.000 5.459   1.00 77.64  ? 602 GLU A N   1 
ATOM   438  C  CA  . GLU A 1 53 ? -11.094 -20.394 5.048   1.00 74.14  ? 602 GLU A CA  1 
ATOM   439  C  C   . GLU A 1 53 ? -10.943 -21.316 6.247   1.00 66.65  ? 602 GLU A C   1 
ATOM   440  O  O   . GLU A 1 53 ? -11.735 -22.241 6.420   1.00 59.74  ? 602 GLU A O   1 
ATOM   441  C  CB  . GLU A 1 53 ? -10.083 -20.766 3.943   1.00 76.57  ? 602 GLU A CB  1 
ATOM   442  C  CG  . GLU A 1 53 ? -8.765  -21.364 4.519   1.00 86.91  ? 602 GLU A CG  1 
ATOM   443  C  CD  . GLU A 1 53 ? -7.565  -21.453 3.567   1.00 90.94  ? 602 GLU A CD  1 
ATOM   444  O  OE1 . GLU A 1 53 ? -7.607  -20.883 2.446   1.00 92.51  ? 602 GLU A OE1 1 
ATOM   445  O  OE2 . GLU A 1 53 ? -6.522  -21.955 4.089   1.00 83.27  ? 602 GLU A OE2 1 
ATOM   446  N  N   . ARG A 1 54 ? -9.971  -21.032 7.113   1.00 60.90  ? 603 ARG A N   1 
ATOM   447  C  CA  . ARG A 1 54 ? -9.560  -21.980 8.141   1.00 64.13  ? 603 ARG A CA  1 
ATOM   448  C  C   . ARG A 1 54 ? -10.573 -22.016 9.278   1.00 66.09  ? 603 ARG A C   1 
ATOM   449  O  O   . ARG A 1 54 ? -11.094 -23.079 9.647   1.00 66.60  ? 603 ARG A O   1 
ATOM   450  C  CB  . ARG A 1 54 ? -8.160  -21.621 8.673   1.00 58.64  ? 603 ARG A CB  1 
ATOM   451  C  CG  . ARG A 1 54 ? -7.058  -21.673 7.637   1.00 65.88  ? 603 ARG A CG  1 
ATOM   452  C  CD  . ARG A 1 54 ? -5.767  -21.020 8.168   1.00 67.52  ? 603 ARG A CD  1 
ATOM   453  N  NE  . ARG A 1 54 ? -5.074  -21.843 9.161   1.00 69.87  ? 603 ARG A NE  1 
ATOM   454  C  CZ  . ARG A 1 54 ? -4.086  -21.403 9.943   1.00 71.71  ? 603 ARG A CZ  1 
ATOM   455  N  NH1 . ARG A 1 54 ? -3.682  -20.146 9.856   1.00 78.28  ? 603 ARG A NH1 1 
ATOM   456  N  NH2 . ARG A 1 54 ? -3.503  -22.216 10.810  1.00 65.51  ? 603 ARG A NH2 1 
ATOM   457  N  N   . TYR A 1 55 ? -10.864 -20.849 9.841   1.00 58.39  ? 604 TYR A N   1 
ATOM   458  C  CA  . TYR A 1 55 ? -11.886 -20.751 10.867  1.00 57.90  ? 604 TYR A CA  1 
ATOM   459  C  C   . TYR A 1 55 ? -13.202 -21.326 10.377  1.00 59.59  ? 604 TYR A C   1 
ATOM   460  O  O   . TYR A 1 55 ? -13.920 -21.982 11.133  1.00 66.75  ? 604 TYR A O   1 
ATOM   461  C  CB  . TYR A 1 55 ? -12.040 -19.294 11.272  1.00 57.30  ? 604 TYR A CB  1 
ATOM   462  C  CG  . TYR A 1 55 ? -13.064 -19.020 12.333  1.00 57.98  ? 604 TYR A CG  1 
ATOM   463  C  CD1 . TYR A 1 55 ? -12.720 -19.045 13.684  1.00 63.14  ? 604 TYR A CD1 1 
ATOM   464  C  CD2 . TYR A 1 55 ? -14.361 -18.682 11.991  1.00 55.45  ? 604 TYR A CD2 1 
ATOM   465  C  CE1 . TYR A 1 55 ? -13.658 -18.776 14.666  1.00 63.25  ? 604 TYR A CE1 1 
ATOM   466  C  CE2 . TYR A 1 55 ? -15.300 -18.415 12.958  1.00 64.21  ? 604 TYR A CE2 1 
ATOM   467  C  CZ  . TYR A 1 55 ? -14.951 -18.465 14.295  1.00 68.76  ? 604 TYR A CZ  1 
ATOM   468  O  OH  . TYR A 1 55 ? -15.912 -18.188 15.245  1.00 60.30  ? 604 TYR A OH  1 
ATOM   469  N  N   . LYS A 1 56 ? -13.528 -21.111 9.110   1.00 62.73  ? 605 LYS A N   1 
ATOM   470  C  CA  . LYS A 1 56 ? -14.752 -21.689 8.574   1.00 59.56  ? 605 LYS A CA  1 
ATOM   471  C  C   . LYS A 1 56 ? -14.693 -23.209 8.633   1.00 63.66  ? 605 LYS A C   1 
ATOM   472  O  O   . LYS A 1 56 ? -15.627 -23.864 9.110   1.00 60.84  ? 605 LYS A O   1 
ATOM   473  C  CB  . LYS A 1 56 ? -14.975 -21.203 7.140   1.00 59.78  ? 605 LYS A CB  1 
ATOM   474  C  CG  . LYS A 1 56 ? -16.434 -21.038 6.752   1.00 67.41  ? 605 LYS A CG  1 
ATOM   475  C  CD  . LYS A 1 56 ? -16.782 -21.775 5.454   1.00 61.02  ? 605 LYS A CD  1 
ATOM   476  N  N   . LYS A 1 57 ? -13.586 -23.786 8.156   1.00 64.74  ? 606 LYS A N   1 
ATOM   477  C  CA  . LYS A 1 57 ? -13.449 -25.236 8.145   1.00 62.07  ? 606 LYS A CA  1 
ATOM   478  C  C   . LYS A 1 57 ? -13.392 -25.792 9.559   1.00 68.00  ? 606 LYS A C   1 
ATOM   479  O  O   . LYS A 1 57 ? -13.910 -26.885 9.820   1.00 67.83  ? 606 LYS A O   1 
ATOM   480  C  CB  . LYS A 1 57 ? -12.202 -25.641 7.356   1.00 57.56  ? 606 LYS A CB  1 
ATOM   481  C  CG  . LYS A 1 57 ? -12.432 -25.808 5.857   1.00 58.76  ? 606 LYS A CG  1 
ATOM   482  C  CD  . LYS A 1 57 ? -11.091 -25.912 5.115   1.00 72.44  ? 606 LYS A CD  1 
ATOM   483  C  CE  . LYS A 1 57 ? -11.258 -26.056 3.595   1.00 79.82  ? 606 LYS A CE  1 
ATOM   484  N  NZ  . LYS A 1 57 ? -10.915 -27.427 3.079   1.00 64.89  ? 606 LYS A NZ  1 
ATOM   485  N  N   . TYR A 1 58 ? -12.786 -25.050 10.481  1.00 63.81  ? 607 TYR A N   1 
ATOM   486  C  CA  . TYR A 1 58 ? -12.759 -25.475 11.872  1.00 64.86  ? 607 TYR A CA  1 
ATOM   487  C  C   . TYR A 1 58 ? -14.173 -25.626 12.426  1.00 65.36  ? 607 TYR A C   1 
ATOM   488  O  O   . TYR A 1 58 ? -14.505 -26.639 13.054  1.00 61.57  ? 607 TYR A O   1 
ATOM   489  C  CB  . TYR A 1 58 ? -11.959 -24.467 12.689  1.00 61.85  ? 607 TYR A CB  1 
ATOM   490  C  CG  . TYR A 1 58 ? -11.028 -25.119 13.650  1.00 66.89  ? 607 TYR A CG  1 
ATOM   491  C  CD1 . TYR A 1 58 ? -11.326 -26.302 14.228  1.00 69.82  ? 607 TYR A CD1 1 
ATOM   492  C  CD2 . TYR A 1 58 ? -9.835  -24.570 13.955  1.00 68.74  ? 607 TYR A CD2 1 
ATOM   493  C  CE1 . TYR A 1 58 ? -10.468 -26.919 15.106  1.00 71.78  ? 607 TYR A CE1 1 
ATOM   494  C  CE2 . TYR A 1 58 ? -8.964  -25.172 14.827  1.00 82.06  ? 607 TYR A CE2 1 
ATOM   495  C  CZ  . TYR A 1 58 ? -9.285  -26.351 15.402  1.00 79.65  ? 607 TYR A CZ  1 
ATOM   496  O  OH  . TYR A 1 58 ? -8.411  -26.954 16.274  1.00 74.80  ? 607 TYR A OH  1 
ATOM   497  N  N   . LEU A 1 59 ? -15.023 -24.623 12.208  1.00 60.09  ? 608 LEU A N   1 
ATOM   498  C  CA  . LEU A 1 59 ? -16.378 -24.686 12.739  1.00 65.50  ? 608 LEU A CA  1 
ATOM   499  C  C   . LEU A 1 59 ? -17.140 -25.869 12.164  1.00 62.78  ? 608 LEU A C   1 
ATOM   500  O  O   . LEU A 1 59 ? -17.934 -26.506 12.861  1.00 64.40  ? 608 LEU A O   1 
ATOM   501  C  CB  . LEU A 1 59 ? -17.132 -23.388 12.446  1.00 60.25  ? 608 LEU A CB  1 
ATOM   502  C  CG  . LEU A 1 59 ? -16.627 -22.054 13.009  1.00 63.27  ? 608 LEU A CG  1 
ATOM   503  C  CD1 . LEU A 1 59 ? -17.720 -21.009 12.866  1.00 67.71  ? 608 LEU A CD1 1 
ATOM   504  C  CD2 . LEU A 1 59 ? -16.171 -22.144 14.470  1.00 59.24  ? 608 LEU A CD2 1 
ATOM   505  N  N   . GLU A 1 60 ? -16.924 -26.171 10.892  1.00 60.09  ? 609 GLU A N   1 
ATOM   506  C  CA  . GLU A 1 60 ? -17.597 -27.311 10.292  1.00 64.59  ? 609 GLU A CA  1 
ATOM   507  C  C   . GLU A 1 60 ? -17.073 -28.618 10.873  1.00 64.80  ? 609 GLU A C   1 
ATOM   508  O  O   . GLU A 1 60 ? -17.841 -29.557 11.106  1.00 60.36  ? 609 GLU A O   1 
ATOM   509  C  CB  . GLU A 1 60 ? -17.417 -27.260 8.775   1.00 67.88  ? 609 GLU A CB  1 
ATOM   510  C  CG  . GLU A 1 60 ? -17.967 -28.443 8.020   1.00 78.47  ? 609 GLU A CG  1 
ATOM   511  C  CD  . GLU A 1 60 ? -16.978 -28.967 6.994   1.00 96.13  ? 609 GLU A CD  1 
ATOM   512  O  OE1 . GLU A 1 60 ? -16.216 -28.140 6.437   1.00 91.45  ? 609 GLU A OE1 1 
ATOM   513  O  OE2 . GLU A 1 60 ? -16.961 -30.199 6.753   1.00 92.75  ? 609 GLU A OE2 1 
ATOM   514  N  N   . LYS A 1 61 ? -15.766 -28.695 11.111  1.00 65.66  ? 610 LYS A N   1 
ATOM   515  C  CA  . LYS A 1 61 ? -15.199 -29.875 11.748  1.00 58.28  ? 610 LYS A CA  1 
ATOM   516  C  C   . LYS A 1 61 ? -15.810 -30.090 13.127  1.00 61.20  ? 610 LYS A C   1 
ATOM   517  O  O   . LYS A 1 61 ? -16.243 -31.199 13.461  1.00 63.18  ? 610 LYS A O   1 
ATOM   518  C  CB  . LYS A 1 61 ? -13.678 -29.741 11.840  1.00 54.64  ? 610 LYS A CB  1 
ATOM   519  C  CG  . LYS A 1 61 ? -12.944 -29.976 10.531  1.00 53.47  ? 610 LYS A CG  1 
ATOM   520  C  CD  . LYS A 1 61 ? -11.453 -29.745 10.693  1.00 56.99  ? 610 LYS A CD  1 
ATOM   521  C  CE  . LYS A 1 61 ? -10.665 -30.146 9.456   1.00 54.29  ? 610 LYS A CE  1 
ATOM   522  N  NZ  . LYS A 1 61 ? -9.202  -29.960 9.681   1.00 67.03  ? 610 LYS A NZ  1 
ATOM   523  N  N   . ALA A 1 62 ? -15.865 -29.039 13.942  1.00 56.48  ? 611 ALA A N   1 
ATOM   524  C  CA  . ALA A 1 62 ? -16.456 -29.215 15.259  1.00 55.35  ? 611 ALA A CA  1 
ATOM   525  C  C   . ALA A 1 62 ? -17.939 -29.534 15.178  1.00 58.08  ? 611 ALA A C   1 
ATOM   526  O  O   . ALA A 1 62 ? -18.471 -30.149 16.102  1.00 59.43  ? 611 ALA A O   1 
ATOM   527  C  CB  . ALA A 1 62 ? -16.231 -27.981 16.123  1.00 50.19  ? 611 ALA A CB  1 
ATOM   528  N  N   . LYS A 1 63 ? -18.614 -29.141 14.097  1.00 60.80  ? 612 LYS A N   1 
ATOM   529  C  CA  . LYS A 1 63 ? -20.007 -29.537 13.908  1.00 62.29  ? 612 LYS A CA  1 
ATOM   530  C  C   . LYS A 1 63 ? -20.152 -31.056 13.845  1.00 61.37  ? 612 LYS A C   1 
ATOM   531  O  O   . LYS A 1 63 ? -21.163 -31.604 14.305  1.00 57.28  ? 612 LYS A O   1 
ATOM   532  C  CB  . LYS A 1 63 ? -20.571 -28.899 12.628  1.00 63.73  ? 612 LYS A CB  1 
ATOM   533  C  CG  . LYS A 1 63 ? -21.917 -28.196 12.786  1.00 57.06  ? 612 LYS A CG  1 
ATOM   534  N  N   . SER A 1 64 ? -19.161 -31.751 13.278  1.00 53.64  ? 613 SER A N   1 
ATOM   535  C  CA  . SER A 1 64 ? -19.238 -33.198 13.173  1.00 56.67  ? 613 SER A CA  1 
ATOM   536  C  C   . SER A 1 64 ? -18.611 -33.910 14.365  1.00 59.60  ? 613 SER A C   1 
ATOM   537  O  O   . SER A 1 64 ? -18.967 -35.061 14.632  1.00 60.16  ? 613 SER A O   1 
ATOM   538  C  CB  . SER A 1 64 ? -18.585 -33.684 11.874  1.00 53.28  ? 613 SER A CB  1 
ATOM   539  O  OG  . SER A 1 64 ? -17.228 -33.309 11.797  1.00 52.60  ? 613 SER A OG  1 
ATOM   540  N  N   . VAL A 1 65 ? -17.688 -33.267 15.083  1.00 54.43  ? 614 VAL A N   1 
ATOM   541  C  CA  . VAL A 1 65 ? -17.275 -33.798 16.375  1.00 50.84  ? 614 VAL A CA  1 
ATOM   542  C  C   . VAL A 1 65 ? -18.470 -33.883 17.313  1.00 54.30  ? 614 VAL A C   1 
ATOM   543  O  O   . VAL A 1 65 ? -18.596 -34.829 18.097  1.00 57.22  ? 614 VAL A O   1 
ATOM   544  C  CB  . VAL A 1 65 ? -16.145 -32.944 16.975  1.00 51.31  ? 614 VAL A CB  1 
ATOM   545  C  CG1 . VAL A 1 65 ? -16.015 -33.198 18.473  1.00 45.38  ? 614 VAL A CG1 1 
ATOM   546  C  CG2 . VAL A 1 65 ? -14.838 -33.231 16.257  1.00 51.86  ? 614 VAL A CG2 1 
ATOM   547  N  N   . ILE A 1 66 ? -19.378 -32.908 17.233  1.00 55.98  ? 615 ILE A N   1 
ATOM   548  C  CA  . ILE A 1 66 ? -20.558 -32.916 18.090  1.00 50.63  ? 615 ILE A CA  1 
ATOM   549  C  C   . ILE A 1 66 ? -21.427 -34.124 17.778  1.00 53.69  ? 615 ILE A C   1 
ATOM   550  O  O   . ILE A 1 66 ? -21.947 -34.785 18.681  1.00 54.92  ? 615 ILE A O   1 
ATOM   551  C  CB  . ILE A 1 66 ? -21.354 -31.610 17.932  1.00 54.14  ? 615 ILE A CB  1 
ATOM   552  C  CG1 . ILE A 1 66 ? -20.517 -30.394 18.306  1.00 55.23  ? 615 ILE A CG1 1 
ATOM   553  C  CG2 . ILE A 1 66 ? -22.574 -31.640 18.810  1.00 57.54  ? 615 ILE A CG2 1 
ATOM   554  C  CD1 . ILE A 1 66 ? -20.184 -30.308 19.758  1.00 64.26  ? 615 ILE A CD1 1 
ATOM   555  N  N   . ARG A 1 67 ? -21.620 -34.416 16.492  1.00 47.29  ? 616 ARG A N   1 
ATOM   556  C  CA  . ARG A 1 67 ? -22.444 -35.560 16.128  1.00 55.49  ? 616 ARG A CA  1 
ATOM   557  C  C   . ARG A 1 67 ? -21.814 -36.853 16.633  1.00 61.29  ? 616 ARG A C   1 
ATOM   558  O  O   . ARG A 1 67 ? -22.505 -37.724 17.182  1.00 63.85  ? 616 ARG A O   1 
ATOM   559  C  CB  . ARG A 1 67 ? -22.651 -35.602 14.607  1.00 52.70  ? 616 ARG A CB  1 
ATOM   560  C  CG  . ARG A 1 67 ? -23.994 -36.212 14.143  1.00 66.27  ? 616 ARG A CG  1 
ATOM   561  C  CD  . ARG A 1 67 ? -24.164 -37.695 14.516  1.00 68.54  ? 616 ARG A CD  1 
ATOM   562  N  NE  . ARG A 1 67 ? -25.519 -38.206 14.283  1.00 77.84  ? 616 ARG A NE  1 
ATOM   563  C  CZ  . ARG A 1 67 ? -25.929 -39.431 14.624  1.00 82.33  ? 616 ARG A CZ  1 
ATOM   564  N  NH1 . ARG A 1 67 ? -25.090 -40.271 15.219  1.00 79.63  ? 616 ARG A NH1 1 
ATOM   565  N  NH2 . ARG A 1 67 ? -27.178 -39.822 14.379  1.00 77.38  ? 616 ARG A NH2 1 
ATOM   566  N  N   . THR A 1 68 ? -20.491 -36.971 16.484  1.00 55.03  ? 617 THR A N   1 
ATOM   567  C  CA  . THR A 1 68 ? -19.787 -38.199 16.832  1.00 53.37  ? 617 THR A CA  1 
ATOM   568  C  C   . THR A 1 68 ? -19.861 -38.485 18.326  1.00 53.62  ? 617 THR A C   1 
ATOM   569  O  O   . THR A 1 68 ? -20.065 -39.634 18.735  1.00 59.63  ? 617 THR A O   1 
ATOM   570  C  CB  . THR A 1 68 ? -18.337 -38.103 16.364  1.00 47.67  ? 617 THR A CB  1 
ATOM   571  O  OG1 . THR A 1 68 ? -18.274 -38.348 14.954  1.00 46.78  ? 617 THR A OG1 1 
ATOM   572  C  CG2 . THR A 1 68 ? -17.477 -39.108 17.086  1.00 56.27  ? 617 THR A CG2 1 
ATOM   573  N  N   . LEU A 1 69 ? -19.736 -37.452 19.154  1.00 50.57  ? 618 LEU A N   1 
ATOM   574  C  CA  . LEU A 1 69 ? -19.686 -37.622 20.596  1.00 52.56  ? 618 LEU A CA  1 
ATOM   575  C  C   . LEU A 1 69 ? -21.045 -37.555 21.273  1.00 55.78  ? 618 LEU A C   1 
ATOM   576  O  O   . LEU A 1 69 ? -21.132 -37.869 22.462  1.00 63.54  ? 618 LEU A O   1 
ATOM   577  C  CB  . LEU A 1 69 ? -18.767 -36.567 21.220  1.00 53.09  ? 618 LEU A CB  1 
ATOM   578  C  CG  . LEU A 1 69 ? -17.324 -36.577 20.709  1.00 51.95  ? 618 LEU A CG  1 
ATOM   579  C  CD1 . LEU A 1 69 ? -16.480 -35.592 21.486  1.00 48.47  ? 618 LEU A CD1 1 
ATOM   580  C  CD2 . LEU A 1 69 ? -16.735 -37.978 20.774  1.00 49.39  ? 618 LEU A CD2 1 
ATOM   581  N  N   . ASP A 1 70 ? -22.091 -37.156 20.568  1.00 59.88  ? 619 ASP A N   1 
ATOM   582  C  CA  . ASP A 1 70 ? -23.407 -37.049 21.190  1.00 68.00  ? 619 ASP A CA  1 
ATOM   583  C  C   . ASP A 1 70 ? -23.945 -38.447 21.486  1.00 72.10  ? 619 ASP A C   1 
ATOM   584  O  O   . ASP A 1 70 ? -23.937 -39.313 20.597  1.00 76.81  ? 619 ASP A O   1 
ATOM   585  C  CB  . ASP A 1 70 ? -24.368 -36.283 20.275  1.00 72.79  ? 619 ASP A CB  1 
ATOM   586  C  CG  . ASP A 1 70 ? -25.444 -35.513 21.043  1.00 73.37  ? 619 ASP A CG  1 
ATOM   587  O  OD1 . ASP A 1 70 ? -25.345 -35.393 22.281  1.00 74.55  ? 619 ASP A OD1 1 
ATOM   588  O  OD2 . ASP A 1 70 ? -26.380 -35.003 20.392  1.00 70.60  ? 619 ASP A OD2 1 
ATOM   589  N  N   . PRO A 1 71 ? -24.372 -38.725 22.721  1.00 74.07  ? 620 PRO A N   1 
ATOM   590  C  CA  . PRO A 1 71 ? -24.959 -40.052 22.983  1.00 78.16  ? 620 PRO A CA  1 
ATOM   591  C  C   . PRO A 1 71 ? -26.354 -40.189 22.395  1.00 77.58  ? 620 PRO A C   1 
ATOM   592  O  O   . PRO A 1 71 ? -26.669 -41.232 21.803  1.00 77.92  ? 620 PRO A O   1 
ATOM   593  C  CB  . PRO A 1 71 ? -24.965 -40.141 24.519  1.00 75.61  ? 620 PRO A CB  1 
ATOM   594  C  CG  . PRO A 1 71 ? -24.987 -38.713 24.994  1.00 70.04  ? 620 PRO A CG  1 
ATOM   595  C  CD  . PRO A 1 71 ? -24.229 -37.913 23.946  1.00 69.12  ? 620 PRO A CD  1 
ATOM   596  N  N   . LYS A 1 72 ? -27.177 -39.133 22.508  1.00 71.19  ? 621 LYS A N   1 
ATOM   597  C  CA  . LYS A 1 72 ? -28.584 -39.155 22.110  1.00 69.52  ? 621 LYS A CA  1 
ATOM   598  C  C   . LYS A 1 72 ? -28.795 -39.589 20.661  1.00 76.07  ? 621 LYS A C   1 
ATOM   599  O  O   . LYS A 1 72 ? -29.899 -40.030 20.302  1.00 61.95  ? 621 LYS A O   1 
ATOM   600  C  CB  . LYS A 1 72 ? -29.199 -37.762 22.337  1.00 59.87  ? 621 LYS A CB  1 
ATOM   601  C  CG  . LYS A 1 72 ? -29.760 -37.554 23.743  1.00 62.54  ? 621 LYS A CG  1 
ATOM   602  C  CD  . LYS A 1 72 ? -30.159 -36.104 24.011  1.00 53.22  ? 621 LYS A CD  1 
ATOM   603  C  CE  . LYS A 1 72 ? -30.886 -35.980 25.355  1.00 57.28  ? 621 LYS A CE  1 
ATOM   604  N  NZ  . LYS A 1 72 ? -31.311 -34.581 25.666  1.00 49.31  ? 621 LYS A NZ  1 
ATOM   605  N  N   . GLN A 1 73 ? -27.769 -39.479 19.816  1.00 75.23  ? 622 GLN A N   1 
ATOM   606  C  CA  . GLN A 1 73 ? -27.846 -40.019 18.470  1.00 74.47  ? 622 GLN A CA  1 
ATOM   607  C  C   . GLN A 1 73 ? -26.915 -41.200 18.223  1.00 81.55  ? 622 GLN A C   1 
ATOM   608  O  O   . GLN A 1 73 ? -27.209 -42.014 17.336  1.00 82.72  ? 622 GLN A O   1 
ATOM   609  C  CB  . GLN A 1 73 ? -27.569 -38.914 17.438  1.00 72.26  ? 622 GLN A CB  1 
ATOM   610  C  CG  . GLN A 1 73 ? -26.584 -37.854 17.892  1.00 80.17  ? 622 GLN A CG  1 
ATOM   611  C  CD  . GLN A 1 73 ? -26.836 -36.505 17.254  1.00 70.41  ? 622 GLN A CD  1 
ATOM   612  O  OE1 . GLN A 1 73 ? -27.924 -36.095 17.106  1.00 64.53  ? 622 GLN A OE1 1 
ATOM   613  N  NE2 . GLN A 1 73 ? -25.833 -35.819 16.876  1.00 66.38  ? 622 GLN A NE2 1 
ATOM   614  N  N   . ASN A 1 74 ? -25.832 -41.336 18.985  1.00 79.04  ? 623 ASN A N   1 
ATOM   615  C  CA  . ASN A 1 74 ? -24.923 -42.468 18.835  1.00 84.18  ? 623 ASN A CA  1 
ATOM   616  C  C   . ASN A 1 74 ? -24.941 -43.314 20.106  1.00 83.73  ? 623 ASN A C   1 
ATOM   617  O  O   . ASN A 1 74 ? -23.985 -44.035 20.408  1.00 89.00  ? 623 ASN A O   1 
ATOM   618  C  CB  . ASN A 1 74 ? -23.495 -41.987 18.514  1.00 78.38  ? 623 ASN A CB  1 
ATOM   619  C  CG  . ASN A 1 74 ? -23.216 -41.906 16.996  1.00 78.92  ? 623 ASN A CG  1 
ATOM   620  O  OD1 . ASN A 1 74 ? -24.027 -42.346 16.169  1.00 75.65  ? 623 ASN A OD1 1 
ATOM   621  N  ND2 . ASN A 1 74 ? -22.053 -41.354 16.635  1.00 65.32  ? 623 ASN A ND2 1 
ATOM   622  N  N   . GLY B 1 1  ? 21.546  35.719  -34.257 1.00 73.17  ? 550 GLY B N   1 
ATOM   623  C  CA  . GLY B 1 1  ? 22.546  36.162  -33.302 1.00 67.35  ? 550 GLY B CA  1 
ATOM   624  C  C   . GLY B 1 1  ? 22.014  36.179  -31.882 1.00 72.85  ? 550 GLY B C   1 
ATOM   625  O  O   . GLY B 1 1  ? 21.868  35.126  -31.252 1.00 70.81  ? 550 GLY B O   1 
ATOM   626  N  N   . HIS B 1 2  ? 21.718  37.378  -31.374 1.00 73.79  ? 551 HIS B N   1 
ATOM   627  C  CA  . HIS B 1 2  ? 21.182  37.516  -30.023 1.00 70.24  ? 551 HIS B CA  1 
ATOM   628  C  C   . HIS B 1 2  ? 19.693  37.176  -29.979 1.00 69.45  ? 551 HIS B C   1 
ATOM   629  O  O   . HIS B 1 2  ? 19.227  36.492  -29.061 1.00 62.83  ? 551 HIS B O   1 
ATOM   630  C  CB  . HIS B 1 2  ? 21.449  38.934  -29.514 1.00 74.38  ? 551 HIS B CB  1 
ATOM   631  C  CG  . HIS B 1 2  ? 20.729  40.005  -30.277 1.00 85.25  ? 551 HIS B CG  1 
ATOM   632  N  ND1 . HIS B 1 2  ? 19.464  40.440  -29.936 1.00 84.29  ? 551 HIS B ND1 1 
ATOM   633  C  CD2 . HIS B 1 2  ? 21.089  40.717  -31.371 1.00 87.86  ? 551 HIS B CD2 1 
ATOM   634  C  CE1 . HIS B 1 2  ? 19.079  41.378  -30.785 1.00 79.83  ? 551 HIS B CE1 1 
ATOM   635  N  NE2 . HIS B 1 2  ? 20.047  41.564  -31.665 1.00 89.40  ? 551 HIS B NE2 1 
HETATM 636  N  N   . MSE B 1 3  ? 18.943  37.653  -30.966 1.00 74.10  ? 552 MSE B N   1 
HETATM 637  C  CA  . MSE B 1 3  ? 17.580  37.220  -31.285 1.00 68.82  ? 552 MSE B CA  1 
HETATM 638  C  C   . MSE B 1 3  ? 17.364  35.708  -31.163 1.00 55.69  ? 552 MSE B C   1 
HETATM 639  O  O   . MSE B 1 3  ? 16.402  35.250  -30.565 1.00 46.10  ? 552 MSE B O   1 
HETATM 640  C  CB  . MSE B 1 3  ? 17.271  37.653  -32.711 1.00 80.25  ? 552 MSE B CB  1 
HETATM 641  C  CG  . MSE B 1 3  ? 15.836  37.960  -33.041 1.00 82.81  ? 552 MSE B CG  1 
HETATM 642  SE SE  . MSE B 1 3  ? 15.871  38.945  -34.725 1.00 158.64 ? 552 MSE B SE  1 
HETATM 643  C  CE  . MSE B 1 3  ? 16.961  40.484  -34.143 1.00 83.10  ? 552 MSE B CE  1 
ATOM   644  N  N   . GLU B 1 4  ? 18.270  34.947  -31.772 1.00 61.71  ? 553 GLU B N   1 
ATOM   645  C  CA  . GLU B 1 4  ? 18.141  33.498  -31.768 1.00 62.93  ? 553 GLU B CA  1 
ATOM   646  C  C   . GLU B 1 4  ? 18.408  32.932  -30.378 1.00 58.91  ? 553 GLU B C   1 
ATOM   647  O  O   . GLU B 1 4  ? 17.749  31.978  -29.944 1.00 55.61  ? 553 GLU B O   1 
ATOM   648  C  CB  . GLU B 1 4  ? 19.088  32.890  -32.806 1.00 63.11  ? 553 GLU B CB  1 
ATOM   649  C  CG  . GLU B 1 4  ? 19.041  33.627  -34.164 1.00 78.34  ? 553 GLU B CG  1 
ATOM   650  C  CD  . GLU B 1 4  ? 19.597  32.810  -35.340 1.00 90.07  ? 553 GLU B CD  1 
ATOM   651  O  OE1 . GLU B 1 4  ? 20.172  33.435  -36.273 1.00 79.79  ? 553 GLU B OE1 1 
ATOM   652  O  OE2 . GLU B 1 4  ? 19.449  31.557  -35.335 1.00 79.89  ? 553 GLU B OE2 1 
ATOM   653  N  N   . LYS B 1 5  ? 19.357  33.510  -29.652 1.00 53.46  ? 554 LYS B N   1 
ATOM   654  C  CA  . LYS B 1 5  ? 19.623  32.983  -28.328 1.00 46.44  ? 554 LYS B CA  1 
ATOM   655  C  C   . LYS B 1 5  ? 18.462  33.276  -27.396 1.00 41.06  ? 554 LYS B C   1 
ATOM   656  O  O   . LYS B 1 5  ? 18.100  32.433  -26.574 1.00 42.69  ? 554 LYS B O   1 
ATOM   657  C  CB  . LYS B 1 5  ? 20.949  33.535  -27.799 1.00 43.64  ? 554 LYS B CB  1 
ATOM   658  C  CG  . LYS B 1 5  ? 22.077  32.619  -28.214 1.00 45.94  ? 554 LYS B CG  1 
ATOM   659  C  CD  . LYS B 1 5  ? 23.460  33.164  -27.952 1.00 58.64  ? 554 LYS B CD  1 
ATOM   660  C  CE  . LYS B 1 5  ? 24.505  32.113  -28.350 1.00 61.31  ? 554 LYS B CE  1 
ATOM   661  N  NZ  . LYS B 1 5  ? 24.159  30.741  -27.823 1.00 62.64  ? 554 LYS B NZ  1 
ATOM   662  N  N   . LEU B 1 6  ? 17.842  34.448  -27.530 1.00 41.94  ? 555 LEU B N   1 
ATOM   663  C  CA  . LEU B 1 6  ? 16.688  34.753  -26.695 1.00 40.02  ? 555 LEU B CA  1 
ATOM   664  C  C   . LEU B 1 6  ? 15.462  33.971  -27.134 1.00 38.91  ? 555 LEU B C   1 
ATOM   665  O  O   . LEU B 1 6  ? 14.529  33.800  -26.347 1.00 37.08  ? 555 LEU B O   1 
ATOM   666  C  CB  . LEU B 1 6  ? 16.400  36.249  -26.715 1.00 32.94  ? 555 LEU B CB  1 
ATOM   667  C  CG  . LEU B 1 6  ? 15.602  36.796  -25.537 1.00 33.31  ? 555 LEU B CG  1 
ATOM   668  C  CD1 . LEU B 1 6  ? 16.243  38.080  -25.093 1.00 55.28  ? 555 LEU B CD1 1 
ATOM   669  C  CD2 . LEU B 1 6  ? 14.207  37.089  -25.942 1.00 41.58  ? 555 LEU B CD2 1 
ATOM   670  N  N   . HIS B 1 7  ? 15.454  33.479  -28.365 1.00 39.31  ? 556 HIS B N   1 
ATOM   671  C  CA  . HIS B 1 7  ? 14.357  32.639  -28.806 1.00 37.03  ? 556 HIS B CA  1 
ATOM   672  C  C   . HIS B 1 7  ? 14.564  31.214  -28.343 1.00 35.63  ? 556 HIS B C   1 
ATOM   673  O  O   . HIS B 1 7  ? 13.617  30.547  -27.915 1.00 34.83  ? 556 HIS B O   1 
ATOM   674  C  CB  . HIS B 1 7  ? 14.228  32.697  -30.328 1.00 43.66  ? 556 HIS B CB  1 
ATOM   675  C  CG  . HIS B 1 7  ? 13.040  33.475  -30.787 1.00 44.75  ? 556 HIS B CG  1 
ATOM   676  N  ND1 . HIS B 1 7  ? 11.761  32.964  -30.755 1.00 49.04  ? 556 HIS B ND1 1 
ATOM   677  C  CD2 . HIS B 1 7  ? 12.927  34.748  -31.238 1.00 48.49  ? 556 HIS B CD2 1 
ATOM   678  C  CE1 . HIS B 1 7  ? 10.913  33.880  -31.191 1.00 53.99  ? 556 HIS B CE1 1 
ATOM   679  N  NE2 . HIS B 1 7  ? 11.596  34.974  -31.489 1.00 51.89  ? 556 HIS B NE2 1 
ATOM   680  N  N   . GLU B 1 8  ? 15.798  30.731  -28.423 1.00 35.78  ? 557 GLU B N   1 
ATOM   681  C  CA  . GLU B 1 8  ? 16.063  29.385  -27.946 1.00 38.83  ? 557 GLU B CA  1 
ATOM   682  C  C   . GLU B 1 8  ? 15.813  29.300  -26.449 1.00 36.24  ? 557 GLU B C   1 
ATOM   683  O  O   . GLU B 1 8  ? 15.188  28.354  -25.967 1.00 35.89  ? 557 GLU B O   1 
ATOM   684  C  CB  . GLU B 1 8  ? 17.487  28.970  -28.321 1.00 33.95  ? 557 GLU B CB  1 
ATOM   685  C  CG  . GLU B 1 8  ? 17.658  28.910  -29.854 1.00 48.63  ? 557 GLU B CG  1 
ATOM   686  C  CD  . GLU B 1 8  ? 18.983  28.316  -30.330 1.00 58.11  ? 557 GLU B CD  1 
ATOM   687  O  OE1 . GLU B 1 8  ? 18.964  27.560  -31.334 1.00 45.04  ? 557 GLU B OE1 1 
ATOM   688  O  OE2 . GLU B 1 8  ? 20.036  28.601  -29.707 1.00 63.80  ? 557 GLU B OE2 1 
ATOM   689  N  N   . ALA B 1 9  ? 16.212  30.330  -25.711 1.00 34.56  ? 558 ALA B N   1 
ATOM   690  C  CA  . ALA B 1 9  ? 16.034  30.305  -24.272 1.00 26.79  ? 558 ALA B CA  1 
ATOM   691  C  C   . ALA B 1 9  ? 14.555  30.361  -23.900 1.00 29.17  ? 558 ALA B C   1 
ATOM   692  O  O   . ALA B 1 9  ? 14.081  29.548  -23.103 1.00 31.61  ? 558 ALA B O   1 
ATOM   693  C  CB  . ALA B 1 9  ? 16.812  31.448  -23.637 1.00 26.28  ? 558 ALA B CB  1 
ATOM   694  N  N   . ASN B 1 10 ? 13.800  31.293  -24.470 1.00 32.02  ? 559 ASN B N   1 
ATOM   695  C  CA  . ASN B 1 10 ? 12.376  31.341  -24.147 1.00 29.14  ? 559 ASN B CA  1 
ATOM   696  C  C   . ASN B 1 10 ? 11.656  30.038  -24.512 1.00 30.33  ? 559 ASN B C   1 
ATOM   697  O  O   . ASN B 1 10 ? 10.709  29.634  -23.823 1.00 28.46  ? 559 ASN B O   1 
ATOM   698  C  CB  . ASN B 1 10 ? 11.713  32.530  -24.834 1.00 23.05  ? 559 ASN B CB  1 
ATOM   699  C  CG  . ASN B 1 10 ? 11.882  33.816  -24.048 1.00 32.30  ? 559 ASN B CG  1 
ATOM   700  O  OD1 . ASN B 1 10 ? 11.827  33.818  -22.825 1.00 34.06  ? 559 ASN B OD1 1 
ATOM   701  N  ND2 . ASN B 1 10 ? 12.087  34.917  -24.749 1.00 43.35  ? 559 ASN B ND2 1 
ATOM   702  N  N   . ASN B 1 11 ? 12.084  29.353  -25.559 1.00 26.68  ? 560 ASN B N   1 
ATOM   703  C  CA  . ASN B 1 11 ? 11.356  28.141  -25.893 1.00 26.50  ? 560 ASN B CA  1 
ATOM   704  C  C   . ASN B 1 11 ? 11.788  26.976  -25.028 1.00 29.11  ? 560 ASN B C   1 
ATOM   705  O  O   . ASN B 1 11 ? 10.971  26.086  -24.763 1.00 30.55  ? 560 ASN B O   1 
ATOM   706  C  CB  . ASN B 1 11 ? 11.526  27.782  -27.365 1.00 29.60  ? 560 ASN B CB  1 
ATOM   707  C  CG  . ASN B 1 11 ? 10.717  28.680  -28.280 1.00 37.29  ? 560 ASN B CG  1 
ATOM   708  O  OD1 . ASN B 1 11 ? 9.731   29.314  -27.845 1.00 37.62  ? 560 ASN B OD1 1 
ATOM   709  N  ND2 . ASN B 1 11 ? 11.116  28.742  -29.543 1.00 32.99  ? 560 ASN B ND2 1 
ATOM   710  N  N   . GLU B 1 12 ? 13.047  26.967  -24.573 1.00 27.25  ? 561 GLU B N   1 
ATOM   711  C  CA  . GLU B 1 12 ? 13.430  25.996  -23.562 1.00 24.57  ? 561 GLU B CA  1 
ATOM   712  C  C   . GLU B 1 12 ? 12.657  26.234  -22.277 1.00 28.72  ? 561 GLU B C   1 
ATOM   713  O  O   . GLU B 1 12 ? 12.242  25.276  -21.618 1.00 27.34  ? 561 GLU B O   1 
ATOM   714  C  CB  . GLU B 1 12 ? 14.933  26.042  -23.313 1.00 29.75  ? 561 GLU B CB  1 
ATOM   715  C  CG  . GLU B 1 12 ? 15.466  24.942  -22.362 1.00 34.08  ? 561 GLU B CG  1 
ATOM   716  C  CD  . GLU B 1 12 ? 15.662  23.594  -23.027 1.00 43.80  ? 561 GLU B CD  1 
ATOM   717  O  OE1 . GLU B 1 12 ? 16.528  22.845  -22.547 1.00 52.52  ? 561 GLU B OE1 1 
ATOM   718  O  OE2 . GLU B 1 12 ? 14.983  23.279  -24.028 1.00 70.18  ? 561 GLU B OE2 1 
ATOM   719  N  N   . LEU B 1 13 ? 12.421  27.503  -21.926 1.00 26.53  ? 562 LEU B N   1 
ATOM   720  C  CA  . LEU B 1 13 ? 11.581  27.815  -20.775 1.00 24.60  ? 562 LEU B CA  1 
ATOM   721  C  C   . LEU B 1 13 ? 10.198  27.188  -20.898 1.00 26.27  ? 562 LEU B C   1 
ATOM   722  O  O   . LEU B 1 13 ? 9.688   26.603  -19.939 1.00 28.06  ? 562 LEU B O   1 
ATOM   723  C  CB  . LEU B 1 13 ? 11.455  29.322  -20.589 1.00 22.75  ? 562 LEU B CB  1 
ATOM   724  C  CG  . LEU B 1 13 ? 12.567  29.968  -19.758 1.00 25.11  ? 562 LEU B CG  1 
ATOM   725  C  CD1 . LEU B 1 13 ? 12.401  31.458  -19.795 1.00 23.35  ? 562 LEU B CD1 1 
ATOM   726  C  CD2 . LEU B 1 13 ? 12.595  29.468  -18.312 1.00 25.34  ? 562 LEU B CD2 1 
ATOM   727  N  N   . GLN B 1 14 ? 9.559   27.307  -22.064 1.00 29.00  ? 563 GLN B N   1 
ATOM   728  C  CA  . GLN B 1 14 ? 8.215   26.740  -22.182 1.00 28.51  ? 563 GLN B CA  1 
ATOM   729  C  C   . GLN B 1 14 ? 8.253   25.213  -22.113 1.00 27.02  ? 563 GLN B C   1 
ATOM   730  O  O   . GLN B 1 14 ? 7.307   24.584  -21.625 1.00 25.13  ? 563 GLN B O   1 
ATOM   731  C  CB  . GLN B 1 14 ? 7.550   27.216  -23.475 1.00 25.59  ? 563 GLN B CB  1 
ATOM   732  C  CG  . GLN B 1 14 ? 6.103   26.787  -23.667 1.00 32.20  ? 563 GLN B CG  1 
ATOM   733  C  CD  . GLN B 1 14 ? 5.235   26.919  -22.405 1.00 42.91  ? 563 GLN B CD  1 
ATOM   734  O  OE1 . GLN B 1 14 ? 5.086   28.033  -21.847 1.00 45.05  ? 563 GLN B OE1 1 
ATOM   735  N  NE2 . GLN B 1 14 ? 4.620   25.791  -21.971 1.00 27.32  ? 563 GLN B NE2 1 
ATOM   736  N  N   . LYS B 1 15 ? 9.341   24.607  -22.575 1.00 20.34  ? 564 LYS B N   1 
ATOM   737  C  CA  . LYS B 1 15 ? 9.528   23.182  -22.384 1.00 18.89  ? 564 LYS B CA  1 
ATOM   738  C  C   . LYS B 1 15 ? 9.503   22.831  -20.901 1.00 21.37  ? 564 LYS B C   1 
ATOM   739  O  O   . LYS B 1 15 ? 8.692   22.008  -20.457 1.00 22.46  ? 564 LYS B O   1 
ATOM   740  C  CB  . LYS B 1 15 ? 10.843  22.747  -23.031 1.00 21.79  ? 564 LYS B CB  1 
ATOM   741  C  CG  . LYS B 1 15 ? 11.081  21.263  -23.031 1.00 20.92  ? 564 LYS B CG  1 
ATOM   742  C  CD  . LYS B 1 15 ? 12.358  20.964  -23.756 1.00 25.61  ? 564 LYS B CD  1 
ATOM   743  C  CE  . LYS B 1 15 ? 12.793  19.523  -23.614 1.00 30.75  ? 564 LYS B CE  1 
ATOM   744  N  NZ  . LYS B 1 15 ? 14.201  19.335  -24.097 1.00 39.22  ? 564 LYS B NZ  1 
ATOM   745  N  N   . LYS B 1 16 ? 10.376  23.470  -20.117 1.00 19.17  ? 565 LYS B N   1 
ATOM   746  C  CA  . LYS B 1 16 ? 10.511  23.122  -18.708 1.00 21.35  ? 565 LYS B CA  1 
ATOM   747  C  C   . LYS B 1 16 ? 9.230   23.428  -17.946 1.00 18.79  ? 565 LYS B C   1 
ATOM   748  O  O   . LYS B 1 16 ? 8.786   22.641  -17.093 1.00 18.08  ? 565 LYS B O   1 
ATOM   749  C  CB  . LYS B 1 16 ? 11.723  23.838  -18.124 1.00 17.69  ? 565 LYS B CB  1 
ATOM   750  C  CG  . LYS B 1 16 ? 13.009  23.249  -18.705 1.00 18.61  ? 565 LYS B CG  1 
ATOM   751  C  CD  . LYS B 1 16 ? 14.291  23.918  -18.214 1.00 20.46  ? 565 LYS B CD  1 
ATOM   752  C  CE  . LYS B 1 16 ? 15.549  23.070  -18.521 1.00 25.45  ? 565 LYS B CE  1 
ATOM   753  N  NZ  . LYS B 1 16 ? 15.307  21.787  -19.309 1.00 25.86  ? 565 LYS B NZ  1 
ATOM   754  N  N   . ARG B 1 17 ? 8.592   24.525  -18.310 1.00 20.55  ? 566 ARG B N   1 
ATOM   755  C  CA  . ARG B 1 17 ? 7.273   24.842  -17.804 1.00 20.75  ? 566 ARG B CA  1 
ATOM   756  C  C   . ARG B 1 17 ? 6.302   23.701  -18.076 1.00 22.77  ? 566 ARG B C   1 
ATOM   757  O  O   . ARG B 1 17 ? 5.518   23.320  -17.200 1.00 24.96  ? 566 ARG B O   1 
ATOM   758  C  CB  . ARG B 1 17 ? 6.818   26.158  -18.442 1.00 21.46  ? 566 ARG B CB  1 
ATOM   759  C  CG  . ARG B 1 17 ? 5.659   26.823  -17.759 1.00 35.01  ? 566 ARG B CG  1 
ATOM   760  C  CD  . ARG B 1 17 ? 5.367   28.220  -18.348 1.00 41.66  ? 566 ARG B CD  1 
ATOM   761  N  NE  . ARG B 1 17 ? 6.353   29.235  -17.962 1.00 44.76  ? 566 ARG B NE  1 
ATOM   762  C  CZ  . ARG B 1 17 ? 7.199   29.840  -18.801 1.00 47.17  ? 566 ARG B CZ  1 
ATOM   763  N  NH1 . ARG B 1 17 ? 7.197   29.547  -20.111 1.00 33.78  ? 566 ARG B NH1 1 
ATOM   764  N  NH2 . ARG B 1 17 ? 8.054   30.745  -18.318 1.00 44.01  ? 566 ARG B NH2 1 
ATOM   765  N  N   . ALA B 1 18 ? 6.353   23.111  -19.269 1.00 18.90  ? 567 ALA B N   1 
ATOM   766  C  CA  . ALA B 1 18 ? 5.420   22.023  -19.543 1.00 20.96  ? 567 ALA B CA  1 
ATOM   767  C  C   . ALA B 1 18 ? 5.759   20.783  -18.713 1.00 19.73  ? 567 ALA B C   1 
ATOM   768  O  O   . ALA B 1 18 ? 4.862   20.151  -18.156 1.00 15.54  ? 567 ALA B O   1 
ATOM   769  C  CB  . ALA B 1 18 ? 5.386   21.701  -21.040 1.00 18.08  ? 567 ALA B CB  1 
ATOM   770  N  N   . ILE B 1 19 ? 7.043   20.417  -18.637 1.00 18.26  ? 568 ILE B N   1 
ATOM   771  C  CA  . ILE B 1 19 ? 7.472   19.354  -17.731 1.00 18.20  ? 568 ILE B CA  1 
ATOM   772  C  C   . ILE B 1 19 ? 6.887   19.564  -16.336 1.00 20.48  ? 568 ILE B C   1 
ATOM   773  O  O   . ILE B 1 19 ? 6.219   18.689  -15.775 1.00 18.22  ? 568 ILE B O   1 
ATOM   774  C  CB  . ILE B 1 19 ? 9.003   19.295  -17.671 1.00 19.77  ? 568 ILE B CB  1 
ATOM   775  C  CG1 . ILE B 1 19 ? 9.584   19.032  -19.052 1.00 23.49  ? 568 ILE B CG1 1 
ATOM   776  C  CG2 . ILE B 1 19 ? 9.474   18.254  -16.650 1.00 16.48  ? 568 ILE B CG2 1 
ATOM   777  C  CD1 . ILE B 1 19 ? 11.117  18.949  -19.055 1.00 18.40  ? 568 ILE B CD1 1 
ATOM   778  N  N   . ILE B 1 20 ? 7.135   20.738  -15.758 1.00 19.63  ? 569 ILE B N   1 
ATOM   779  C  CA  . ILE B 1 20 ? 6.737   20.985  -14.381 1.00 20.00  ? 569 ILE B CA  1 
ATOM   780  C  C   . ILE B 1 20 ? 5.224   20.974  -14.255 1.00 20.35  ? 569 ILE B C   1 
ATOM   781  O  O   . ILE B 1 20 ? 4.662   20.394  -13.318 1.00 18.59  ? 569 ILE B O   1 
ATOM   782  C  CB  . ILE B 1 20 ? 7.334   22.323  -13.900 1.00 24.20  ? 569 ILE B CB  1 
ATOM   783  C  CG1 . ILE B 1 20 ? 8.858   22.210  -13.801 1.00 19.65  ? 569 ILE B CG1 1 
ATOM   784  C  CG2 . ILE B 1 20 ? 6.723   22.746  -12.567 1.00 17.18  ? 569 ILE B CG2 1 
ATOM   785  C  CD1 . ILE B 1 20 ? 9.543   23.522  -13.562 1.00 19.68  ? 569 ILE B CD1 1 
ATOM   786  N  N   . GLU B 1 21 ? 4.539   21.623  -15.185 1.00 21.29  ? 570 GLU B N   1 
ATOM   787  C  CA  . GLU B 1 21 ? 3.104   21.740  -15.024 1.00 22.95  ? 570 GLU B CA  1 
ATOM   788  C  C   . GLU B 1 21 ? 2.450   20.369  -15.062 1.00 22.07  ? 570 GLU B C   1 
ATOM   789  O  O   . GLU B 1 21 ? 1.391   20.158  -14.450 1.00 22.19  ? 570 GLU B O   1 
ATOM   790  C  CB  . GLU B 1 21 ? 2.546   22.712  -16.066 1.00 21.99  ? 570 GLU B CB  1 
ATOM   791  C  CG  . GLU B 1 21 ? 2.573   24.168  -15.512 1.00 31.46  ? 570 GLU B CG  1 
ATOM   792  C  CD  . GLU B 1 21 ? 2.283   25.265  -16.560 1.00 47.83  ? 570 GLU B CD  1 
ATOM   793  O  OE1 . GLU B 1 21 ? 2.767   26.410  -16.382 1.00 51.91  ? 570 GLU B OE1 1 
ATOM   794  O  OE2 . GLU B 1 21 ? 1.566   24.996  -17.553 1.00 50.72  ? 570 GLU B OE2 1 
ATOM   795  N  N   . ASP B 1 22 ? 3.106   19.403  -15.694 1.00 19.40  ? 571 ASP B N   1 
ATOM   796  C  CA  . ASP B 1 22 ? 2.523   18.084  -15.810 1.00 20.87  ? 571 ASP B CA  1 
ATOM   797  C  C   . ASP B 1 22 ? 2.876   17.186  -14.638 1.00 24.16  ? 571 ASP B C   1 
ATOM   798  O  O   . ASP B 1 22 ? 2.060   16.354  -14.226 1.00 25.89  ? 571 ASP B O   1 
ATOM   799  C  CB  . ASP B 1 22 ? 2.980   17.428  -17.102 1.00 20.55  ? 571 ASP B CB  1 
ATOM   800  C  CG  . ASP B 1 22 ? 2.265   16.137  -17.358 1.00 25.82  ? 571 ASP B CG  1 
ATOM   801  O  OD1 . ASP B 1 22 ? 1.091   16.243  -17.820 1.00 29.99  ? 571 ASP B OD1 1 
ATOM   802  O  OD2 . ASP B 1 22 ? 2.860   15.061  -17.088 1.00 18.54  ? 571 ASP B OD2 1 
ATOM   803  N  N   . LEU B 1 23 ? 4.072   17.351  -14.100 1.00 16.87  ? 572 LEU B N   1 
ATOM   804  C  CA  . LEU B 1 23 ? 4.535   16.492  -13.039 1.00 19.87  ? 572 LEU B CA  1 
ATOM   805  C  C   . LEU B 1 23 ? 3.967   16.911  -11.691 1.00 29.74  ? 572 LEU B C   1 
ATOM   806  O  O   . LEU B 1 23 ? 3.758   16.061  -10.818 1.00 31.84  ? 572 LEU B O   1 
ATOM   807  C  CB  . LEU B 1 23 ? 6.061   16.505  -13.022 1.00 18.20  ? 572 LEU B CB  1 
ATOM   808  C  CG  . LEU B 1 23 ? 6.815   15.725  -11.955 1.00 23.75  ? 572 LEU B CG  1 
ATOM   809  C  CD1 . LEU B 1 23 ? 6.303   14.295  -11.872 1.00 26.73  ? 572 LEU B CD1 1 
ATOM   810  C  CD2 . LEU B 1 23 ? 8.306   15.732  -12.233 1.00 25.84  ? 572 LEU B CD2 1 
ATOM   811  N  N   . GLU B 1 24 ? 3.682   18.195  -11.498 1.00 26.38  ? 573 GLU B N   1 
ATOM   812  C  CA  . GLU B 1 24 ? 3.329   18.628  -10.151 1.00 26.85  ? 573 GLU B CA  1 
ATOM   813  C  C   . GLU B 1 24 ? 1.991   18.059  -9.694  1.00 26.64  ? 573 GLU B C   1 
ATOM   814  O  O   . GLU B 1 24 ? 1.935   17.494  -8.594  1.00 25.34  ? 573 GLU B O   1 
ATOM   815  C  CB  . GLU B 1 24 ? 3.382   20.153  -10.056 1.00 26.51  ? 573 GLU B CB  1 
ATOM   816  C  CG  . GLU B 1 24 ? 4.698   20.633  -9.462  1.00 24.89  ? 573 GLU B CG  1 
ATOM   817  C  CD  . GLU B 1 24 ? 4.831   22.133  -9.466  1.00 31.29  ? 573 GLU B CD  1 
ATOM   818  O  OE1 . GLU B 1 24 ? 3.846   22.832  -9.804  1.00 35.34  ? 573 GLU B OE1 1 
ATOM   819  O  OE2 . GLU B 1 24 ? 5.928   22.614  -9.125  1.00 26.04  ? 573 GLU B OE2 1 
ATOM   820  N  N   . PRO B 1 25 ? 0.902   18.155  -10.469 1.00 24.55  ? 574 PRO B N   1 
ATOM   821  C  CA  . PRO B 1 25 ? -0.344  17.502  -10.039 1.00 22.48  ? 574 PRO B CA  1 
ATOM   822  C  C   . PRO B 1 25 ? -0.194  16.005  -9.915  1.00 27.98  ? 574 PRO B C   1 
ATOM   823  O  O   . PRO B 1 25 ? -0.837  15.406  -9.047  1.00 25.98  ? 574 PRO B O   1 
ATOM   824  C  CB  . PRO B 1 25 ? -1.332  17.851  -11.160 1.00 20.38  ? 574 PRO B CB  1 
ATOM   825  C  CG  . PRO B 1 25 ? -0.718  18.875  -11.926 1.00 18.34  ? 574 PRO B CG  1 
ATOM   826  C  CD  . PRO B 1 25 ? 0.758   18.713  -11.816 1.00 21.14  ? 574 PRO B CD  1 
ATOM   827  N  N   . ARG B 1 26 ? 0.629   15.384  -10.781 1.00 28.94  ? 575 ARG B N   1 
ATOM   828  C  CA  . ARG B 1 26 ? 0.901   13.954  -10.664 1.00 26.22  ? 575 ARG B CA  1 
ATOM   829  C  C   . ARG B 1 26 ? 1.558   13.635  -9.327  1.00 25.46  ? 575 ARG B C   1 
ATOM   830  O  O   . ARG B 1 26 ? 1.187   12.669  -8.655  1.00 28.19  ? 575 ARG B O   1 
ATOM   831  C  CB  . ARG B 1 26 ? 1.783   13.482  -11.819 1.00 24.30  ? 575 ARG B CB  1 
ATOM   832  C  CG  . ARG B 1 26 ? 1.036   13.374  -13.125 1.00 27.10  ? 575 ARG B CG  1 
ATOM   833  C  CD  . ARG B 1 26 ? 1.857   12.759  -14.268 1.00 24.01  ? 575 ARG B CD  1 
ATOM   834  N  NE  . ARG B 1 26 ? 0.959   11.935  -15.082 1.00 39.81  ? 575 ARG B NE  1 
ATOM   835  C  CZ  . ARG B 1 26 ? 0.208   12.402  -16.085 1.00 42.80  ? 575 ARG B CZ  1 
ATOM   836  N  NH1 . ARG B 1 26 ? 0.267   13.686  -16.431 1.00 34.39  ? 575 ARG B NH1 1 
ATOM   837  N  NH2 . ARG B 1 26 ? -0.597  11.582  -16.760 1.00 44.93  ? 575 ARG B NH2 1 
ATOM   838  N  N   . PHE B 1 27 ? 2.519   14.447  -8.913  1.00 23.82  ? 576 PHE B N   1 
ATOM   839  C  CA  . PHE B 1 27 ? 3.175   14.181  -7.651  1.00 21.10  ? 576 PHE B CA  1 
ATOM   840  C  C   . PHE B 1 27 ? 2.253   14.450  -6.474  1.00 29.37  ? 576 PHE B C   1 
ATOM   841  O  O   . PHE B 1 27 ? 2.367   13.784  -5.442  1.00 31.78  ? 576 PHE B O   1 
ATOM   842  C  CB  . PHE B 1 27 ? 4.431   15.020  -7.531  1.00 20.86  ? 576 PHE B CB  1 
ATOM   843  C  CG  . PHE B 1 27 ? 5.153   14.801  -6.263  1.00 28.16  ? 576 PHE B CG  1 
ATOM   844  C  CD1 . PHE B 1 27 ? 5.539   13.507  -5.894  1.00 30.64  ? 576 PHE B CD1 1 
ATOM   845  C  CD2 . PHE B 1 27 ? 5.437   15.855  -5.421  1.00 23.66  ? 576 PHE B CD2 1 
ATOM   846  C  CE1 . PHE B 1 27 ? 6.206   13.284  -4.724  1.00 22.18  ? 576 PHE B CE1 1 
ATOM   847  C  CE2 . PHE B 1 27 ? 6.098   15.629  -4.240  1.00 29.23  ? 576 PHE B CE2 1 
ATOM   848  C  CZ  . PHE B 1 27 ? 6.484   14.341  -3.893  1.00 24.33  ? 576 PHE B CZ  1 
ATOM   849  N  N   . ASN B 1 28 ? 1.340   15.415  -6.603  1.00 28.00  ? 577 ASN B N   1 
ATOM   850  C  CA  . ASN B 1 28 ? 0.403   15.672  -5.522  1.00 24.51  ? 577 ASN B CA  1 
ATOM   851  C  C   . ASN B 1 28 ? -0.559  14.518  -5.382  1.00 30.83  ? 577 ASN B C   1 
ATOM   852  O  O   . ASN B 1 28 ? -0.747  13.988  -4.280  1.00 35.01  ? 577 ASN B O   1 
ATOM   853  C  CB  . ASN B 1 28 ? -0.357  16.969  -5.758  1.00 25.33  ? 577 ASN B CB  1 
ATOM   854  C  CG  . ASN B 1 28 ? 0.456   18.174  -5.399  1.00 31.26  ? 577 ASN B CG  1 
ATOM   855  O  OD1 . ASN B 1 28 ? 1.394   18.072  -4.599  1.00 30.59  ? 577 ASN B OD1 1 
ATOM   856  N  ND2 . ASN B 1 28 ? 0.126   19.326  -5.997  1.00 24.18  ? 577 ASN B ND2 1 
ATOM   857  N  N   . ASN B 1 29 ? -1.154  14.096  -6.501  1.00 27.73  ? 578 ASN B N   1 
ATOM   858  C  CA  . ASN B 1 29 ? -2.057  12.952  -6.482  1.00 29.88  ? 578 ASN B CA  1 
ATOM   859  C  C   . ASN B 1 29 ? -1.417  11.742  -5.811  1.00 33.79  ? 578 ASN B C   1 
ATOM   860  O  O   . ASN B 1 29 ? -2.036  11.076  -4.973  1.00 33.28  ? 578 ASN B O   1 
ATOM   861  C  CB  . ASN B 1 29 ? -2.484  12.623  -7.900  1.00 21.31  ? 578 ASN B CB  1 
ATOM   862  C  CG  . ASN B 1 29 ? -3.440  13.656  -8.451  1.00 29.97  ? 578 ASN B CG  1 
ATOM   863  O  OD1 . ASN B 1 29 ? -3.922  14.527  -7.713  1.00 30.33  ? 578 ASN B OD1 1 
ATOM   864  N  ND2 . ASN B 1 29 ? -3.720  13.574  -9.746  1.00 28.06  ? 578 ASN B ND2 1 
ATOM   865  N  N   . SER B 1 30 ? -0.161  11.471  -6.140  1.00 28.09  ? 579 SER B N   1 
ATOM   866  C  CA  . SER B 1 30 ? 0.487   10.292  -5.610  1.00 31.73  ? 579 SER B CA  1 
ATOM   867  C  C   . SER B 1 30 ? 0.854   10.453  -4.140  1.00 40.11  ? 579 SER B C   1 
ATOM   868  O  O   . SER B 1 30 ? 0.972   9.455   -3.425  1.00 41.70  ? 579 SER B O   1 
ATOM   869  C  CB  . SER B 1 30 ? 1.718   9.981   -6.451  1.00 29.50  ? 579 SER B CB  1 
ATOM   870  O  OG  . SER B 1 30 ? 2.694   10.958  -6.206  1.00 36.89  ? 579 SER B OG  1 
ATOM   871  N  N   . SER B 1 31 ? 1.041   11.678  -3.662  1.00 39.53  ? 580 SER B N   1 
ATOM   872  C  CA  . SER B 1 31 ? 1.248   11.846  -2.229  1.00 40.83  ? 580 SER B CA  1 
ATOM   873  C  C   . SER B 1 31 ? -0.024  11.526  -1.464  1.00 41.03  ? 580 SER B C   1 
ATOM   874  O  O   . SER B 1 31 ? 0.013   10.856  -0.426  1.00 38.56  ? 580 SER B O   1 
ATOM   875  C  CB  . SER B 1 31 ? 1.712   13.266  -1.929  1.00 33.82  ? 580 SER B CB  1 
ATOM   876  O  OG  . SER B 1 31 ? 3.118   13.282  -1.922  1.00 46.81  ? 580 SER B OG  1 
ATOM   877  N  N   . LEU B 1 32 ? -1.153  12.024  -1.958  1.00 39.33  ? 581 LEU B N   1 
ATOM   878  C  CA  . LEU B 1 32 ? -2.437  11.670  -1.384  1.00 39.85  ? 581 LEU B CA  1 
ATOM   879  C  C   . LEU B 1 32 ? -2.655  10.167  -1.473  1.00 43.64  ? 581 LEU B C   1 
ATOM   880  O  O   . LEU B 1 32 ? -3.146  9.540   -0.528  1.00 44.80  ? 581 LEU B O   1 
ATOM   881  C  CB  . LEU B 1 32 ? -3.538  12.430  -2.120  1.00 38.01  ? 581 LEU B CB  1 
ATOM   882  C  CG  . LEU B 1 32 ? -4.934  12.424  -1.534  1.00 39.52  ? 581 LEU B CG  1 
ATOM   883  C  CD1 . LEU B 1 32 ? -4.917  13.314  -0.323  1.00 49.89  ? 581 LEU B CD1 1 
ATOM   884  C  CD2 . LEU B 1 32 ? -5.947  12.902  -2.554  1.00 29.87  ? 581 LEU B CD2 1 
ATOM   885  N  N   . LYS B 1 33 ? -2.256  9.566   -2.593  1.00 37.35  ? 582 LYS B N   1 
ATOM   886  C  CA  . LYS B 1 33 ? -2.490  8.145   -2.783  1.00 40.14  ? 582 LYS B CA  1 
ATOM   887  C  C   . LYS B 1 33 ? -1.765  7.339   -1.720  1.00 45.14  ? 582 LYS B C   1 
ATOM   888  O  O   . LYS B 1 33 ? -2.359  6.467   -1.073  1.00 44.76  ? 582 LYS B O   1 
ATOM   889  C  CB  . LYS B 1 33 ? -2.033  7.726   -4.176  1.00 41.72  ? 582 LYS B CB  1 
ATOM   890  C  CG  . LYS B 1 33 ? -2.353  6.280   -4.543  1.00 44.00  ? 582 LYS B CG  1 
ATOM   891  C  CD  . LYS B 1 33 ? -3.851  6.085   -4.628  1.00 54.46  ? 582 LYS B CD  1 
ATOM   892  C  CE  . LYS B 1 33 ? -4.221  5.018   -5.640  1.00 62.55  ? 582 LYS B CE  1 
ATOM   893  N  NZ  . LYS B 1 33 ? -5.698  5.017   -5.879  1.00 73.08  ? 582 LYS B NZ  1 
ATOM   894  N  N   . ILE B 1 34 ? -0.476  7.632   -1.517  1.00 37.56  ? 583 ILE B N   1 
ATOM   895  C  CA  . ILE B 1 34 ? 0.310   6.912   -0.523  1.00 37.37  ? 583 ILE B CA  1 
ATOM   896  C  C   . ILE B 1 34 ? -0.414  6.892   0.807   1.00 43.62  ? 583 ILE B C   1 
ATOM   897  O  O   . ILE B 1 34 ? -0.491  5.853   1.472   1.00 47.52  ? 583 ILE B O   1 
ATOM   898  C  CB  . ILE B 1 34 ? 1.717   7.526   -0.399  1.00 31.59  ? 583 ILE B CB  1 
ATOM   899  C  CG1 . ILE B 1 34 ? 2.579   7.048   -1.571  1.00 38.59  ? 583 ILE B CG1 1 
ATOM   900  C  CG2 . ILE B 1 34 ? 2.354   7.168   0.923   1.00 22.20  ? 583 ILE B CG2 1 
ATOM   901  C  CD1 . ILE B 1 34 ? 3.922   7.707   -1.674  1.00 34.75  ? 583 ILE B CD1 1 
ATOM   902  N  N   . GLU B 1 35 ? -1.017  8.020   1.185   1.00 43.61  ? 584 GLU B N   1 
ATOM   903  C  CA  . GLU B 1 35 ? -1.618  8.107   2.506   1.00 47.09  ? 584 GLU B CA  1 
ATOM   904  C  C   . GLU B 1 35 ? -3.012  7.485   2.546   1.00 47.34  ? 584 GLU B C   1 
ATOM   905  O  O   . GLU B 1 35 ? -3.391  6.916   3.572   1.00 49.76  ? 584 GLU B O   1 
ATOM   906  C  CB  . GLU B 1 35 ? -1.615  9.567   2.974   1.00 49.64  ? 584 GLU B CB  1 
ATOM   907  C  CG  . GLU B 1 35 ? -2.945  10.160  3.412   1.00 58.06  ? 584 GLU B CG  1 
ATOM   908  C  CD  . GLU B 1 35 ? -2.765  11.486  4.153   1.00 70.99  ? 584 GLU B CD  1 
ATOM   909  O  OE1 . GLU B 1 35 ? -2.184  12.436  3.565   1.00 71.11  ? 584 GLU B OE1 1 
ATOM   910  O  OE2 . GLU B 1 35 ? -3.169  11.573  5.330   1.00 72.40  ? 584 GLU B OE2 1 
ATOM   911  N  N   . GLU B 1 36 ? -3.783  7.553   1.461   1.00 38.86  ? 585 GLU B N   1 
ATOM   912  C  CA  . GLU B 1 36 ? -4.987  6.734   1.397   1.00 38.71  ? 585 GLU B CA  1 
ATOM   913  C  C   . GLU B 1 36 ? -4.645  5.248   1.499   1.00 48.65  ? 585 GLU B C   1 
ATOM   914  O  O   . GLU B 1 36 ? -5.296  4.498   2.235   1.00 45.13  ? 585 GLU B O   1 
ATOM   915  C  CB  . GLU B 1 36 ? -5.745  6.997   0.103   1.00 43.52  ? 585 GLU B CB  1 
ATOM   916  C  CG  . GLU B 1 36 ? -6.404  8.350   -0.007  1.00 54.38  ? 585 GLU B CG  1 
ATOM   917  C  CD  . GLU B 1 36 ? -7.204  8.473   -1.293  1.00 57.76  ? 585 GLU B CD  1 
ATOM   918  O  OE1 . GLU B 1 36 ? -8.420  8.755   -1.230  1.00 60.13  ? 585 GLU B OE1 1 
ATOM   919  O  OE2 . GLU B 1 36 ? -6.615  8.259   -2.372  1.00 65.94  ? 585 GLU B OE2 1 
ATOM   920  N  N   . LEU B 1 37 ? -3.644  4.791   0.748   1.00 48.37  ? 586 LEU B N   1 
ATOM   921  C  CA  . LEU B 1 37 ? -3.285  3.383   0.818   1.00 41.69  ? 586 LEU B CA  1 
ATOM   922  C  C   . LEU B 1 37 ? -2.850  3.012   2.223   1.00 44.03  ? 586 LEU B C   1 
ATOM   923  O  O   . LEU B 1 37 ? -3.377  2.067   2.812   1.00 54.65  ? 586 LEU B O   1 
ATOM   924  C  CB  . LEU B 1 37 ? -2.186  3.050   -0.189  1.00 43.52  ? 586 LEU B CB  1 
ATOM   925  C  CG  . LEU B 1 37 ? -2.620  3.084   -1.655  1.00 46.90  ? 586 LEU B CG  1 
ATOM   926  C  CD1 . LEU B 1 37 ? -1.493  2.584   -2.540  1.00 46.92  ? 586 LEU B CD1 1 
ATOM   927  C  CD2 . LEU B 1 37 ? -3.901  2.300   -1.902  1.00 39.05  ? 586 LEU B CD2 1 
ATOM   928  N  N   . GLN B 1 38 ? -1.911  3.765   2.793   1.00 43.89  ? 587 GLN B N   1 
ATOM   929  C  CA  . GLN B 1 38 ? -1.412  3.423   4.118   1.00 44.95  ? 587 GLN B CA  1 
ATOM   930  C  C   . GLN B 1 38 ? -2.532  3.379   5.150   1.00 49.24  ? 587 GLN B C   1 
ATOM   931  O  O   . GLN B 1 38 ? -2.434  2.651   6.144   1.00 49.19  ? 587 GLN B O   1 
ATOM   932  C  CB  . GLN B 1 38 ? -0.322  4.403   4.530   1.00 40.70  ? 587 GLN B CB  1 
ATOM   933  C  CG  . GLN B 1 38 ? 1.054   3.824   4.379   1.00 41.06  ? 587 GLN B CG  1 
ATOM   934  C  CD  . GLN B 1 38 ? 2.114   4.892   4.412   1.00 55.99  ? 587 GLN B CD  1 
ATOM   935  O  OE1 . GLN B 1 38 ? 1.789   6.084   4.396   1.00 47.85  ? 587 GLN B OE1 1 
ATOM   936  N  NE2 . GLN B 1 38 ? 3.394   4.480   4.462   1.00 52.36  ? 587 GLN B NE2 1 
ATOM   937  N  N   . GLU B 1 39 ? -3.610  4.126   4.921   1.00 45.18  ? 588 GLU B N   1 
ATOM   938  C  CA  . GLU B 1 39 ? -4.775  4.044   5.792   1.00 45.27  ? 588 GLU B CA  1 
ATOM   939  C  C   . GLU B 1 39 ? -5.490  2.718   5.601   1.00 48.21  ? 588 GLU B C   1 
ATOM   940  O  O   . GLU B 1 39 ? -5.685  1.957   6.555   1.00 54.99  ? 588 GLU B O   1 
ATOM   941  C  CB  . GLU B 1 39 ? -5.721  5.212   5.502   1.00 46.74  ? 588 GLU B CB  1 
ATOM   942  C  CG  . GLU B 1 39 ? -6.906  5.402   6.452   1.00 46.03  ? 588 GLU B CG  1 
ATOM   943  C  CD  . GLU B 1 39 ? -6.515  5.560   7.916   1.00 56.60  ? 588 GLU B CD  1 
ATOM   944  O  OE1 . GLU B 1 39 ? -7.428  5.511   8.771   1.00 58.90  ? 588 GLU B OE1 1 
ATOM   945  O  OE2 . GLU B 1 39 ? -5.312  5.732   8.218   1.00 56.91  ? 588 GLU B OE2 1 
ATOM   946  N  N   . ALA B 1 40 ? -5.896  2.436   4.361   1.00 42.68  ? 589 ALA B N   1 
ATOM   947  C  CA  . ALA B 1 40 ? -6.497  1.151   4.018   1.00 48.07  ? 589 ALA B CA  1 
ATOM   948  C  C   . ALA B 1 40 ? -5.700  -0.027  4.578   1.00 49.35  ? 589 ALA B C   1 
ATOM   949  O  O   . ALA B 1 40 ? -6.276  -1.014  5.050   1.00 45.45  ? 589 ALA B O   1 
ATOM   950  C  CB  . ALA B 1 40 ? -6.614  1.045   2.498   1.00 38.02  ? 589 ALA B CB  1 
ATOM   951  N  N   . LEU B 1 41 ? -4.372  0.067   4.544   1.00 39.53  ? 590 LEU B N   1 
ATOM   952  C  CA  . LEU B 1 41 ? -3.543  -1.051  4.947   1.00 44.60  ? 590 LEU B CA  1 
ATOM   953  C  C   . LEU B 1 41 ? -3.533  -1.236  6.456   1.00 51.74  ? 590 LEU B C   1 
ATOM   954  O  O   . LEU B 1 41 ? -3.382  -2.358  6.941   1.00 53.16  ? 590 LEU B O   1 
ATOM   955  C  CB  . LEU B 1 41 ? -2.125  -0.850  4.419   1.00 40.53  ? 590 LEU B CB  1 
ATOM   956  C  CG  . LEU B 1 41 ? -1.090  -1.911  4.777   1.00 40.97  ? 590 LEU B CG  1 
ATOM   957  C  CD1 . LEU B 1 41 ? -1.353  -3.165  3.971   1.00 42.83  ? 590 LEU B CD1 1 
ATOM   958  C  CD2 . LEU B 1 41 ? 0.307   -1.379  4.521   1.00 36.44  ? 590 LEU B CD2 1 
ATOM   959  N  N   . ARG B 1 42 ? -3.685  -0.157  7.208   1.00 58.60  ? 591 ARG B N   1 
ATOM   960  C  CA  . ARG B 1 42 ? -3.740  -0.249  8.657   1.00 57.79  ? 591 ARG B CA  1 
ATOM   961  C  C   . ARG B 1 42 ? -5.146  -0.599  9.140   1.00 58.33  ? 591 ARG B C   1 
ATOM   962  O  O   . ARG B 1 42 ? -5.284  -1.313  10.137  1.00 59.35  ? 591 ARG B O   1 
ATOM   963  C  CB  . ARG B 1 42 ? -3.195  1.061   9.258   1.00 58.33  ? 591 ARG B CB  1 
ATOM   964  C  CG  . ARG B 1 42 ? -4.071  1.828   10.227  1.00 64.70  ? 591 ARG B CG  1 
ATOM   965  C  CD  . ARG B 1 42 ? -3.886  3.347   10.044  1.00 69.23  ? 591 ARG B CD  1 
ATOM   966  N  NE  . ARG B 1 42 ? -2.486  3.769   9.848   1.00 77.09  ? 591 ARG B NE  1 
ATOM   967  C  CZ  . ARG B 1 42 ? -2.089  4.762   9.035   1.00 70.71  ? 591 ARG B CZ  1 
ATOM   968  N  NH1 . ARG B 1 42 ? -2.977  5.447   8.309   1.00 54.90  ? 591 ARG B NH1 1 
ATOM   969  N  NH2 . ARG B 1 42 ? -0.794  5.065   8.926   1.00 65.40  ? 591 ARG B NH2 1 
ATOM   970  N  N   . LYS B 1 43 ? -6.194  -0.160  8.426   1.00 52.50  ? 592 LYS B N   1 
ATOM   971  C  CA  . LYS B 1 43 ? -7.527  -0.711  8.646   1.00 47.15  ? 592 LYS B CA  1 
ATOM   972  C  C   . LYS B 1 43 ? -7.597  -2.194  8.305   1.00 57.97  ? 592 LYS B C   1 
ATOM   973  O  O   . LYS B 1 43 ? -8.534  -2.871  8.730   1.00 65.29  ? 592 LYS B O   1 
ATOM   974  C  CB  . LYS B 1 43 ? -8.575  0.030   7.814   1.00 38.37  ? 592 LYS B CB  1 
ATOM   975  C  CG  . LYS B 1 43 ? -9.254  1.198   8.506   1.00 44.60  ? 592 LYS B CG  1 
ATOM   976  N  N   . LYS B 1 44 ? -6.652  -2.702  7.520   1.00 58.93  ? 593 LYS B N   1 
ATOM   977  C  CA  . LYS B 1 44 ? -6.649  -4.103  7.133   1.00 53.45  ? 593 LYS B CA  1 
ATOM   978  C  C   . LYS B 1 44 ? -5.808  -4.939  8.071   1.00 55.55  ? 593 LYS B C   1 
ATOM   979  O  O   . LYS B 1 44 ? -6.199  -6.057  8.405   1.00 62.28  ? 593 LYS B O   1 
ATOM   980  C  CB  . LYS B 1 44 ? -6.127  -4.268  5.708   1.00 56.18  ? 593 LYS B CB  1 
ATOM   981  C  CG  . LYS B 1 44 ? -7.064  -5.016  4.800   1.00 63.89  ? 593 LYS B CG  1 
ATOM   982  C  CD  . LYS B 1 44 ? -8.429  -4.379  4.794   1.00 63.73  ? 593 LYS B CD  1 
ATOM   983  C  CE  . LYS B 1 44 ? -9.340  -5.067  3.781   1.00 69.29  ? 593 LYS B CE  1 
ATOM   984  N  NZ  . LYS B 1 44 ? -10.779 -4.704  3.959   1.00 73.64  ? 593 LYS B NZ  1 
ATOM   985  N  N   . GLU B 1 45 ? -4.648  -4.431  8.491   1.00 55.30  ? 594 GLU B N   1 
ATOM   986  C  CA  . GLU B 1 45 ? -3.897  -5.102  9.544   1.00 60.58  ? 594 GLU B CA  1 
ATOM   987  C  C   . GLU B 1 45 ? -4.668  -5.134  10.855  1.00 63.21  ? 594 GLU B C   1 
ATOM   988  O  O   . GLU B 1 45 ? -4.372  -5.976  11.712  1.00 60.55  ? 594 GLU B O   1 
ATOM   989  C  CB  . GLU B 1 45 ? -2.536  -4.437  9.761   1.00 58.76  ? 594 GLU B CB  1 
ATOM   990  C  CG  . GLU B 1 45 ? -1.666  -4.386  8.517   1.00 70.11  ? 594 GLU B CG  1 
ATOM   991  C  CD  . GLU B 1 45 ? -0.389  -3.566  8.685   1.00 73.52  ? 594 GLU B CD  1 
ATOM   992  O  OE1 . GLU B 1 45 ? 0.657   -3.969  8.124   1.00 74.53  ? 594 GLU B OE1 1 
ATOM   993  O  OE2 . GLU B 1 45 ? -0.434  -2.529  9.391   1.00 81.87  ? 594 GLU B OE2 1 
ATOM   994  N  N   . GLU B 1 46 ? -5.661  -4.258  11.019  1.00 59.07  ? 595 GLU B N   1 
ATOM   995  C  CA  . GLU B 1 46 ? -6.507  -4.306  12.203  1.00 63.48  ? 595 GLU B CA  1 
ATOM   996  C  C   . GLU B 1 46 ? -7.530  -5.428  12.093  1.00 68.64  ? 595 GLU B C   1 
ATOM   997  O  O   . GLU B 1 46 ? -7.623  -6.290  12.972  1.00 70.38  ? 595 GLU B O   1 
ATOM   998  C  CB  . GLU B 1 46 ? -7.208  -2.963  12.405  1.00 73.17  ? 595 GLU B CB  1 
ATOM   999  C  CG  . GLU B 1 46 ? -8.163  -2.927  13.595  1.00 81.43  ? 595 GLU B CG  1 
ATOM   1000 C  CD  . GLU B 1 46 ? -7.469  -3.279  14.906  1.00 88.44  ? 595 GLU B CD  1 
ATOM   1001 O  OE1 . GLU B 1 46 ? -6.230  -3.083  15.009  1.00 85.61  ? 595 GLU B OE1 1 
ATOM   1002 O  OE2 . GLU B 1 46 ? -8.163  -3.756  15.832  1.00 83.33  ? 595 GLU B OE2 1 
ATOM   1003 N  N   . GLU B 1 47 ? -8.320  -5.415  11.021  1.00 64.28  ? 596 GLU B N   1 
ATOM   1004 C  CA  . GLU B 1 47 ? -9.227  -6.504  10.695  1.00 57.06  ? 596 GLU B CA  1 
ATOM   1005 C  C   . GLU B 1 47 ? -8.543  -7.856  10.841  1.00 60.37  ? 596 GLU B C   1 
ATOM   1006 O  O   . GLU B 1 47 ? -9.154  -8.812  11.316  1.00 71.33  ? 596 GLU B O   1 
ATOM   1007 C  CB  . GLU B 1 47 ? -9.752  -6.335  9.271   1.00 58.62  ? 596 GLU B CB  1 
ATOM   1008 C  CG  . GLU B 1 47 ? -11.087 -5.636  9.157   1.00 65.36  ? 596 GLU B CG  1 
ATOM   1009 C  CD  . GLU B 1 47 ? -11.467 -5.348  7.710   1.00 77.37  ? 596 GLU B CD  1 
ATOM   1010 O  OE1 . GLU B 1 47 ? -11.232 -4.210  7.251   1.00 78.84  ? 596 GLU B OE1 1 
ATOM   1011 O  OE2 . GLU B 1 47 ? -11.980 -6.263  7.020   1.00 81.67  ? 596 GLU B OE2 1 
HETATM 1012 N  N   . MSE B 1 48 ? -7.282  -7.949  10.447  1.00 59.87  ? 597 MSE B N   1 
HETATM 1013 C  CA  . MSE B 1 48 ? -6.535  -9.189  10.583  1.00 67.20  ? 597 MSE B CA  1 
HETATM 1014 C  C   . MSE B 1 48 ? -6.276  -9.510  12.051  1.00 72.66  ? 597 MSE B C   1 
HETATM 1015 O  O   . MSE B 1 48 ? -6.498  -10.640 12.482  1.00 74.14  ? 597 MSE B O   1 
HETATM 1016 C  CB  . MSE B 1 48 ? -5.213  -9.118  9.815   1.00 66.94  ? 597 MSE B CB  1 
HETATM 1017 C  CG  . MSE B 1 48 ? -4.397  -10.407 9.862   1.00 74.99  ? 597 MSE B CG  1 
HETATM 1018 SE SE  . MSE B 1 48 ? -5.212  -11.927 8.899   1.00 92.11  ? 597 MSE B SE  1 
HETATM 1019 C  CE  . MSE B 1 48 ? -3.820  -13.249 9.264   1.00 74.13  ? 597 MSE B CE  1 
ATOM   1020 N  N   . LYS B 1 49 ? -5.810  -8.513  12.815  1.00 70.90  ? 598 LYS B N   1 
ATOM   1021 C  CA  . LYS B 1 49 ? -5.574  -8.714  14.245  1.00 70.91  ? 598 LYS B CA  1 
ATOM   1022 C  C   . LYS B 1 49 ? -6.808  -9.276  14.937  1.00 68.52  ? 598 LYS B C   1 
ATOM   1023 O  O   . LYS B 1 49 ? -6.705  -10.178 15.772  1.00 66.44  ? 598 LYS B O   1 
ATOM   1024 C  CB  . LYS B 1 49 ? -5.157  -7.399  14.911  1.00 61.15  ? 598 LYS B CB  1 
ATOM   1025 N  N   . GLN B 1 50 ? -7.987  -8.754  14.604  1.00 67.43  ? 599 GLN B N   1 
ATOM   1026 C  CA  . GLN B 1 50 ? -9.201  -9.278  15.202  1.00 68.96  ? 599 GLN B CA  1 
ATOM   1027 C  C   . GLN B 1 50 ? -9.426  -10.718 14.782  1.00 73.85  ? 599 GLN B C   1 
ATOM   1028 O  O   . GLN B 1 50 ? -9.827  -11.558 15.597  1.00 74.69  ? 599 GLN B O   1 
ATOM   1029 C  CB  . GLN B 1 50 ? -10.393 -8.425  14.806  1.00 61.97  ? 599 GLN B CB  1 
ATOM   1030 C  CG  . GLN B 1 50 ? -10.372 -7.060  15.420  1.00 67.54  ? 599 GLN B CG  1 
ATOM   1031 C  CD  . GLN B 1 50 ? -11.757 -6.473  15.491  1.00 83.41  ? 599 GLN B CD  1 
ATOM   1032 O  OE1 . GLN B 1 50 ? -12.747 -7.208  15.570  1.00 81.49  ? 599 GLN B OE1 1 
ATOM   1033 N  NE2 . GLN B 1 50 ? -11.847 -5.145  15.439  1.00 80.96  ? 599 GLN B NE2 1 
HETATM 1034 N  N   . MSE B 1 51 ? -9.153  -11.031 13.520  1.00 72.14  ? 600 MSE B N   1 
HETATM 1035 C  CA  . MSE B 1 51 ? -9.465  -12.349 13.020  1.00 69.21  ? 600 MSE B CA  1 
HETATM 1036 C  C   . MSE B 1 51 ? -8.485  -13.380 13.525  1.00 68.29  ? 600 MSE B C   1 
HETATM 1037 O  O   . MSE B 1 51 ? -8.869  -14.512 13.768  1.00 70.54  ? 600 MSE B O   1 
HETATM 1038 C  CB  . MSE B 1 51 ? -9.517  -12.360 11.485  1.00 71.75  ? 600 MSE B CB  1 
HETATM 1039 C  CG  . MSE B 1 51 ? -9.882  -13.708 11.012  1.00 87.16  ? 600 MSE B CG  1 
HETATM 1040 SE SE  . MSE B 1 51 ? -11.790 -13.945 11.331  1.00 148.79 ? 600 MSE B SE  1 
HETATM 1041 C  CE  . MSE B 1 51 ? -11.843 -15.869 11.598  1.00 84.78  ? 600 MSE B CE  1 
ATOM   1042 N  N   . GLU B 1 52 ? -7.214  -13.013 13.704  1.00 65.17  ? 601 GLU B N   1 
ATOM   1043 C  CA  . GLU B 1 52 ? -6.285  -13.955 14.337  1.00 71.12  ? 601 GLU B CA  1 
ATOM   1044 C  C   . GLU B 1 52 ? -6.596  -14.142 15.811  1.00 67.23  ? 601 GLU B C   1 
ATOM   1045 O  O   . GLU B 1 52 ? -6.385  -15.230 16.348  1.00 66.48  ? 601 GLU B O   1 
ATOM   1046 C  CB  . GLU B 1 52 ? -4.827  -13.502 14.200  1.00 73.44  ? 601 GLU B CB  1 
ATOM   1047 C  CG  . GLU B 1 52 ? -4.406  -12.988 12.846  1.00 79.98  ? 601 GLU B CG  1 
ATOM   1048 C  CD  . GLU B 1 52 ? -3.039  -12.344 12.894  1.00 88.47  ? 601 GLU B CD  1 
ATOM   1049 O  OE1 . GLU B 1 52 ? -2.097  -12.863 12.249  1.00 88.54  ? 601 GLU B OE1 1 
ATOM   1050 O  OE2 . GLU B 1 52 ? -2.903  -11.328 13.609  1.00 89.47  ? 601 GLU B OE2 1 
ATOM   1051 N  N   . GLU B 1 53 ? -7.057  -13.086 16.484  1.00 70.05  ? 602 GLU B N   1 
ATOM   1052 C  CA  . GLU B 1 53 ? -7.483  -13.227 17.868  1.00 72.77  ? 602 GLU B CA  1 
ATOM   1053 C  C   . GLU B 1 53 ? -8.652  -14.187 17.973  1.00 66.28  ? 602 GLU B C   1 
ATOM   1054 O  O   . GLU B 1 53 ? -8.731  -14.979 18.914  1.00 62.36  ? 602 GLU B O   1 
ATOM   1055 C  CB  . GLU B 1 53 ? -7.865  -11.864 18.444  1.00 75.82  ? 602 GLU B CB  1 
ATOM   1056 C  CG  . GLU B 1 53 ? -6.807  -11.275 19.366  1.00 85.26  ? 602 GLU B CG  1 
ATOM   1057 C  CD  . GLU B 1 53 ? -6.927  -9.765  19.524  1.00 90.30  ? 602 GLU B CD  1 
ATOM   1058 O  OE1 . GLU B 1 53 ? -8.071  -9.254  19.541  1.00 98.87  ? 602 GLU B OE1 1 
ATOM   1059 O  OE2 . GLU B 1 53 ? -5.878  -9.089  19.625  1.00 81.48  ? 602 GLU B OE2 1 
ATOM   1060 N  N   . ARG B 1 54 ? -9.549  -14.141 17.000  1.00 62.71  ? 603 ARG B N   1 
ATOM   1061 C  CA  . ARG B 1 54 ? -10.715 -15.004 16.993  1.00 61.90  ? 603 ARG B CA  1 
ATOM   1062 C  C   . ARG B 1 54 ? -10.342 -16.447 16.665  1.00 64.48  ? 603 ARG B C   1 
ATOM   1063 O  O   . ARG B 1 54 ? -10.919 -17.386 17.222  1.00 68.28  ? 603 ARG B O   1 
ATOM   1064 C  CB  . ARG B 1 54 ? -11.721 -14.444 15.994  1.00 59.36  ? 603 ARG B CB  1 
ATOM   1065 C  CG  . ARG B 1 54 ? -12.892 -15.313 15.722  1.00 70.52  ? 603 ARG B CG  1 
ATOM   1066 C  CD  . ARG B 1 54 ? -13.903 -14.518 14.943  1.00 81.64  ? 603 ARG B CD  1 
ATOM   1067 N  NE  . ARG B 1 54 ? -15.228 -15.121 15.007  1.00 91.55  ? 603 ARG B NE  1 
ATOM   1068 C  CZ  . ARG B 1 54 ? -16.194 -14.872 14.130  1.00 89.61  ? 603 ARG B CZ  1 
ATOM   1069 N  NH1 . ARG B 1 54 ? -15.969 -14.028 13.128  1.00 86.62  ? 603 ARG B NH1 1 
ATOM   1070 N  NH2 . ARG B 1 54 ? -17.378 -15.469 14.254  1.00 87.62  ? 603 ARG B NH2 1 
ATOM   1071 N  N   . TYR B 1 55 ? -9.382  -16.644 15.767  1.00 62.51  ? 604 TYR B N   1 
ATOM   1072 C  CA  . TYR B 1 55 ? -8.969  -17.989 15.400  1.00 56.42  ? 604 TYR B CA  1 
ATOM   1073 C  C   . TYR B 1 55 ? -8.079  -18.597 16.466  1.00 61.80  ? 604 TYR B C   1 
ATOM   1074 O  O   . TYR B 1 55 ? -8.149  -19.802 16.715  1.00 70.05  ? 604 TYR B O   1 
ATOM   1075 C  CB  . TYR B 1 55 ? -8.236  -17.970 14.062  1.00 60.49  ? 604 TYR B CB  1 
ATOM   1076 C  CG  . TYR B 1 55 ? -7.838  -19.329 13.546  1.00 59.40  ? 604 TYR B CG  1 
ATOM   1077 C  CD1 . TYR B 1 55 ? -6.620  -19.898 13.904  1.00 60.10  ? 604 TYR B CD1 1 
ATOM   1078 C  CD2 . TYR B 1 55 ? -8.671  -20.036 12.680  1.00 65.08  ? 604 TYR B CD2 1 
ATOM   1079 C  CE1 . TYR B 1 55 ? -6.246  -21.133 13.432  1.00 65.17  ? 604 TYR B CE1 1 
ATOM   1080 C  CE2 . TYR B 1 55 ? -8.306  -21.277 12.196  1.00 66.80  ? 604 TYR B CE2 1 
ATOM   1081 C  CZ  . TYR B 1 55 ? -7.085  -21.821 12.575  1.00 69.92  ? 604 TYR B CZ  1 
ATOM   1082 O  OH  . TYR B 1 55 ? -6.695  -23.060 12.113  1.00 81.68  ? 604 TYR B OH  1 
ATOM   1083 N  N   . LYS B 1 56 ? -7.219  -17.794 17.092  1.00 61.18  ? 605 LYS B N   1 
ATOM   1084 C  CA  . LYS B 1 56 ? -6.437  -18.318 18.202  1.00 63.03  ? 605 LYS B CA  1 
ATOM   1085 C  C   . LYS B 1 56 ? -7.346  -18.732 19.351  1.00 66.55  ? 605 LYS B C   1 
ATOM   1086 O  O   . LYS B 1 56 ? -7.130  -19.778 19.976  1.00 68.15  ? 605 LYS B O   1 
ATOM   1087 C  CB  . LYS B 1 56 ? -5.410  -17.293 18.670  1.00 58.83  ? 605 LYS B CB  1 
ATOM   1088 C  CG  . LYS B 1 56 ? -4.566  -17.796 19.831  1.00 72.52  ? 605 LYS B CG  1 
ATOM   1089 C  CD  . LYS B 1 56 ? -3.646  -16.722 20.374  1.00 75.73  ? 605 LYS B CD  1 
ATOM   1090 C  CE  . LYS B 1 56 ? -4.146  -16.172 21.701  1.00 74.88  ? 605 LYS B CE  1 
ATOM   1091 N  NZ  . LYS B 1 56 ? -3.337  -14.996 22.145  1.00 71.53  ? 605 LYS B NZ  1 
ATOM   1092 N  N   . LYS B 1 57 ? -8.368  -17.922 19.638  1.00 65.88  ? 606 LYS B N   1 
ATOM   1093 C  CA  . LYS B 1 57 ? -9.429  -18.302 20.559  1.00 60.18  ? 606 LYS B CA  1 
ATOM   1094 C  C   . LYS B 1 57 ? -9.899  -19.718 20.266  1.00 68.68  ? 606 LYS B C   1 
ATOM   1095 O  O   . LYS B 1 57 ? -9.833  -20.614 21.120  1.00 71.86  ? 606 LYS B O   1 
ATOM   1096 C  CB  . LYS B 1 57 ? -10.598 -17.319 20.437  1.00 53.07  ? 606 LYS B CB  1 
ATOM   1097 C  CG  . LYS B 1 57 ? -10.882 -16.460 21.661  1.00 60.93  ? 606 LYS B CG  1 
ATOM   1098 C  CD  . LYS B 1 57 ? -9.626  -16.089 22.445  1.00 68.01  ? 606 LYS B CD  1 
ATOM   1099 C  CE  . LYS B 1 57 ? -9.956  -15.095 23.573  1.00 85.04  ? 606 LYS B CE  1 
ATOM   1100 N  NZ  . LYS B 1 57 ? -8.920  -15.034 24.659  1.00 78.67  ? 606 LYS B NZ  1 
ATOM   1101 N  N   . TYR B 1 58 ? -10.345 -19.937 19.033  1.00 63.28  ? 607 TYR B N   1 
ATOM   1102 C  CA  . TYR B 1 58 ? -10.937 -21.221 18.701  1.00 67.13  ? 607 TYR B CA  1 
ATOM   1103 C  C   . TYR B 1 58 ? -9.912  -22.337 18.717  1.00 65.61  ? 607 TYR B C   1 
ATOM   1104 O  O   . TYR B 1 58 ? -10.253 -23.480 19.029  1.00 70.68  ? 607 TYR B O   1 
ATOM   1105 C  CB  . TYR B 1 58 ? -11.601 -21.161 17.338  1.00 62.64  ? 607 TYR B CB  1 
ATOM   1106 C  CG  . TYR B 1 58 ? -12.692 -22.171 17.203  1.00 64.31  ? 607 TYR B CG  1 
ATOM   1107 C  CD1 . TYR B 1 58 ? -13.928 -21.955 17.799  1.00 72.10  ? 607 TYR B CD1 1 
ATOM   1108 C  CD2 . TYR B 1 58 ? -12.493 -23.350 16.497  1.00 67.71  ? 607 TYR B CD2 1 
ATOM   1109 C  CE1 . TYR B 1 58 ? -14.948 -22.880 17.689  1.00 70.11  ? 607 TYR B CE1 1 
ATOM   1110 C  CE2 . TYR B 1 58 ? -13.512 -24.289 16.376  1.00 66.54  ? 607 TYR B CE2 1 
ATOM   1111 C  CZ  . TYR B 1 58 ? -14.738 -24.044 16.975  1.00 66.05  ? 607 TYR B CZ  1 
ATOM   1112 O  OH  . TYR B 1 58 ? -15.770 -24.948 16.865  1.00 63.22  ? 607 TYR B OH  1 
ATOM   1113 N  N   . LEU B 1 59 ? -8.667  -22.035 18.380  1.00 64.92  ? 608 LEU B N   1 
ATOM   1114 C  CA  . LEU B 1 59 ? -7.647  -23.070 18.367  1.00 70.03  ? 608 LEU B CA  1 
ATOM   1115 C  C   . LEU B 1 59 ? -7.262  -23.502 19.779  1.00 69.41  ? 608 LEU B C   1 
ATOM   1116 O  O   . LEU B 1 59 ? -6.718  -24.596 19.957  1.00 65.84  ? 608 LEU B O   1 
ATOM   1117 C  CB  . LEU B 1 59 ? -6.428  -22.568 17.575  1.00 64.53  ? 608 LEU B CB  1 
ATOM   1118 C  CG  . LEU B 1 59 ? -5.044  -23.199 17.727  1.00 68.40  ? 608 LEU B CG  1 
ATOM   1119 C  CD1 . LEU B 1 59 ? -5.104  -24.628 17.237  1.00 72.54  ? 608 LEU B CD1 1 
ATOM   1120 C  CD2 . LEU B 1 59 ? -4.026  -22.441 16.914  1.00 67.80  ? 608 LEU B CD2 1 
ATOM   1121 N  N   . GLU B 1 60 ? -7.562  -22.697 20.792  1.00 65.04  ? 609 GLU B N   1 
ATOM   1122 C  CA  . GLU B 1 60 ? -7.280  -23.137 22.145  1.00 70.37  ? 609 GLU B CA  1 
ATOM   1123 C  C   . GLU B 1 60 ? -8.468  -23.823 22.809  1.00 71.61  ? 609 GLU B C   1 
ATOM   1124 O  O   . GLU B 1 60 ? -8.262  -24.608 23.740  1.00 74.03  ? 609 GLU B O   1 
ATOM   1125 C  CB  . GLU B 1 60 ? -6.772  -21.970 22.991  1.00 64.52  ? 609 GLU B CB  1 
ATOM   1126 C  CG  . GLU B 1 60 ? -5.354  -21.550 22.588  1.00 80.41  ? 609 GLU B CG  1 
ATOM   1127 C  CD  . GLU B 1 60 ? -4.265  -22.448 23.189  1.00 88.92  ? 609 GLU B CD  1 
ATOM   1128 O  OE1 . GLU B 1 60 ? -4.172  -22.542 24.443  1.00 89.45  ? 609 GLU B OE1 1 
ATOM   1129 O  OE2 . GLU B 1 60 ? -3.527  -23.092 22.387  1.00 84.21  ? 609 GLU B OE2 1 
ATOM   1130 N  N   . LYS B 1 61 ? -9.697  -23.587 22.345  1.00 67.99  ? 610 LYS B N   1 
ATOM   1131 C  CA  . LYS B 1 61 ? -10.762 -24.538 22.650  1.00 62.57  ? 610 LYS B CA  1 
ATOM   1132 C  C   . LYS B 1 61 ? -10.399 -25.920 22.131  1.00 61.40  ? 610 LYS B C   1 
ATOM   1133 O  O   . LYS B 1 61 ? -10.570 -26.927 22.820  1.00 66.01  ? 610 LYS B O   1 
ATOM   1134 C  CB  . LYS B 1 61 ? -12.084 -24.086 22.037  1.00 49.39  ? 610 LYS B CB  1 
ATOM   1135 C  CG  . LYS B 1 61 ? -12.787 -22.975 22.774  1.00 56.20  ? 610 LYS B CG  1 
ATOM   1136 C  CD  . LYS B 1 61 ? -14.150 -22.721 22.146  1.00 59.85  ? 610 LYS B CD  1 
ATOM   1137 C  CE  . LYS B 1 61 ? -14.948 -21.696 22.919  1.00 44.72  ? 610 LYS B CE  1 
ATOM   1138 N  NZ  . LYS B 1 61 ? -16.213 -21.434 22.203  1.00 53.01  ? 610 LYS B NZ  1 
ATOM   1139 N  N   . ALA B 1 62 ? -9.880  -25.977 20.913  1.00 58.02  ? 611 ALA B N   1 
ATOM   1140 C  CA  . ALA B 1 62 ? -9.704  -27.248 20.230  1.00 60.79  ? 611 ALA B CA  1 
ATOM   1141 C  C   . ALA B 1 62 ? -8.675  -28.127 20.931  1.00 65.79  ? 611 ALA B C   1 
ATOM   1142 O  O   . ALA B 1 62 ? -8.887  -29.334 21.095  1.00 69.01  ? 611 ALA B O   1 
ATOM   1143 C  CB  . ALA B 1 62 ? -9.308  -27.000 18.775  1.00 58.02  ? 611 ALA B CB  1 
ATOM   1144 N  N   . LYS B 1 63 ? -7.532  -27.556 21.319  1.00 63.63  ? 612 LYS B N   1 
ATOM   1145 C  CA  . LYS B 1 63 ? -6.560  -28.376 22.033  1.00 69.88  ? 612 LYS B CA  1 
ATOM   1146 C  C   . LYS B 1 63 ? -7.013  -28.670 23.456  1.00 63.99  ? 612 LYS B C   1 
ATOM   1147 O  O   . LYS B 1 63 ? -6.674  -29.730 23.991  1.00 65.90  ? 612 LYS B O   1 
ATOM   1148 C  CB  . LYS B 1 63 ? -5.168  -27.736 22.052  1.00 77.01  ? 612 LYS B CB  1 
ATOM   1149 C  CG  . LYS B 1 63 ? -4.845  -26.803 20.905  1.00 73.89  ? 612 LYS B CG  1 
ATOM   1150 C  CD  . LYS B 1 63 ? -3.354  -26.485 20.858  1.00 71.85  ? 612 LYS B CD  1 
ATOM   1151 C  CE  . LYS B 1 63 ? -2.568  -27.735 20.432  1.00 75.72  ? 612 LYS B CE  1 
ATOM   1152 N  NZ  . LYS B 1 63 ? -1.175  -27.446 19.989  1.00 70.42  ? 612 LYS B NZ  1 
ATOM   1153 N  N   . SER B 1 64 ? -7.770  -27.760 24.081  1.00 55.36  ? 613 SER B N   1 
ATOM   1154 C  CA  . SER B 1 64 ? -8.444  -28.117 25.325  1.00 59.45  ? 613 SER B CA  1 
ATOM   1155 C  C   . SER B 1 64 ? -9.192  -29.437 25.175  1.00 66.58  ? 613 SER B C   1 
ATOM   1156 O  O   . SER B 1 64 ? -9.099  -30.319 26.035  1.00 69.75  ? 613 SER B O   1 
ATOM   1157 C  CB  . SER B 1 64 ? -9.402  -27.008 25.748  1.00 58.08  ? 613 SER B CB  1 
ATOM   1158 O  OG  . SER B 1 64 ? -8.742  -26.059 26.564  1.00 72.30  ? 613 SER B OG  1 
ATOM   1159 N  N   . VAL B 1 65 ? -9.910  -29.597 24.065  1.00 65.13  ? 614 VAL B N   1 
ATOM   1160 C  CA  . VAL B 1 65 ? -10.621 -30.836 23.782  1.00 55.66  ? 614 VAL B CA  1 
ATOM   1161 C  C   . VAL B 1 65 ? -9.652  -31.971 23.459  1.00 62.04  ? 614 VAL B C   1 
ATOM   1162 O  O   . VAL B 1 65 ? -9.858  -33.115 23.881  1.00 67.14  ? 614 VAL B O   1 
ATOM   1163 C  CB  . VAL B 1 65 ? -11.620 -30.591 22.642  1.00 56.27  ? 614 VAL B CB  1 
ATOM   1164 C  CG1 . VAL B 1 65 ? -12.094 -31.899 22.038  1.00 54.85  ? 614 VAL B CG1 1 
ATOM   1165 C  CG2 . VAL B 1 65 ? -12.773 -29.764 23.158  1.00 55.68  ? 614 VAL B CG2 1 
ATOM   1166 N  N   . ILE B 1 66 ? -8.586  -31.689 22.703  1.00 59.13  ? 615 ILE B N   1 
ATOM   1167 C  CA  . ILE B 1 66 ? -7.615  -32.739 22.407  1.00 60.75  ? 615 ILE B CA  1 
ATOM   1168 C  C   . ILE B 1 66 ? -6.957  -33.256 23.684  1.00 62.50  ? 615 ILE B C   1 
ATOM   1169 O  O   . ILE B 1 66 ? -6.563  -34.430 23.762  1.00 59.23  ? 615 ILE B O   1 
ATOM   1170 C  CB  . ILE B 1 66 ? -6.571  -32.237 21.392  1.00 57.27  ? 615 ILE B CB  1 
ATOM   1171 C  CG1 . ILE B 1 66 ? -7.234  -32.007 20.034  1.00 59.44  ? 615 ILE B CG1 1 
ATOM   1172 C  CG2 . ILE B 1 66 ? -5.443  -33.247 21.250  1.00 52.81  ? 615 ILE B CG2 1 
ATOM   1173 C  CD1 . ILE B 1 66 ? -6.293  -31.564 18.928  1.00 55.10  ? 615 ILE B CD1 1 
ATOM   1174 N  N   . ARG B 1 67 ? -6.841  -32.409 24.708  1.00 56.27  ? 616 ARG B N   1 
ATOM   1175 C  CA  . ARG B 1 67 ? -6.228  -32.869 25.946  1.00 59.02  ? 616 ARG B CA  1 
ATOM   1176 C  C   . ARG B 1 67 ? -7.201  -33.705 26.764  1.00 68.59  ? 616 ARG B C   1 
ATOM   1177 O  O   . ARG B 1 67 ? -6.837  -34.778 27.261  1.00 68.64  ? 616 ARG B O   1 
ATOM   1178 C  CB  . ARG B 1 67 ? -5.722  -31.686 26.773  1.00 60.10  ? 616 ARG B CB  1 
ATOM   1179 C  CG  . ARG B 1 67 ? -4.847  -32.097 27.960  1.00 57.95  ? 616 ARG B CG  1 
ATOM   1180 N  N   . THR B 1 68 ? -8.444  -33.232 26.920  1.00 62.20  ? 617 THR B N   1 
ATOM   1181 C  CA  . THR B 1 68 ? -9.403  -33.966 27.742  1.00 63.67  ? 617 THR B CA  1 
ATOM   1182 C  C   . THR B 1 68 ? -9.637  -35.372 27.194  1.00 59.60  ? 617 THR B C   1 
ATOM   1183 O  O   . THR B 1 68 ? -9.635  -36.346 27.954  1.00 68.31  ? 617 THR B O   1 
ATOM   1184 C  CB  . THR B 1 68 ? -10.725 -33.204 27.853  1.00 61.36  ? 617 THR B CB  1 
ATOM   1185 O  OG1 . THR B 1 68 ? -11.287 -33.040 26.553  1.00 70.56  ? 617 THR B OG1 1 
ATOM   1186 C  CG2 . THR B 1 68 ? -10.521 -31.834 28.475  1.00 53.25  ? 617 THR B CG2 1 
ATOM   1187 N  N   . LEU B 1 69 ? -9.811  -35.504 25.880  1.00 49.47  ? 618 LEU B N   1 
ATOM   1188 C  CA  . LEU B 1 69 ? -9.992  -36.806 25.246  1.00 53.15  ? 618 LEU B CA  1 
ATOM   1189 C  C   . LEU B 1 69 ? -8.693  -37.553 25.036  1.00 58.26  ? 618 LEU B C   1 
ATOM   1190 O  O   . LEU B 1 69 ? -8.691  -38.560 24.323  1.00 57.43  ? 618 LEU B O   1 
ATOM   1191 C  CB  . LEU B 1 69 ? -10.690 -36.664 23.890  1.00 55.49  ? 618 LEU B CB  1 
ATOM   1192 C  CG  . LEU B 1 69 ? -11.997 -35.875 23.824  1.00 62.15  ? 618 LEU B CG  1 
ATOM   1193 C  CD1 . LEU B 1 69 ? -12.559 -35.878 22.408  1.00 59.13  ? 618 LEU B CD1 1 
ATOM   1194 C  CD2 . LEU B 1 69 ? -13.003 -36.457 24.802  1.00 62.37  ? 618 LEU B CD2 1 
ATOM   1195 N  N   . ASP B 1 70 ? -7.596  -37.078 25.576  1.00 57.49  ? 619 ASP B N   1 
ATOM   1196 C  CA  . ASP B 1 70 ? -6.354  -37.803 25.410  1.00 58.87  ? 619 ASP B CA  1 
ATOM   1197 C  C   . ASP B 1 70 ? -6.478  -39.134 26.139  1.00 62.09  ? 619 ASP B C   1 
ATOM   1198 O  O   . ASP B 1 70 ? -6.773  -39.143 27.347  1.00 58.95  ? 619 ASP B O   1 
ATOM   1199 C  CB  . ASP B 1 70 ? -5.196  -36.975 25.949  1.00 63.45  ? 619 ASP B CB  1 
ATOM   1200 C  CG  . ASP B 1 70 ? -3.855  -37.640 25.761  1.00 63.37  ? 619 ASP B CG  1 
ATOM   1201 O  OD1 . ASP B 1 70 ? -3.679  -38.461 24.827  1.00 56.36  ? 619 ASP B OD1 1 
ATOM   1202 O  OD2 . ASP B 1 70 ? -2.971  -37.322 26.582  1.00 65.65  ? 619 ASP B OD2 1 
ATOM   1203 N  N   . PRO B 1 71 ? -6.325  -40.268 25.447  1.00 58.87  ? 620 PRO B N   1 
ATOM   1204 C  CA  . PRO B 1 71 ? -6.381  -41.576 26.129  1.00 60.61  ? 620 PRO B CA  1 
ATOM   1205 C  C   . PRO B 1 71 ? -5.553  -41.627 27.397  1.00 63.07  ? 620 PRO B C   1 
ATOM   1206 O  O   . PRO B 1 71 ? -5.967  -42.243 28.389  1.00 55.59  ? 620 PRO B O   1 
ATOM   1207 C  CB  . PRO B 1 71 ? -5.834  -42.539 25.068  1.00 51.26  ? 620 PRO B CB  1 
ATOM   1208 C  CG  . PRO B 1 71 ? -6.170  -41.893 23.773  1.00 62.90  ? 620 PRO B CG  1 
ATOM   1209 C  CD  . PRO B 1 71 ? -6.136  -40.398 23.994  1.00 56.38  ? 620 PRO B CD  1 
ATOM   1210 N  N   . LYS B 1 72 ? -4.405  -40.944 27.395  1.00 64.77  ? 621 LYS B N   1 
ATOM   1211 C  CA  . LYS B 1 72 ? -3.493  -40.979 28.530  1.00 59.98  ? 621 LYS B CA  1 
ATOM   1212 C  C   . LYS B 1 72 ? -4.074  -40.301 29.763  1.00 62.66  ? 621 LYS B C   1 
ATOM   1213 O  O   . LYS B 1 72 ? -3.705  -40.657 30.888  1.00 62.83  ? 621 LYS B O   1 
ATOM   1214 C  CB  . LYS B 1 72 ? -2.170  -40.332 28.138  1.00 62.97  ? 621 LYS B CB  1 
ATOM   1215 C  CG  . LYS B 1 72 ? -1.603  -40.862 26.825  1.00 63.27  ? 621 LYS B CG  1 
ATOM   1216 N  N   . GLN B 1 73 ? -4.974  -39.334 29.590  1.00 69.32  ? 622 GLN B N   1 
ATOM   1217 C  CA  . GLN B 1 73 ? -5.615  -38.679 30.727  1.00 71.83  ? 622 GLN B CA  1 
ATOM   1218 C  C   . GLN B 1 73 ? -6.860  -39.414 31.195  1.00 71.48  ? 622 GLN B C   1 
ATOM   1219 O  O   . GLN B 1 73 ? -7.584  -38.902 32.065  1.00 69.43  ? 622 GLN B O   1 
ATOM   1220 C  CB  . GLN B 1 73 ? -5.952  -37.217 30.389  1.00 66.96  ? 622 GLN B CB  1 
ATOM   1221 C  CG  . GLN B 1 73 ? -4.719  -36.409 30.052  1.00 63.62  ? 622 GLN B CG  1 
ATOM   1222 C  CD  . GLN B 1 73 ? -3.562  -36.716 31.005  1.00 76.80  ? 622 GLN B CD  1 
ATOM   1223 O  OE1 . GLN B 1 73 ? -3.728  -36.704 32.235  1.00 77.45  ? 622 GLN B OE1 1 
ATOM   1224 N  NE2 . GLN B 1 73 ? -2.388  -37.023 30.439  1.00 54.87  ? 622 GLN B NE2 1 
ATOM   1225 N  N   . ASN B 1 74 ? -7.109  -40.620 30.650  1.00 69.00  ? 623 ASN B N   1 
ATOM   1226 C  CA  . ASN B 1 74 ? -8.316  -41.392 30.946  1.00 77.07  ? 623 ASN B CA  1 
ATOM   1227 C  C   . ASN B 1 74 ? -7.928  -42.870 31.127  1.00 76.19  ? 623 ASN B C   1 
ATOM   1228 O  O   . ASN B 1 74 ? -8.142  -43.719 30.248  1.00 73.99  ? 623 ASN B O   1 
ATOM   1229 C  CB  . ASN B 1 74 ? -9.361  -41.198 29.848  1.00 70.16  ? 623 ASN B CB  1 
ATOM   1230 C  CG  . ASN B 1 74 ? -10.698 -41.754 30.234  1.00 69.84  ? 623 ASN B CG  1 
ATOM   1231 O  OD1 . ASN B 1 74 ? -11.304 -41.321 31.220  1.00 69.58  ? 623 ASN B OD1 1 
ATOM   1232 N  ND2 . ASN B 1 74 ? -11.175 -42.725 29.466  1.00 68.56  ? 623 ASN B ND2 1 
ATOM   1233 N  N   . GLN B 1 75 ? -7.363  -43.180 32.292  1.00 73.38  ? 624 GLN B N   1 
ATOM   1234 C  CA  . GLN B 1 75 ? -6.811  -44.508 32.545  1.00 74.97  ? 624 GLN B CA  1 
ATOM   1235 C  C   . GLN B 1 75 ? -6.874  -44.881 34.023  1.00 74.78  ? 624 GLN B C   1 
ATOM   1236 O  O   . GLN B 1 75 ? -7.905  -44.687 34.672  1.00 78.76  ? 624 GLN B O   1 
ATOM   1237 C  CB  . GLN B 1 75 ? -5.372  -44.581 32.029  1.00 60.59  ? 624 GLN B CB  1 
ATOM   1238 C  CG  . GLN B 1 75 ? -5.289  -45.270 30.681  1.00 68.94  ? 624 GLN B CG  1 
ATOM   1239 C  CD  . GLN B 1 75 ? -4.055  -44.905 29.898  1.00 73.38  ? 624 GLN B CD  1 
ATOM   1240 O  OE1 . GLN B 1 75 ? -3.128  -44.302 30.437  1.00 75.12  ? 624 GLN B OE1 1 
ATOM   1241 N  NE2 . GLN B 1 75 ? -4.034  -45.263 28.610  1.00 68.68  ? 624 GLN B NE2 1 
HETATM 1242 O  O   . HOH C 2 .  ? -0.088  -14.572 -2.557  1.00 65.01  ? 701 HOH A O   1 
HETATM 1243 O  O   . HOH C 2 .  ? -0.087  -5.996  -6.190  1.00 43.11  ? 702 HOH A O   1 
HETATM 1244 O  O   . HOH C 2 .  ? -12.326 -16.501 2.904   1.00 61.18  ? 703 HOH A O   1 
HETATM 1245 O  O   . HOH C 2 .  ? 12.153  34.647  -17.669 1.00 26.93  ? 704 HOH A O   1 
HETATM 1246 O  O   . HOH C 2 .  ? -3.671  -3.827  -3.685  1.00 39.57  ? 705 HOH A O   1 
HETATM 1247 O  O   . HOH C 2 .  ? 10.179  19.055  -5.066  1.00 35.74  ? 706 HOH A O   1 
HETATM 1248 O  O   . HOH C 2 .  ? 14.198  40.368  -12.465 1.00 36.54  ? 707 HOH A O   1 
HETATM 1249 O  O   . HOH C 2 .  ? -1.519  -8.032  10.656  1.00 56.77  ? 708 HOH A O   1 
HETATM 1250 O  O   . HOH C 2 .  ? 8.589   30.310  -7.446  1.00 27.52  ? 709 HOH A O   1 
HETATM 1251 O  O   . HOH C 2 .  ? 10.059  20.723  -7.316  1.00 24.83  ? 710 HOH A O   1 
HETATM 1252 O  O   . HOH C 2 .  ? 17.511  20.839  -7.063  1.00 22.36  ? 711 HOH A O   1 
HETATM 1253 O  O   . HOH C 2 .  ? 11.939  11.183  -1.387  1.00 38.26  ? 712 HOH A O   1 
HETATM 1254 O  O   . HOH C 2 .  ? 14.802  33.021  -12.142 1.00 26.26  ? 713 HOH A O   1 
HETATM 1255 O  O   . HOH C 2 .  ? 5.700   30.265  -14.664 1.00 45.15  ? 714 HOH A O   1 
HETATM 1256 O  O   . HOH C 2 .  ? 15.139  8.818   -9.057  1.00 40.56  ? 715 HOH A O   1 
HETATM 1257 O  O   . HOH C 2 .  ? 16.784  32.679  -10.522 1.00 29.16  ? 716 HOH A O   1 
HETATM 1258 O  O   . HOH D 2 .  ? 2.147   11.077  1.111   1.00 43.22  ? 701 HOH B O   1 
HETATM 1259 O  O   . HOH D 2 .  ? 2.471   20.239  -19.314 1.00 19.86  ? 702 HOH B O   1 
HETATM 1260 O  O   . HOH D 2 .  ? 7.756   20.827  -8.033  1.00 24.34  ? 703 HOH B O   1 
HETATM 1261 O  O   . HOH D 2 .  ? -2.261  11.587  -11.067 1.00 34.80  ? 704 HOH B O   1 
HETATM 1262 O  O   . HOH D 2 .  ? -0.860  16.565  -14.989 1.00 34.99  ? 705 HOH B O   1 
HETATM 1263 O  O   . HOH D 2 .  ? -3.579  17.549  -8.828  1.00 29.57  ? 706 HOH B O   1 
HETATM 1264 O  O   . HOH D 2 .  ? 11.679  37.592  -22.840 1.00 38.48  ? 707 HOH B O   1 
HETATM 1265 O  O   . HOH D 2 .  ? 14.693  18.849  -20.757 1.00 35.30  ? 708 HOH B O   1 
HETATM 1266 O  O   . HOH D 2 .  ? 0.999   9.405   -12.662 1.00 39.96  ? 709 HOH B O   1 
HETATM 1267 O  O   . HOH D 2 .  ? 10.693  23.491  -27.137 1.00 30.71  ? 710 HOH B O   1 
HETATM 1268 O  O   . HOH D 2 .  ? -4.236  11.485  -16.942 1.00 43.70  ? 711 HOH B O   1 
HETATM 1269 O  O   . HOH D 2 .  ? 8.294   35.820  -23.029 1.00 50.57  ? 712 HOH B O   1 
HETATM 1270 O  O   . HOH D 2 .  ? 18.615  26.996  -24.085 1.00 42.44  ? 713 HOH B O   1 
# 
